data_5O5L
#
_entry.id   5O5L
#
_cell.length_a   144.480
_cell.length_b   84.120
_cell.length_c   310.750
_cell.angle_alpha   90.00
_cell.angle_beta   103.87
_cell.angle_gamma   90.00
#
_symmetry.space_group_name_H-M   'C 1 2 1'
#
loop_
_entity.id
_entity.type
_entity.pdbx_description
1 polymer 'Adenylate cyclase'
2 non-polymer "3'-O-(N-METHYLANTHRANILOYL)-GUANOSINE-5'-TRIPHOSPHATE"
3 non-polymer 'MANGANESE (II) ION'
4 non-polymer 'SULFATE ION'
5 water water
#
_entity_poly.entity_id   1
_entity_poly.type   'polypeptide(L)'
_entity_poly.pdbx_seq_one_letter_code
;MGHHHHHHHHHHSSGLEVLFQGPSGHMRDTQRAEAVMEAEYERSEALLANMLPGSIAERLKSSSRSVIADKYDEVSVLFA
DIVGFTERASTTTPADLVRFLNRLYGAFDELVDKHGLEKIKVSGDSYMVVSGVPRARPDHAFALADFALDMANVAAALKD
PHGDPVPLRMGMACGPVVAGVVGSRRFFYDVWGDAVNVASRMESTDSVGRIQVPEAMYERLKNEFVLQERGRIEVKGKGV
MRTWYLIGRKADEE
;
_entity_poly.pdbx_strand_id   A,B,C,D,E,F,G,H,I,J,K
#
# COMPACT_ATOMS: atom_id res chain seq x y z
N THR A 30 -58.74 2.14 9.66
CA THR A 30 -59.09 0.72 9.58
C THR A 30 -60.01 0.43 8.37
N GLN A 31 -60.77 1.44 7.90
CA GLN A 31 -61.68 1.35 6.75
C GLN A 31 -60.91 1.16 5.44
N ARG A 32 -59.68 1.71 5.36
CA ARG A 32 -58.75 1.63 4.24
C ARG A 32 -58.15 0.21 4.15
N ALA A 33 -58.38 -0.61 5.19
CA ALA A 33 -57.94 -2.00 5.30
C ALA A 33 -59.14 -2.98 5.24
N GLU A 34 -60.30 -2.57 5.82
CA GLU A 34 -61.55 -3.35 5.85
C GLU A 34 -62.14 -3.51 4.45
N ALA A 35 -62.04 -2.44 3.63
CA ALA A 35 -62.51 -2.43 2.24
C ALA A 35 -61.54 -3.17 1.33
N VAL A 36 -60.20 -3.06 1.59
CA VAL A 36 -59.14 -3.73 0.83
C VAL A 36 -59.13 -5.24 1.11
N MET A 37 -59.44 -5.66 2.36
CA MET A 37 -59.49 -7.08 2.73
C MET A 37 -60.66 -7.78 2.01
N GLU A 38 -61.78 -7.06 1.83
CA GLU A 38 -62.95 -7.60 1.15
C GLU A 38 -62.77 -7.59 -0.36
N ALA A 39 -62.04 -6.60 -0.88
CA ALA A 39 -61.69 -6.46 -2.31
C ALA A 39 -60.77 -7.62 -2.72
N GLU A 40 -59.89 -8.07 -1.79
CA GLU A 40 -58.98 -9.19 -1.98
C GLU A 40 -59.74 -10.50 -1.81
N TYR A 41 -60.81 -10.50 -0.99
CA TYR A 41 -61.68 -11.67 -0.78
C TYR A 41 -62.54 -11.90 -2.02
N GLU A 42 -63.03 -10.80 -2.64
CA GLU A 42 -63.83 -10.81 -3.86
C GLU A 42 -63.06 -11.40 -5.03
N ARG A 43 -61.77 -10.99 -5.20
CA ARG A 43 -60.84 -11.48 -6.22
C ARG A 43 -60.54 -12.96 -6.03
N SER A 44 -60.37 -13.38 -4.75
CA SER A 44 -60.09 -14.75 -4.33
C SER A 44 -61.26 -15.67 -4.59
N GLU A 45 -62.48 -15.21 -4.25
CA GLU A 45 -63.73 -15.95 -4.45
C GLU A 45 -64.06 -16.10 -5.93
N ALA A 46 -63.74 -15.06 -6.73
CA ALA A 46 -63.95 -15.02 -8.18
C ALA A 46 -63.04 -15.99 -8.91
N LEU A 47 -61.80 -16.21 -8.40
CA LEU A 47 -60.81 -17.16 -8.96
C LEU A 47 -61.25 -18.57 -8.69
N LEU A 48 -61.53 -18.90 -7.42
CA LEU A 48 -62.03 -20.17 -6.93
C LEU A 48 -63.29 -20.59 -7.70
N ALA A 49 -64.19 -19.64 -7.97
CA ALA A 49 -65.44 -19.80 -8.74
C ALA A 49 -65.14 -20.20 -10.15
N ASN A 50 -64.08 -19.59 -10.71
CA ASN A 50 -63.66 -19.80 -12.09
C ASN A 50 -63.16 -21.19 -12.24
N MET A 51 -62.30 -21.61 -11.32
CA MET A 51 -61.68 -22.93 -11.32
C MET A 51 -62.54 -24.10 -10.89
N LEU A 52 -63.50 -23.87 -9.96
CA LEU A 52 -64.36 -24.95 -9.43
C LEU A 52 -65.83 -24.69 -9.61
N PRO A 53 -66.66 -25.73 -9.89
CA PRO A 53 -68.11 -25.50 -9.89
C PRO A 53 -68.57 -25.00 -8.51
N GLY A 54 -69.70 -24.30 -8.49
CA GLY A 54 -70.24 -23.66 -7.30
C GLY A 54 -70.23 -24.47 -6.02
N SER A 55 -70.95 -25.61 -6.00
CA SER A 55 -71.08 -26.44 -4.80
C SER A 55 -69.75 -27.02 -4.33
N ILE A 56 -68.86 -27.35 -5.31
CA ILE A 56 -67.55 -27.97 -5.11
C ILE A 56 -66.62 -27.10 -4.27
N ALA A 57 -66.53 -25.80 -4.62
CA ALA A 57 -65.73 -24.79 -3.89
C ALA A 57 -66.16 -24.73 -2.42
N GLU A 58 -67.50 -24.72 -2.14
CA GLU A 58 -68.06 -24.74 -0.79
C GLU A 58 -67.71 -26.02 -0.01
N ARG A 59 -67.83 -27.17 -0.66
CA ARG A 59 -67.46 -28.48 -0.10
C ARG A 59 -65.97 -28.54 0.28
N LEU A 60 -65.12 -27.90 -0.53
CA LEU A 60 -63.69 -27.84 -0.24
C LEU A 60 -63.33 -26.82 0.86
N LYS A 61 -64.28 -25.94 1.25
CA LYS A 61 -64.12 -24.97 2.33
C LYS A 61 -64.93 -25.42 3.56
N SER A 62 -65.71 -26.50 3.45
CA SER A 62 -66.47 -27.03 4.58
C SER A 62 -65.49 -27.55 5.62
N SER A 63 -64.28 -27.91 5.16
CA SER A 63 -63.18 -28.53 5.89
C SER A 63 -63.67 -29.91 6.36
N SER A 64 -64.31 -30.62 5.41
CA SER A 64 -64.79 -31.97 5.55
C SER A 64 -63.62 -32.81 5.06
N ARG A 65 -63.25 -33.83 5.83
CA ARG A 65 -62.16 -34.75 5.50
C ARG A 65 -62.58 -35.80 4.47
N SER A 66 -63.93 -35.91 4.19
CA SER A 66 -64.51 -36.87 3.24
C SER A 66 -64.19 -36.48 1.82
N VAL A 67 -63.97 -37.48 0.95
CA VAL A 67 -63.64 -37.27 -0.46
C VAL A 67 -64.93 -37.02 -1.26
N ILE A 68 -64.84 -36.21 -2.34
CA ILE A 68 -65.95 -35.87 -3.24
C ILE A 68 -65.97 -36.87 -4.38
N ALA A 69 -66.95 -37.80 -4.33
CA ALA A 69 -67.18 -38.82 -5.36
C ALA A 69 -68.69 -38.99 -5.43
N ASP A 70 -69.34 -38.35 -6.42
CA ASP A 70 -70.80 -38.40 -6.53
C ASP A 70 -71.24 -39.14 -7.74
N LYS A 71 -72.12 -40.13 -7.56
CA LYS A 71 -72.68 -40.92 -8.64
C LYS A 71 -73.80 -40.14 -9.30
N TYR A 72 -73.78 -40.10 -10.65
CA TYR A 72 -74.78 -39.50 -11.52
C TYR A 72 -75.31 -40.55 -12.51
N ASP A 73 -76.63 -40.79 -12.46
CA ASP A 73 -77.35 -41.78 -13.27
C ASP A 73 -77.25 -41.59 -14.75
N GLU A 74 -77.29 -40.35 -15.25
CA GLU A 74 -77.20 -40.12 -16.69
C GLU A 74 -76.75 -38.72 -17.01
N VAL A 75 -75.60 -38.63 -17.68
CA VAL A 75 -74.97 -37.38 -18.12
C VAL A 75 -74.49 -37.58 -19.55
N SER A 76 -74.33 -36.50 -20.31
CA SER A 76 -73.80 -36.54 -21.65
C SER A 76 -72.41 -35.92 -21.56
N VAL A 77 -71.41 -36.53 -22.22
CA VAL A 77 -70.04 -35.98 -22.27
C VAL A 77 -69.62 -35.76 -23.72
N LEU A 78 -68.87 -34.69 -23.97
CA LEU A 78 -68.37 -34.30 -25.28
C LEU A 78 -66.88 -34.05 -25.24
N PHE A 79 -66.16 -34.55 -26.23
CA PHE A 79 -64.76 -34.24 -26.46
C PHE A 79 -64.65 -33.62 -27.85
N ALA A 80 -63.93 -32.49 -27.97
CA ALA A 80 -63.62 -31.81 -29.23
C ALA A 80 -62.09 -31.79 -29.31
N ASP A 81 -61.50 -32.26 -30.43
CA ASP A 81 -60.04 -32.32 -30.58
C ASP A 81 -59.61 -31.79 -31.97
N ILE A 82 -58.65 -30.83 -32.00
CA ILE A 82 -58.11 -30.16 -33.19
C ILE A 82 -57.39 -31.18 -34.05
N VAL A 83 -57.81 -31.30 -35.30
CA VAL A 83 -57.22 -32.22 -36.27
C VAL A 83 -55.83 -31.71 -36.71
N GLY A 84 -54.83 -32.57 -36.60
CA GLY A 84 -53.44 -32.30 -36.99
C GLY A 84 -52.72 -31.19 -36.25
N PHE A 85 -52.98 -31.04 -34.95
CA PHE A 85 -52.35 -30.02 -34.13
C PHE A 85 -50.82 -30.10 -34.09
N THR A 86 -50.23 -31.30 -33.92
CA THR A 86 -48.77 -31.43 -33.82
C THR A 86 -48.07 -31.08 -35.16
N GLU A 87 -48.70 -31.29 -36.34
CA GLU A 87 -48.06 -30.92 -37.61
C GLU A 87 -47.75 -29.41 -37.67
N ARG A 88 -48.52 -28.60 -36.92
CA ARG A 88 -48.36 -27.15 -36.81
C ARG A 88 -47.07 -26.77 -36.05
N ALA A 89 -46.41 -27.73 -35.34
CA ALA A 89 -45.16 -27.46 -34.61
C ALA A 89 -43.95 -27.18 -35.51
N SER A 90 -44.13 -27.29 -36.83
CA SER A 90 -43.09 -27.02 -37.81
C SER A 90 -43.17 -25.56 -38.27
N THR A 91 -44.40 -25.06 -38.44
CA THR A 91 -44.70 -23.70 -38.88
C THR A 91 -44.93 -22.72 -37.69
N THR A 92 -45.32 -23.25 -36.50
CA THR A 92 -45.62 -22.48 -35.28
C THR A 92 -44.71 -22.87 -34.09
N THR A 93 -44.25 -21.85 -33.33
CA THR A 93 -43.40 -21.98 -32.15
C THR A 93 -44.24 -22.52 -31.01
N PRO A 94 -43.67 -23.26 -30.00
CA PRO A 94 -44.50 -23.78 -28.90
C PRO A 94 -45.30 -22.72 -28.16
N ALA A 95 -44.74 -21.50 -27.92
CA ALA A 95 -45.45 -20.42 -27.23
C ALA A 95 -46.64 -19.88 -28.02
N ASP A 96 -46.52 -19.82 -29.36
CA ASP A 96 -47.60 -19.34 -30.25
C ASP A 96 -48.71 -20.39 -30.40
N LEU A 97 -48.38 -21.68 -30.15
CA LEU A 97 -49.30 -22.80 -30.20
C LEU A 97 -50.17 -22.77 -28.95
N VAL A 98 -49.62 -22.31 -27.81
CA VAL A 98 -50.33 -22.15 -26.52
C VAL A 98 -51.23 -20.87 -26.62
N ARG A 99 -50.73 -19.81 -27.30
CA ARG A 99 -51.47 -18.59 -27.55
C ARG A 99 -52.68 -18.89 -28.47
N PHE A 100 -52.53 -19.88 -29.38
CA PHE A 100 -53.54 -20.39 -30.29
C PHE A 100 -54.65 -21.04 -29.47
N LEU A 101 -54.27 -22.03 -28.64
CA LEU A 101 -55.12 -22.78 -27.72
C LEU A 101 -55.92 -21.84 -26.79
N ASN A 102 -55.25 -20.85 -26.19
CA ASN A 102 -55.88 -19.86 -25.34
C ASN A 102 -56.95 -19.03 -26.11
N ARG A 103 -56.67 -18.72 -27.39
CA ARG A 103 -57.55 -17.94 -28.28
C ARG A 103 -58.80 -18.75 -28.64
N LEU A 104 -58.58 -19.99 -29.13
CA LEU A 104 -59.61 -20.95 -29.51
C LEU A 104 -60.48 -21.36 -28.30
N TYR A 105 -59.85 -21.58 -27.13
CA TYR A 105 -60.52 -21.94 -25.88
C TYR A 105 -61.25 -20.79 -25.28
N GLY A 106 -60.82 -19.58 -25.57
CA GLY A 106 -61.52 -18.40 -25.11
C GLY A 106 -62.86 -18.31 -25.82
N ALA A 107 -62.87 -18.67 -27.14
CA ALA A 107 -64.10 -18.70 -27.96
C ALA A 107 -65.03 -19.83 -27.49
N PHE A 108 -64.47 -21.03 -27.17
CA PHE A 108 -65.26 -22.16 -26.68
C PHE A 108 -65.84 -21.88 -25.31
N ASP A 109 -65.02 -21.33 -24.35
CA ASP A 109 -65.44 -20.94 -22.98
C ASP A 109 -66.61 -20.02 -22.99
N GLU A 110 -66.66 -19.07 -23.96
CA GLU A 110 -67.80 -18.12 -24.17
C GLU A 110 -69.06 -18.90 -24.49
N LEU A 111 -68.93 -19.95 -25.32
CA LEU A 111 -70.00 -20.81 -25.76
C LEU A 111 -70.54 -21.72 -24.65
N VAL A 112 -69.67 -22.21 -23.72
CA VAL A 112 -70.14 -23.06 -22.63
C VAL A 112 -71.02 -22.26 -21.65
N ASP A 113 -70.74 -20.95 -21.44
CA ASP A 113 -71.48 -20.07 -20.55
C ASP A 113 -72.84 -19.73 -21.16
N LYS A 114 -72.88 -19.50 -22.49
CA LYS A 114 -74.07 -19.22 -23.29
C LYS A 114 -75.06 -20.40 -23.19
N HIS A 115 -74.55 -21.65 -23.26
CA HIS A 115 -75.34 -22.88 -23.18
C HIS A 115 -75.55 -23.38 -21.73
N GLY A 116 -74.86 -22.75 -20.78
CA GLY A 116 -74.92 -23.07 -19.36
C GLY A 116 -74.46 -24.47 -19.02
N LEU A 117 -73.44 -24.99 -19.72
CA LEU A 117 -72.90 -26.34 -19.51
C LEU A 117 -71.65 -26.33 -18.63
N GLU A 118 -70.99 -27.50 -18.50
CA GLU A 118 -69.82 -27.65 -17.65
C GLU A 118 -68.54 -27.97 -18.37
N LYS A 119 -67.56 -27.03 -18.38
CA LYS A 119 -66.25 -27.33 -18.94
C LYS A 119 -65.52 -28.15 -17.84
N ILE A 120 -64.95 -29.30 -18.18
CA ILE A 120 -64.30 -30.05 -17.14
C ILE A 120 -62.83 -29.70 -17.14
N LYS A 121 -62.23 -29.91 -18.30
CA LYS A 121 -60.80 -29.79 -18.44
C LYS A 121 -60.42 -29.67 -19.88
N VAL A 122 -59.12 -29.50 -20.08
CA VAL A 122 -58.43 -29.34 -21.36
C VAL A 122 -57.17 -30.25 -21.30
N SER A 123 -57.01 -31.16 -22.29
CA SER A 123 -55.83 -32.05 -22.45
C SER A 123 -55.19 -31.69 -23.76
N GLY A 124 -54.29 -30.71 -23.70
CA GLY A 124 -53.65 -30.18 -24.89
C GLY A 124 -54.70 -29.59 -25.80
N ASP A 125 -54.92 -30.24 -26.96
CA ASP A 125 -55.91 -29.78 -27.95
C ASP A 125 -57.28 -30.41 -27.77
N SER A 126 -57.54 -30.99 -26.59
CA SER A 126 -58.81 -31.65 -26.30
C SER A 126 -59.55 -30.90 -25.22
N TYR A 127 -60.76 -30.53 -25.56
CA TYR A 127 -61.69 -29.77 -24.76
C TYR A 127 -62.87 -30.72 -24.34
N MET A 128 -63.06 -30.92 -23.02
CA MET A 128 -64.13 -31.75 -22.48
C MET A 128 -65.24 -30.91 -21.86
N VAL A 129 -66.47 -31.09 -22.33
CA VAL A 129 -67.69 -30.47 -21.85
C VAL A 129 -68.65 -31.60 -21.43
N VAL A 130 -69.30 -31.44 -20.31
CA VAL A 130 -70.22 -32.43 -19.75
C VAL A 130 -71.56 -31.73 -19.48
N SER A 131 -72.67 -32.43 -19.78
CA SER A 131 -74.03 -31.94 -19.57
C SER A 131 -74.73 -32.84 -18.55
N GLY A 132 -75.16 -32.26 -17.45
CA GLY A 132 -75.86 -32.98 -16.39
C GLY A 132 -75.10 -33.12 -15.08
N VAL A 133 -74.01 -32.35 -14.93
CA VAL A 133 -73.19 -32.29 -13.72
C VAL A 133 -72.82 -30.85 -13.48
N PRO A 134 -72.79 -30.35 -12.22
CA PRO A 134 -73.06 -31.03 -10.95
C PRO A 134 -74.56 -31.15 -10.66
N ARG A 135 -75.37 -30.34 -11.35
CA ARG A 135 -76.81 -30.31 -11.20
C ARG A 135 -77.39 -31.07 -12.37
N ALA A 136 -77.90 -32.27 -12.07
CA ALA A 136 -78.50 -33.16 -13.05
C ALA A 136 -79.67 -32.51 -13.77
N ARG A 137 -79.84 -32.85 -15.03
CA ARG A 137 -80.93 -32.34 -15.85
C ARG A 137 -81.35 -33.43 -16.85
N PRO A 138 -82.66 -33.69 -17.02
CA PRO A 138 -83.11 -34.75 -17.93
C PRO A 138 -82.88 -34.50 -19.43
N ASP A 139 -82.72 -33.22 -19.85
CA ASP A 139 -82.52 -32.85 -21.25
C ASP A 139 -81.02 -32.70 -21.64
N HIS A 140 -80.12 -33.28 -20.83
CA HIS A 140 -78.67 -33.23 -20.99
C HIS A 140 -78.17 -33.44 -22.43
N ALA A 141 -78.70 -34.49 -23.11
CA ALA A 141 -78.36 -34.92 -24.46
C ALA A 141 -78.58 -33.85 -25.52
N PHE A 142 -79.77 -33.21 -25.46
CA PHE A 142 -80.28 -32.17 -26.36
C PHE A 142 -79.43 -30.95 -26.25
N ALA A 143 -79.20 -30.48 -25.01
CA ALA A 143 -78.40 -29.32 -24.65
C ALA A 143 -76.95 -29.45 -25.12
N LEU A 144 -76.34 -30.66 -24.99
CA LEU A 144 -74.99 -30.89 -25.46
C LEU A 144 -74.97 -30.96 -26.99
N ALA A 145 -76.03 -31.53 -27.60
CA ALA A 145 -76.19 -31.62 -29.05
C ALA A 145 -76.32 -30.21 -29.68
N ASP A 146 -77.09 -29.28 -29.02
CA ASP A 146 -77.21 -27.89 -29.46
C ASP A 146 -75.85 -27.26 -29.38
N PHE A 147 -75.09 -27.55 -28.29
CA PHE A 147 -73.74 -27.06 -28.03
C PHE A 147 -72.76 -27.48 -29.12
N ALA A 148 -72.69 -28.80 -29.41
CA ALA A 148 -71.78 -29.38 -30.41
C ALA A 148 -71.95 -28.74 -31.79
N LEU A 149 -73.22 -28.53 -32.21
CA LEU A 149 -73.55 -27.88 -33.48
C LEU A 149 -73.12 -26.42 -33.48
N ASP A 150 -73.23 -25.74 -32.34
CA ASP A 150 -72.80 -24.36 -32.18
C ASP A 150 -71.27 -24.29 -32.25
N MET A 151 -70.58 -25.17 -31.50
CA MET A 151 -69.11 -25.31 -31.47
C MET A 151 -68.55 -25.52 -32.86
N ALA A 152 -69.23 -26.36 -33.66
CA ALA A 152 -68.91 -26.66 -35.04
C ALA A 152 -68.89 -25.36 -35.87
N ASN A 153 -69.93 -24.51 -35.71
CA ASN A 153 -70.08 -23.23 -36.39
C ASN A 153 -69.03 -22.22 -35.97
N VAL A 154 -68.59 -22.28 -34.69
CA VAL A 154 -67.55 -21.42 -34.09
C VAL A 154 -66.18 -21.73 -34.69
N ALA A 155 -65.70 -22.98 -34.55
CA ALA A 155 -64.41 -23.39 -35.10
C ALA A 155 -64.32 -23.14 -36.64
N ALA A 156 -65.45 -23.34 -37.36
CA ALA A 156 -65.57 -23.16 -38.82
C ALA A 156 -65.26 -21.74 -39.26
N ALA A 157 -65.58 -20.76 -38.40
CA ALA A 157 -65.38 -19.33 -38.58
C ALA A 157 -63.95 -18.88 -38.18
N LEU A 158 -63.27 -19.63 -37.30
CA LEU A 158 -61.94 -19.29 -36.79
C LEU A 158 -60.77 -19.86 -37.57
N LYS A 159 -59.66 -19.10 -37.59
CA LYS A 159 -58.39 -19.41 -38.29
C LYS A 159 -57.27 -19.75 -37.30
N ASP A 160 -56.40 -20.71 -37.68
CA ASP A 160 -55.22 -21.12 -36.89
C ASP A 160 -54.12 -20.02 -36.91
N PRO A 161 -52.86 -20.21 -36.39
CA PRO A 161 -51.87 -19.11 -36.45
C PRO A 161 -51.48 -18.62 -37.85
N HIS A 162 -51.80 -19.39 -38.93
CA HIS A 162 -51.43 -19.04 -40.30
C HIS A 162 -52.63 -18.80 -41.27
N GLY A 163 -53.76 -18.34 -40.72
CA GLY A 163 -54.96 -18.02 -41.50
C GLY A 163 -55.73 -19.18 -42.10
N ASP A 164 -55.27 -20.42 -41.88
CA ASP A 164 -55.92 -21.64 -42.38
C ASP A 164 -57.07 -22.07 -41.43
N PRO A 165 -58.02 -22.93 -41.86
CA PRO A 165 -59.11 -23.34 -40.94
C PRO A 165 -58.67 -24.24 -39.77
N VAL A 166 -59.55 -24.37 -38.75
CA VAL A 166 -59.30 -25.22 -37.57
C VAL A 166 -60.23 -26.44 -37.61
N PRO A 167 -59.76 -27.55 -38.22
CA PRO A 167 -60.60 -28.74 -38.30
C PRO A 167 -60.71 -29.44 -36.96
N LEU A 168 -61.91 -29.96 -36.64
CA LEU A 168 -62.22 -30.66 -35.39
C LEU A 168 -62.86 -32.01 -35.59
N ARG A 169 -62.49 -32.95 -34.71
CA ARG A 169 -63.12 -34.23 -34.51
C ARG A 169 -63.94 -33.98 -33.23
N MET A 170 -65.22 -34.38 -33.21
CA MET A 170 -66.14 -34.21 -32.08
C MET A 170 -66.94 -35.47 -31.88
N GLY A 171 -66.98 -35.94 -30.66
CA GLY A 171 -67.72 -37.13 -30.31
C GLY A 171 -68.46 -36.99 -29.02
N MET A 172 -69.63 -37.60 -28.91
CA MET A 172 -70.45 -37.57 -27.71
C MET A 172 -70.83 -38.99 -27.23
N ALA A 173 -71.40 -39.07 -26.03
CA ALA A 173 -71.90 -40.28 -25.36
C ALA A 173 -72.60 -39.84 -24.10
N CYS A 174 -73.60 -40.61 -23.67
CA CYS A 174 -74.35 -40.33 -22.46
C CYS A 174 -74.42 -41.60 -21.57
N GLY A 175 -74.59 -41.42 -20.27
CA GLY A 175 -74.69 -42.56 -19.35
C GLY A 175 -74.29 -42.33 -17.89
N PRO A 176 -74.19 -43.41 -17.08
CA PRO A 176 -73.81 -43.24 -15.67
C PRO A 176 -72.38 -42.73 -15.52
N VAL A 177 -72.16 -41.73 -14.64
CA VAL A 177 -70.82 -41.19 -14.44
C VAL A 177 -70.54 -40.94 -12.95
N VAL A 178 -69.28 -40.75 -12.57
CA VAL A 178 -68.87 -40.37 -11.20
C VAL A 178 -68.09 -39.08 -11.39
N ALA A 179 -68.45 -38.06 -10.62
CA ALA A 179 -67.75 -36.81 -10.67
C ALA A 179 -67.25 -36.51 -9.28
N GLY A 180 -66.06 -35.95 -9.21
CA GLY A 180 -65.41 -35.64 -7.95
C GLY A 180 -64.04 -35.05 -8.10
N VAL A 181 -63.39 -34.82 -6.95
CA VAL A 181 -62.09 -34.19 -6.77
C VAL A 181 -61.09 -35.21 -6.16
N VAL A 182 -59.96 -35.49 -6.87
CA VAL A 182 -58.89 -36.37 -6.38
C VAL A 182 -57.61 -35.58 -6.08
N GLY A 183 -56.91 -35.99 -5.03
CA GLY A 183 -55.63 -35.40 -4.66
C GLY A 183 -55.73 -34.24 -3.69
N SER A 184 -54.58 -33.89 -3.09
CA SER A 184 -54.45 -32.82 -2.09
C SER A 184 -54.11 -31.45 -2.68
N ARG A 185 -53.39 -31.40 -3.80
CA ARG A 185 -53.03 -30.14 -4.45
C ARG A 185 -53.30 -30.23 -5.95
N ARG A 186 -53.40 -29.06 -6.62
CA ARG A 186 -53.63 -28.90 -8.07
C ARG A 186 -54.80 -29.75 -8.54
N PHE A 187 -55.85 -29.77 -7.71
CA PHE A 187 -57.06 -30.57 -7.91
C PHE A 187 -58.12 -29.78 -8.70
N PHE A 188 -59.01 -30.51 -9.38
CA PHE A 188 -60.11 -29.93 -10.15
C PHE A 188 -61.28 -30.90 -10.06
N TYR A 189 -62.48 -30.48 -10.46
CA TYR A 189 -63.62 -31.40 -10.48
C TYR A 189 -63.60 -32.19 -11.78
N ASP A 190 -63.21 -33.47 -11.74
CA ASP A 190 -63.15 -34.31 -12.94
C ASP A 190 -64.36 -35.23 -12.97
N VAL A 191 -64.64 -35.87 -14.15
CA VAL A 191 -65.70 -36.86 -14.28
C VAL A 191 -65.11 -38.12 -14.93
N TRP A 192 -65.51 -39.30 -14.42
CA TRP A 192 -65.06 -40.65 -14.79
C TRP A 192 -66.27 -41.51 -15.10
N GLY A 193 -66.09 -42.46 -15.98
CA GLY A 193 -67.19 -43.34 -16.34
C GLY A 193 -67.13 -43.86 -17.75
N ASP A 194 -68.05 -44.76 -18.06
CA ASP A 194 -68.15 -45.40 -19.36
C ASP A 194 -68.46 -44.39 -20.47
N ALA A 195 -69.37 -43.39 -20.21
CA ALA A 195 -69.72 -42.36 -21.18
C ALA A 195 -68.54 -41.47 -21.55
N VAL A 196 -67.53 -41.28 -20.65
CA VAL A 196 -66.35 -40.49 -21.01
C VAL A 196 -65.46 -41.36 -21.92
N ASN A 197 -65.45 -42.65 -21.64
CA ASN A 197 -64.68 -43.61 -22.42
C ASN A 197 -65.19 -43.80 -23.86
N VAL A 198 -66.52 -43.87 -24.07
CA VAL A 198 -67.02 -44.02 -25.43
C VAL A 198 -67.01 -42.66 -26.14
N ALA A 199 -67.32 -41.52 -25.47
CA ALA A 199 -67.25 -40.19 -26.11
C ALA A 199 -65.83 -39.87 -26.66
N SER A 200 -64.80 -40.36 -25.96
CA SER A 200 -63.39 -40.23 -26.26
C SER A 200 -63.10 -40.95 -27.60
N ARG A 201 -63.65 -42.19 -27.77
CA ARG A 201 -63.55 -42.98 -29.00
C ARG A 201 -64.36 -42.32 -30.13
N MET A 202 -65.60 -41.83 -29.84
CA MET A 202 -66.45 -41.13 -30.84
C MET A 202 -65.74 -39.95 -31.44
N GLU A 203 -64.92 -39.27 -30.63
CA GLU A 203 -64.09 -38.17 -31.08
C GLU A 203 -62.89 -38.72 -31.88
N SER A 204 -62.06 -39.61 -31.30
CA SER A 204 -60.87 -40.11 -32.01
C SER A 204 -61.16 -40.81 -33.34
N THR A 205 -62.30 -41.54 -33.45
CA THR A 205 -62.71 -42.30 -34.65
C THR A 205 -63.50 -41.46 -35.68
N ASP A 206 -63.81 -40.24 -35.31
CA ASP A 206 -64.56 -39.29 -36.12
C ASP A 206 -63.74 -38.83 -37.31
N SER A 207 -64.45 -38.46 -38.39
CA SER A 207 -63.91 -37.86 -39.60
C SER A 207 -63.98 -36.36 -39.31
N VAL A 208 -62.97 -35.61 -39.72
CA VAL A 208 -62.83 -34.17 -39.47
C VAL A 208 -64.07 -33.41 -40.00
N GLY A 209 -64.62 -32.54 -39.14
CA GLY A 209 -65.80 -31.74 -39.45
C GLY A 209 -67.13 -32.29 -38.98
N ARG A 210 -67.16 -33.57 -38.56
CA ARG A 210 -68.38 -34.24 -38.12
C ARG A 210 -68.54 -34.38 -36.63
N ILE A 211 -69.80 -34.58 -36.16
CA ILE A 211 -70.13 -34.83 -34.75
C ILE A 211 -70.67 -36.27 -34.72
N GLN A 212 -69.85 -37.21 -34.16
CA GLN A 212 -70.15 -38.64 -34.03
C GLN A 212 -70.76 -38.97 -32.67
N VAL A 213 -71.76 -39.85 -32.68
CA VAL A 213 -72.50 -40.30 -31.48
C VAL A 213 -72.68 -41.82 -31.54
N PRO A 214 -72.80 -42.58 -30.43
CA PRO A 214 -73.04 -44.04 -30.59
C PRO A 214 -74.53 -44.33 -30.83
N GLU A 215 -74.90 -45.61 -30.99
CA GLU A 215 -76.32 -45.95 -31.19
C GLU A 215 -77.18 -45.51 -30.02
N ALA A 216 -76.63 -45.57 -28.78
CA ALA A 216 -77.37 -45.24 -27.56
C ALA A 216 -77.81 -43.80 -27.52
N MET A 217 -76.94 -42.84 -27.95
CA MET A 217 -77.30 -41.42 -28.02
C MET A 217 -78.21 -41.06 -29.18
N TYR A 218 -77.98 -41.67 -30.36
CA TYR A 218 -78.85 -41.51 -31.54
C TYR A 218 -80.29 -41.78 -31.11
N GLU A 219 -80.53 -42.85 -30.31
CA GLU A 219 -81.84 -43.23 -29.80
C GLU A 219 -82.47 -42.10 -28.98
N ARG A 220 -81.65 -41.44 -28.16
CA ARG A 220 -82.03 -40.32 -27.31
C ARG A 220 -82.36 -39.07 -28.15
N LEU A 221 -81.51 -38.76 -29.17
CA LEU A 221 -81.59 -37.56 -30.04
C LEU A 221 -82.58 -37.60 -31.21
N LYS A 222 -82.71 -38.75 -31.94
CA LYS A 222 -83.50 -38.95 -33.17
C LYS A 222 -84.89 -38.26 -33.22
N ASN A 223 -85.54 -38.06 -32.07
CA ASN A 223 -86.86 -37.43 -31.96
C ASN A 223 -86.86 -35.92 -32.18
N GLU A 224 -85.81 -35.22 -31.72
CA GLU A 224 -85.67 -33.76 -31.84
C GLU A 224 -84.57 -33.31 -32.80
N PHE A 225 -83.63 -34.21 -33.10
CA PHE A 225 -82.51 -33.94 -33.99
C PHE A 225 -82.51 -34.78 -35.25
N VAL A 226 -81.72 -34.33 -36.23
CA VAL A 226 -81.51 -34.94 -37.54
C VAL A 226 -80.06 -35.52 -37.56
N LEU A 227 -79.97 -36.83 -37.80
CA LEU A 227 -78.74 -37.62 -37.79
C LEU A 227 -78.61 -38.46 -39.06
N GLN A 228 -77.36 -38.71 -39.48
CA GLN A 228 -76.95 -39.49 -40.66
C GLN A 228 -76.14 -40.69 -40.18
N GLU A 229 -76.57 -41.90 -40.56
CA GLU A 229 -75.93 -43.17 -40.19
C GLU A 229 -74.60 -43.36 -40.89
N ARG A 230 -73.53 -43.56 -40.11
CA ARG A 230 -72.17 -43.80 -40.59
C ARG A 230 -71.98 -45.31 -40.83
N GLY A 231 -72.45 -46.12 -39.88
CA GLY A 231 -72.33 -47.57 -39.92
C GLY A 231 -71.56 -48.12 -38.74
N ARG A 232 -71.02 -49.34 -38.90
CA ARG A 232 -70.22 -50.00 -37.87
C ARG A 232 -68.87 -49.30 -37.64
N ILE A 233 -68.29 -49.47 -36.43
CA ILE A 233 -67.04 -48.86 -35.95
C ILE A 233 -66.47 -49.69 -34.80
N GLU A 234 -65.16 -49.99 -34.83
CA GLU A 234 -64.48 -50.74 -33.77
C GLU A 234 -63.95 -49.81 -32.65
N VAL A 235 -64.44 -50.02 -31.41
CA VAL A 235 -64.08 -49.27 -30.19
C VAL A 235 -62.82 -49.87 -29.54
N LYS A 236 -61.94 -49.01 -28.99
CA LYS A 236 -60.66 -49.41 -28.37
C LYS A 236 -60.78 -50.23 -27.06
N GLY A 237 -61.96 -50.26 -26.46
CA GLY A 237 -62.23 -51.02 -25.24
C GLY A 237 -63.65 -51.53 -25.10
N LYS A 238 -64.52 -51.28 -26.09
CA LYS A 238 -65.92 -51.74 -26.02
C LYS A 238 -66.24 -52.89 -27.00
N GLY A 239 -65.67 -52.84 -28.20
CA GLY A 239 -65.87 -53.86 -29.23
C GLY A 239 -66.22 -53.27 -30.58
N VAL A 240 -67.46 -53.49 -31.05
CA VAL A 240 -67.95 -52.94 -32.31
C VAL A 240 -69.33 -52.29 -32.08
N MET A 241 -69.48 -51.03 -32.52
CA MET A 241 -70.70 -50.22 -32.38
C MET A 241 -71.11 -49.62 -33.72
N ARG A 242 -72.43 -49.37 -33.88
CA ARG A 242 -73.01 -48.64 -35.02
C ARG A 242 -73.02 -47.17 -34.58
N THR A 243 -72.56 -46.26 -35.45
CA THR A 243 -72.50 -44.84 -35.12
C THR A 243 -73.31 -43.96 -36.06
N TRP A 244 -73.69 -42.79 -35.56
CA TRP A 244 -74.48 -41.80 -36.26
C TRP A 244 -73.77 -40.46 -36.20
N TYR A 245 -73.95 -39.62 -37.22
CA TYR A 245 -73.42 -38.26 -37.29
C TYR A 245 -74.59 -37.32 -37.04
N LEU A 246 -74.39 -36.33 -36.16
CA LEU A 246 -75.41 -35.31 -35.86
C LEU A 246 -75.26 -34.14 -36.85
N ILE A 247 -76.35 -33.82 -37.58
CA ILE A 247 -76.24 -32.76 -38.57
C ILE A 247 -77.02 -31.50 -38.16
N GLY A 248 -78.05 -31.64 -37.32
CA GLY A 248 -78.81 -30.49 -36.84
C GLY A 248 -80.16 -30.77 -36.22
N ARG A 249 -80.82 -29.74 -35.67
CA ARG A 249 -82.17 -29.87 -35.08
C ARG A 249 -83.22 -30.23 -36.18
N LYS A 250 -84.32 -30.89 -35.77
CA LYS A 250 -85.41 -31.21 -36.69
C LYS A 250 -86.10 -29.90 -37.05
N ALA A 251 -86.62 -29.79 -38.29
CA ALA A 251 -87.31 -28.60 -38.75
C ALA A 251 -88.66 -28.51 -38.06
N ASP A 252 -88.78 -27.52 -37.16
CA ASP A 252 -89.95 -27.16 -36.34
C ASP A 252 -91.32 -27.23 -37.05
N GLU A 253 -91.35 -27.11 -38.40
CA GLU A 253 -92.55 -27.17 -39.24
C GLU A 253 -93.27 -28.53 -39.16
N THR B 30 -71.72 -7.43 15.12
CA THR B 30 -70.41 -6.87 14.77
C THR B 30 -69.24 -7.71 15.31
N GLN B 31 -69.36 -8.21 16.57
CA GLN B 31 -68.37 -9.04 17.25
C GLN B 31 -68.28 -10.45 16.64
N ARG B 32 -69.46 -11.11 16.43
CA ARG B 32 -69.59 -12.44 15.83
C ARG B 32 -69.37 -12.37 14.32
N ALA B 33 -69.65 -11.19 13.72
CA ALA B 33 -69.51 -10.90 12.29
C ALA B 33 -68.05 -10.93 11.86
N GLU B 34 -67.14 -10.37 12.68
CA GLU B 34 -65.69 -10.34 12.43
C GLU B 34 -65.10 -11.76 12.56
N ALA B 35 -65.51 -12.51 13.60
CA ALA B 35 -65.06 -13.88 13.91
C ALA B 35 -65.21 -14.88 12.75
N VAL B 36 -66.35 -14.84 12.05
CA VAL B 36 -66.66 -15.74 10.93
C VAL B 36 -66.04 -15.22 9.62
N MET B 37 -66.08 -13.89 9.37
CA MET B 37 -65.53 -13.28 8.15
C MET B 37 -64.02 -13.45 8.01
N GLU B 38 -63.29 -13.49 9.13
CA GLU B 38 -61.84 -13.70 9.15
C GLU B 38 -61.56 -15.13 8.65
N ALA B 39 -62.27 -16.12 9.24
CA ALA B 39 -62.16 -17.55 8.91
C ALA B 39 -62.47 -17.84 7.45
N GLU B 40 -63.55 -17.22 6.90
CA GLU B 40 -63.97 -17.37 5.50
C GLU B 40 -62.87 -16.92 4.52
N TYR B 41 -62.25 -15.76 4.80
CA TYR B 41 -61.14 -15.21 4.02
C TYR B 41 -59.96 -16.21 4.01
N GLU B 42 -59.71 -16.85 5.17
CA GLU B 42 -58.65 -17.84 5.38
C GLU B 42 -58.89 -19.15 4.62
N ARG B 43 -60.17 -19.57 4.48
CA ARG B 43 -60.57 -20.80 3.77
C ARG B 43 -60.20 -20.68 2.31
N SER B 44 -60.60 -19.56 1.68
CA SER B 44 -60.35 -19.27 0.27
C SER B 44 -58.89 -19.25 -0.07
N GLU B 45 -58.06 -18.56 0.74
CA GLU B 45 -56.61 -18.45 0.60
C GLU B 45 -55.90 -19.80 0.70
N ALA B 46 -56.32 -20.64 1.66
CA ALA B 46 -55.73 -21.97 1.90
C ALA B 46 -56.10 -22.88 0.76
N LEU B 47 -57.35 -22.77 0.29
CA LEU B 47 -57.89 -23.51 -0.83
C LEU B 47 -57.09 -23.12 -2.05
N LEU B 48 -57.11 -21.82 -2.37
CA LEU B 48 -56.42 -21.22 -3.51
C LEU B 48 -54.93 -21.51 -3.55
N ALA B 49 -54.24 -21.52 -2.38
CA ALA B 49 -52.80 -21.84 -2.25
C ALA B 49 -52.43 -23.18 -2.87
N ASN B 50 -53.29 -24.20 -2.65
CA ASN B 50 -53.11 -25.59 -3.13
C ASN B 50 -53.49 -25.75 -4.58
N MET B 51 -54.35 -24.88 -5.09
CA MET B 51 -54.90 -24.92 -6.43
C MET B 51 -53.98 -24.44 -7.53
N LEU B 52 -53.14 -23.44 -7.27
CA LEU B 52 -52.25 -22.88 -8.29
C LEU B 52 -50.94 -22.47 -7.68
N PRO B 53 -49.86 -22.33 -8.49
CA PRO B 53 -48.66 -21.63 -7.99
C PRO B 53 -49.13 -20.22 -7.62
N GLY B 54 -48.62 -19.68 -6.52
CA GLY B 54 -49.03 -18.38 -5.98
C GLY B 54 -48.95 -17.18 -6.90
N SER B 55 -47.88 -17.06 -7.71
CA SER B 55 -47.73 -15.91 -8.61
C SER B 55 -48.64 -16.00 -9.80
N ILE B 56 -49.07 -17.21 -10.18
CA ILE B 56 -50.00 -17.33 -11.29
C ILE B 56 -51.41 -16.99 -10.79
N ALA B 57 -51.70 -17.25 -9.49
CA ALA B 57 -52.98 -16.88 -8.87
C ALA B 57 -53.07 -15.38 -8.89
N GLU B 58 -51.98 -14.64 -8.58
CA GLU B 58 -51.96 -13.17 -8.63
C GLU B 58 -52.14 -12.65 -10.04
N ARG B 59 -51.45 -13.23 -11.02
CA ARG B 59 -51.56 -12.85 -12.43
C ARG B 59 -52.99 -13.05 -12.91
N LEU B 60 -53.65 -14.10 -12.39
CA LEU B 60 -55.06 -14.40 -12.67
C LEU B 60 -56.02 -13.42 -11.95
N LYS B 61 -55.67 -12.96 -10.71
CA LYS B 61 -56.47 -11.97 -9.95
C LYS B 61 -56.27 -10.55 -10.50
N SER B 62 -55.13 -10.28 -11.17
CA SER B 62 -54.80 -9.00 -11.82
C SER B 62 -55.62 -8.89 -13.13
N SER B 63 -55.64 -7.71 -13.72
CA SER B 63 -56.44 -7.50 -14.93
C SER B 63 -55.63 -7.66 -16.23
N SER B 64 -54.55 -8.43 -16.19
CA SER B 64 -53.67 -8.72 -17.32
C SER B 64 -54.41 -9.47 -18.45
N ARG B 65 -54.30 -8.92 -19.66
CA ARG B 65 -54.87 -9.39 -20.91
C ARG B 65 -53.87 -10.30 -21.63
N SER B 66 -52.65 -10.46 -21.08
CA SER B 66 -51.62 -11.31 -21.64
C SER B 66 -51.91 -12.77 -21.28
N VAL B 67 -51.42 -13.68 -22.12
CA VAL B 67 -51.50 -15.13 -21.93
C VAL B 67 -50.51 -15.49 -20.81
N ILE B 68 -51.00 -16.23 -19.79
CA ILE B 68 -50.09 -16.71 -18.72
C ILE B 68 -49.40 -17.93 -19.40
N ALA B 69 -48.21 -17.67 -19.96
CA ALA B 69 -47.44 -18.65 -20.70
C ALA B 69 -45.99 -18.26 -20.63
N ASP B 70 -45.20 -19.02 -19.87
CA ASP B 70 -43.79 -18.75 -19.70
C ASP B 70 -43.01 -19.90 -20.29
N LYS B 71 -41.95 -19.58 -21.03
CA LYS B 71 -41.10 -20.58 -21.65
C LYS B 71 -40.05 -21.06 -20.64
N TYR B 72 -39.84 -22.40 -20.54
CA TYR B 72 -38.82 -23.02 -19.71
C TYR B 72 -37.98 -23.96 -20.59
N ASP B 73 -36.64 -23.79 -20.54
CA ASP B 73 -35.68 -24.48 -21.39
C ASP B 73 -35.49 -25.97 -21.20
N GLU B 74 -35.13 -26.36 -19.98
CA GLU B 74 -34.67 -27.71 -19.65
C GLU B 74 -35.59 -28.38 -18.69
N VAL B 75 -36.70 -28.93 -19.20
CA VAL B 75 -37.58 -29.58 -18.23
C VAL B 75 -37.90 -31.04 -18.66
N SER B 76 -38.03 -31.88 -17.66
CA SER B 76 -38.38 -33.28 -17.83
C SER B 76 -39.85 -33.48 -17.40
N VAL B 77 -40.62 -34.26 -18.19
CA VAL B 77 -42.05 -34.51 -17.94
C VAL B 77 -42.32 -36.05 -17.84
N LEU B 78 -43.11 -36.40 -16.85
CA LEU B 78 -43.52 -37.76 -16.60
C LEU B 78 -45.05 -37.89 -16.68
N PHE B 79 -45.50 -38.97 -17.33
CA PHE B 79 -46.89 -39.37 -17.42
C PHE B 79 -47.02 -40.80 -16.91
N ALA B 80 -47.88 -41.01 -15.92
CA ALA B 80 -48.19 -42.37 -15.44
C ALA B 80 -49.68 -42.60 -15.74
N ASP B 81 -50.10 -43.85 -15.82
CA ASP B 81 -51.49 -44.22 -16.11
C ASP B 81 -51.65 -45.67 -15.64
N ILE B 82 -52.73 -45.97 -14.92
CA ILE B 82 -53.02 -47.31 -14.39
C ILE B 82 -53.50 -48.21 -15.53
N VAL B 83 -52.98 -49.42 -15.60
CA VAL B 83 -53.34 -50.44 -16.59
C VAL B 83 -54.68 -51.09 -16.16
N GLY B 84 -55.61 -51.18 -17.11
CA GLY B 84 -56.94 -51.76 -16.95
C GLY B 84 -57.73 -51.21 -15.78
N PHE B 85 -57.92 -49.91 -15.71
CA PHE B 85 -58.68 -49.23 -14.67
C PHE B 85 -60.18 -49.42 -14.81
N THR B 86 -60.74 -49.21 -16.03
CA THR B 86 -62.15 -49.35 -16.39
C THR B 86 -62.71 -50.75 -16.04
N GLU B 87 -61.89 -51.80 -16.19
CA GLU B 87 -62.29 -53.18 -15.91
C GLU B 87 -62.54 -53.45 -14.41
N ARG B 88 -61.91 -52.64 -13.52
CA ARG B 88 -62.04 -52.74 -12.07
C ARG B 88 -63.44 -52.38 -11.59
N ALA B 89 -64.26 -51.71 -12.43
CA ALA B 89 -65.63 -51.31 -12.14
C ALA B 89 -66.58 -52.51 -11.98
N SER B 90 -66.15 -53.68 -12.45
CA SER B 90 -66.90 -54.94 -12.35
C SER B 90 -66.87 -55.49 -10.92
N THR B 91 -65.79 -55.20 -10.17
CA THR B 91 -65.55 -55.65 -8.80
C THR B 91 -65.63 -54.52 -7.78
N THR B 92 -65.40 -53.27 -8.21
CA THR B 92 -65.41 -52.09 -7.33
C THR B 92 -66.46 -51.07 -7.75
N THR B 93 -67.13 -50.44 -6.76
CA THR B 93 -68.16 -49.41 -7.00
C THR B 93 -67.48 -48.17 -7.59
N PRO B 94 -68.18 -47.35 -8.42
CA PRO B 94 -67.52 -46.18 -9.00
C PRO B 94 -66.93 -45.20 -7.99
N ALA B 95 -67.58 -44.99 -6.85
CA ALA B 95 -67.06 -44.05 -5.86
C ALA B 95 -65.86 -44.61 -5.08
N ASP B 96 -65.78 -45.95 -4.92
CA ASP B 96 -64.63 -46.56 -4.25
C ASP B 96 -63.40 -46.52 -5.18
N LEU B 97 -63.64 -46.40 -6.49
CA LEU B 97 -62.62 -46.31 -7.52
C LEU B 97 -61.99 -44.91 -7.47
N VAL B 98 -62.84 -43.88 -7.22
CA VAL B 98 -62.45 -42.47 -7.08
C VAL B 98 -61.70 -42.29 -5.74
N ARG B 99 -62.15 -43.00 -4.70
CA ARG B 99 -61.54 -43.00 -3.38
C ARG B 99 -60.17 -43.66 -3.44
N PHE B 100 -60.06 -44.69 -4.29
CA PHE B 100 -58.83 -45.40 -4.55
C PHE B 100 -57.83 -44.47 -5.23
N LEU B 101 -58.21 -43.87 -6.38
CA LEU B 101 -57.44 -42.90 -7.17
C LEU B 101 -56.92 -41.79 -6.26
N ASN B 102 -57.74 -41.34 -5.28
CA ASN B 102 -57.37 -40.30 -4.32
C ASN B 102 -56.37 -40.84 -3.26
N ARG B 103 -56.45 -42.14 -2.95
CA ARG B 103 -55.56 -42.81 -2.01
C ARG B 103 -54.20 -43.05 -2.66
N LEU B 104 -54.21 -43.63 -3.89
CA LEU B 104 -53.04 -43.98 -4.70
C LEU B 104 -52.17 -42.79 -5.10
N TYR B 105 -52.77 -41.80 -5.78
CA TYR B 105 -52.11 -40.61 -6.31
C TYR B 105 -51.80 -39.59 -5.23
N GLY B 106 -52.52 -39.66 -4.11
CA GLY B 106 -52.29 -38.85 -2.92
C GLY B 106 -51.01 -39.29 -2.22
N ALA B 107 -50.66 -40.60 -2.36
CA ALA B 107 -49.47 -41.23 -1.82
C ALA B 107 -48.28 -40.76 -2.62
N PHE B 108 -48.44 -40.66 -3.94
CA PHE B 108 -47.42 -40.19 -4.87
C PHE B 108 -47.23 -38.70 -4.69
N ASP B 109 -48.32 -37.94 -4.32
CA ASP B 109 -48.30 -36.49 -4.04
C ASP B 109 -47.28 -36.19 -2.95
N GLU B 110 -47.13 -37.12 -1.99
CA GLU B 110 -46.16 -37.02 -0.92
C GLU B 110 -44.75 -37.40 -1.41
N LEU B 111 -44.67 -38.25 -2.47
CA LEU B 111 -43.41 -38.68 -3.12
C LEU B 111 -42.88 -37.55 -3.99
N VAL B 112 -43.76 -36.70 -4.61
CA VAL B 112 -43.28 -35.58 -5.44
C VAL B 112 -42.61 -34.58 -4.53
N ASP B 113 -43.20 -34.32 -3.37
CA ASP B 113 -42.66 -33.39 -2.40
C ASP B 113 -41.30 -33.83 -1.88
N LYS B 114 -41.14 -35.15 -1.57
CA LYS B 114 -39.91 -35.84 -1.13
C LYS B 114 -38.78 -35.59 -2.15
N HIS B 115 -39.11 -35.64 -3.46
CA HIS B 115 -38.18 -35.43 -4.56
C HIS B 115 -38.05 -33.98 -4.98
N GLY B 116 -38.90 -33.11 -4.44
CA GLY B 116 -38.90 -31.67 -4.72
C GLY B 116 -39.28 -31.35 -6.16
N LEU B 117 -40.29 -32.05 -6.69
CA LEU B 117 -40.81 -31.88 -8.06
C LEU B 117 -42.20 -31.21 -8.04
N GLU B 118 -42.74 -31.03 -9.24
CA GLU B 118 -43.96 -30.32 -9.52
C GLU B 118 -45.02 -31.24 -10.03
N LYS B 119 -46.08 -31.47 -9.25
CA LYS B 119 -47.22 -32.26 -9.67
C LYS B 119 -48.05 -31.29 -10.53
N ILE B 120 -48.50 -31.73 -11.73
CA ILE B 120 -49.34 -30.89 -12.59
C ILE B 120 -50.78 -31.31 -12.41
N LYS B 121 -51.12 -32.59 -12.59
CA LYS B 121 -52.50 -33.04 -12.38
C LYS B 121 -52.69 -34.51 -12.21
N VAL B 122 -53.88 -34.91 -11.77
CA VAL B 122 -54.36 -36.26 -11.86
C VAL B 122 -55.67 -36.11 -12.66
N SER B 123 -55.66 -36.63 -13.91
CA SER B 123 -56.74 -36.57 -14.88
C SER B 123 -57.15 -37.99 -15.32
N GLY B 124 -58.38 -38.38 -15.03
CA GLY B 124 -58.86 -39.73 -15.31
C GLY B 124 -58.15 -40.63 -14.31
N ASP B 125 -57.31 -41.53 -14.84
CA ASP B 125 -56.41 -42.41 -14.09
C ASP B 125 -54.94 -42.03 -14.43
N SER B 126 -54.73 -40.86 -15.06
CA SER B 126 -53.44 -40.33 -15.50
C SER B 126 -52.83 -39.33 -14.50
N TYR B 127 -51.49 -39.20 -14.51
CA TYR B 127 -50.76 -38.35 -13.57
C TYR B 127 -49.59 -37.70 -14.29
N MET B 128 -49.43 -36.38 -14.12
CA MET B 128 -48.36 -35.61 -14.73
C MET B 128 -47.55 -34.94 -13.63
N VAL B 129 -46.22 -35.17 -13.66
CA VAL B 129 -45.16 -34.62 -12.80
C VAL B 129 -44.10 -34.03 -13.72
N VAL B 130 -43.61 -32.87 -13.33
CA VAL B 130 -42.65 -32.06 -14.09
C VAL B 130 -41.40 -31.77 -13.22
N SER B 131 -40.23 -31.66 -13.88
CA SER B 131 -38.95 -31.38 -13.22
C SER B 131 -38.20 -30.30 -14.02
N GLY B 132 -38.02 -29.13 -13.41
CA GLY B 132 -37.32 -28.02 -14.03
C GLY B 132 -38.15 -26.75 -14.10
N VAL B 133 -39.39 -26.80 -13.54
CA VAL B 133 -40.30 -25.65 -13.46
C VAL B 133 -40.84 -25.59 -12.03
N PRO B 134 -40.79 -24.42 -11.35
CA PRO B 134 -40.44 -23.07 -11.87
C PRO B 134 -38.95 -22.74 -11.89
N ARG B 135 -38.16 -23.40 -11.02
CA ARG B 135 -36.72 -23.19 -10.93
C ARG B 135 -36.00 -24.29 -11.71
N ALA B 136 -35.05 -23.89 -12.56
CA ALA B 136 -34.25 -24.81 -13.35
C ALA B 136 -33.21 -25.48 -12.44
N ARG B 137 -33.02 -26.80 -12.62
CA ARG B 137 -32.07 -27.65 -11.88
C ARG B 137 -31.25 -28.49 -12.89
N PRO B 138 -29.91 -28.54 -12.78
CA PRO B 138 -29.12 -29.30 -13.75
C PRO B 138 -29.42 -30.81 -13.77
N ASP B 139 -29.95 -31.32 -12.65
CA ASP B 139 -30.30 -32.73 -12.44
C ASP B 139 -31.78 -33.01 -12.70
N HIS B 140 -32.49 -32.14 -13.47
CA HIS B 140 -33.92 -32.28 -13.77
C HIS B 140 -34.30 -33.69 -14.29
N ALA B 141 -33.49 -34.27 -15.18
CA ALA B 141 -33.68 -35.59 -15.78
C ALA B 141 -33.41 -36.70 -14.77
N PHE B 142 -32.34 -36.55 -13.94
CA PHE B 142 -31.98 -37.53 -12.92
C PHE B 142 -33.00 -37.57 -11.79
N ALA B 143 -33.49 -36.39 -11.36
CA ALA B 143 -34.47 -36.21 -10.29
C ALA B 143 -35.81 -36.83 -10.61
N LEU B 144 -36.25 -36.73 -11.88
CA LEU B 144 -37.50 -37.30 -12.37
C LEU B 144 -37.36 -38.81 -12.61
N ALA B 145 -36.17 -39.27 -13.05
CA ALA B 145 -35.82 -40.69 -13.22
C ALA B 145 -35.80 -41.38 -11.83
N ASP B 146 -35.22 -40.72 -10.78
CA ASP B 146 -35.20 -41.26 -9.42
C ASP B 146 -36.62 -41.33 -8.87
N PHE B 147 -37.46 -40.36 -9.23
CA PHE B 147 -38.86 -40.29 -8.84
C PHE B 147 -39.69 -41.42 -9.50
N ALA B 148 -39.60 -41.59 -10.84
CA ALA B 148 -40.34 -42.62 -11.59
C ALA B 148 -40.00 -44.01 -11.05
N LEU B 149 -38.72 -44.27 -10.78
CA LEU B 149 -38.27 -45.54 -10.24
C LEU B 149 -38.83 -45.76 -8.84
N ASP B 150 -38.92 -44.70 -8.01
CA ASP B 150 -39.43 -44.76 -6.63
C ASP B 150 -40.94 -45.03 -6.67
N MET B 151 -41.63 -44.35 -7.63
CA MET B 151 -43.06 -44.44 -7.93
C MET B 151 -43.43 -45.86 -8.39
N ALA B 152 -42.63 -46.48 -9.28
CA ALA B 152 -42.80 -47.87 -9.74
C ALA B 152 -42.65 -48.89 -8.60
N ASN B 153 -41.73 -48.64 -7.62
CA ASN B 153 -41.53 -49.48 -6.44
C ASN B 153 -42.67 -49.37 -5.42
N VAL B 154 -43.20 -48.16 -5.20
CA VAL B 154 -44.28 -47.97 -4.24
C VAL B 154 -45.58 -48.57 -4.83
N ALA B 155 -45.85 -48.37 -6.14
CA ALA B 155 -47.02 -48.95 -6.83
C ALA B 155 -47.02 -50.50 -6.79
N ALA B 156 -45.82 -51.11 -6.95
CA ALA B 156 -45.61 -52.56 -6.97
C ALA B 156 -45.91 -53.19 -5.60
N ALA B 157 -45.63 -52.43 -4.53
CA ALA B 157 -45.83 -52.82 -3.13
C ALA B 157 -47.29 -52.67 -2.65
N LEU B 158 -48.22 -52.18 -3.49
CA LEU B 158 -49.61 -52.06 -3.02
C LEU B 158 -50.66 -52.60 -4.00
N LYS B 159 -51.82 -52.93 -3.41
CA LYS B 159 -52.99 -53.54 -4.01
C LYS B 159 -54.09 -52.50 -4.29
N ASP B 160 -54.96 -52.83 -5.27
CA ASP B 160 -56.16 -52.06 -5.60
C ASP B 160 -57.23 -52.44 -4.53
N PRO B 161 -58.41 -51.78 -4.46
CA PRO B 161 -59.39 -52.15 -3.40
C PRO B 161 -59.84 -53.61 -3.41
N HIS B 162 -59.76 -54.31 -4.56
CA HIS B 162 -60.13 -55.72 -4.72
C HIS B 162 -58.98 -56.68 -4.27
N GLY B 163 -57.78 -56.13 -4.04
CA GLY B 163 -56.63 -56.88 -3.59
C GLY B 163 -55.65 -57.33 -4.66
N ASP B 164 -55.87 -56.91 -5.91
CA ASP B 164 -55.02 -57.24 -7.06
C ASP B 164 -53.90 -56.18 -7.24
N PRO B 165 -52.79 -56.45 -7.97
CA PRO B 165 -51.74 -55.42 -8.10
C PRO B 165 -52.16 -54.18 -8.88
N VAL B 166 -51.35 -53.10 -8.82
CA VAL B 166 -51.61 -51.86 -9.55
C VAL B 166 -50.52 -51.67 -10.65
N PRO B 167 -50.70 -52.28 -11.85
CA PRO B 167 -49.69 -52.11 -12.92
C PRO B 167 -49.82 -50.73 -13.57
N LEU B 168 -48.69 -50.09 -13.83
CA LEU B 168 -48.63 -48.75 -14.42
C LEU B 168 -47.89 -48.75 -15.75
N ARG B 169 -48.19 -47.75 -16.58
CA ARG B 169 -47.47 -47.45 -17.80
C ARG B 169 -46.80 -46.10 -17.49
N MET B 170 -45.53 -45.93 -17.84
CA MET B 170 -44.83 -44.68 -17.56
C MET B 170 -44.01 -44.19 -18.71
N GLY B 171 -44.08 -42.91 -18.92
CA GLY B 171 -43.35 -42.27 -20.00
C GLY B 171 -42.69 -41.01 -19.51
N MET B 172 -41.50 -40.76 -20.02
CA MET B 172 -40.70 -39.60 -19.67
C MET B 172 -40.07 -39.04 -20.91
N ALA B 173 -39.81 -37.73 -20.89
CA ALA B 173 -39.18 -36.98 -21.97
C ALA B 173 -38.70 -35.67 -21.46
N CYS B 174 -37.80 -35.02 -22.22
CA CYS B 174 -37.29 -33.71 -21.87
C CYS B 174 -37.12 -32.77 -23.08
N GLY B 175 -37.01 -31.48 -22.79
CA GLY B 175 -36.84 -30.44 -23.80
C GLY B 175 -37.52 -29.15 -23.45
N PRO B 176 -37.51 -28.16 -24.38
CA PRO B 176 -38.18 -26.87 -24.09
C PRO B 176 -39.69 -27.01 -23.96
N VAL B 177 -40.17 -26.36 -22.93
CA VAL B 177 -41.55 -26.39 -22.47
C VAL B 177 -42.10 -24.97 -22.25
N VAL B 178 -43.44 -24.86 -22.23
CA VAL B 178 -44.23 -23.64 -21.99
C VAL B 178 -45.18 -24.00 -20.84
N ALA B 179 -45.17 -23.18 -19.79
CA ALA B 179 -46.03 -23.45 -18.62
C ALA B 179 -46.94 -22.26 -18.33
N GLY B 180 -48.21 -22.58 -18.06
CA GLY B 180 -49.19 -21.56 -17.75
C GLY B 180 -50.61 -22.02 -17.71
N VAL B 181 -51.52 -21.17 -18.20
CA VAL B 181 -52.98 -21.30 -18.21
C VAL B 181 -53.54 -20.87 -19.58
N VAL B 182 -54.46 -21.63 -20.15
CA VAL B 182 -55.18 -21.31 -21.41
C VAL B 182 -56.71 -21.21 -21.13
N GLY B 183 -57.40 -20.38 -21.89
CA GLY B 183 -58.83 -20.18 -21.73
C GLY B 183 -59.21 -19.13 -20.71
N SER B 184 -60.49 -18.76 -20.70
CA SER B 184 -61.07 -17.80 -19.78
C SER B 184 -61.77 -18.46 -18.60
N ARG B 185 -62.19 -19.72 -18.73
CA ARG B 185 -62.84 -20.46 -17.63
C ARG B 185 -62.10 -21.77 -17.33
N ARG B 186 -62.19 -22.22 -16.06
CA ARG B 186 -61.56 -23.40 -15.48
C ARG B 186 -60.07 -23.31 -15.60
N PHE B 187 -59.50 -22.22 -15.09
CA PHE B 187 -58.06 -21.99 -15.08
C PHE B 187 -57.37 -23.14 -14.39
N PHE B 188 -56.34 -23.64 -15.03
CA PHE B 188 -55.55 -24.73 -14.49
C PHE B 188 -54.12 -24.51 -14.91
N TYR B 189 -53.19 -24.60 -13.98
CA TYR B 189 -51.79 -24.44 -14.31
C TYR B 189 -51.27 -25.73 -14.99
N ASP B 190 -50.84 -25.60 -16.23
CA ASP B 190 -50.42 -26.76 -17.02
C ASP B 190 -49.11 -26.53 -17.75
N VAL B 191 -48.58 -27.60 -18.35
CA VAL B 191 -47.33 -27.63 -19.11
C VAL B 191 -47.59 -28.18 -20.54
N TRP B 192 -47.02 -27.53 -21.58
CA TRP B 192 -47.15 -27.95 -22.96
C TRP B 192 -45.77 -27.90 -23.62
N GLY B 193 -45.66 -28.59 -24.75
CA GLY B 193 -44.42 -28.65 -25.51
C GLY B 193 -44.17 -29.99 -26.19
N ASP B 194 -43.01 -30.13 -26.83
CA ASP B 194 -42.62 -31.39 -27.47
C ASP B 194 -42.37 -32.48 -26.39
N ALA B 195 -41.74 -32.10 -25.26
CA ALA B 195 -41.44 -33.02 -24.15
C ALA B 195 -42.70 -33.65 -23.57
N VAL B 196 -43.80 -32.88 -23.47
CA VAL B 196 -45.04 -33.40 -22.91
C VAL B 196 -45.78 -34.24 -23.98
N ASN B 197 -45.52 -33.97 -25.27
CA ASN B 197 -46.07 -34.74 -26.38
C ASN B 197 -45.43 -36.13 -26.45
N VAL B 198 -44.07 -36.21 -26.40
CA VAL B 198 -43.40 -37.51 -26.51
C VAL B 198 -43.49 -38.29 -25.17
N ALA B 199 -43.60 -37.63 -24.01
CA ALA B 199 -43.75 -38.32 -22.71
C ALA B 199 -45.10 -39.06 -22.61
N SER B 200 -46.14 -38.53 -23.23
CA SER B 200 -47.48 -39.09 -23.28
C SER B 200 -47.51 -40.28 -24.21
N ARG B 201 -46.70 -40.25 -25.29
CA ARG B 201 -46.60 -41.35 -26.25
C ARG B 201 -45.72 -42.41 -25.67
N MET B 202 -44.70 -42.00 -24.89
CA MET B 202 -43.82 -42.94 -24.18
C MET B 202 -44.64 -43.77 -23.21
N GLU B 203 -45.63 -43.15 -22.56
CA GLU B 203 -46.56 -43.81 -21.65
C GLU B 203 -47.57 -44.67 -22.43
N SER B 204 -48.29 -44.09 -23.42
CA SER B 204 -49.32 -44.84 -24.15
C SER B 204 -48.79 -46.08 -24.89
N THR B 205 -47.59 -45.99 -25.49
CA THR B 205 -46.97 -47.11 -26.24
C THR B 205 -46.11 -48.04 -25.38
N ASP B 206 -45.88 -47.68 -24.10
CA ASP B 206 -45.10 -48.44 -23.13
C ASP B 206 -45.72 -49.81 -22.83
N SER B 207 -44.88 -50.78 -22.46
CA SER B 207 -45.34 -52.09 -22.01
C SER B 207 -45.65 -51.92 -20.51
N VAL B 208 -46.56 -52.71 -19.94
CA VAL B 208 -46.91 -52.53 -18.51
C VAL B 208 -45.71 -52.86 -17.59
N GLY B 209 -45.54 -52.05 -16.56
CA GLY B 209 -44.48 -52.24 -15.59
C GLY B 209 -43.13 -51.71 -16.00
N ARG B 210 -43.01 -51.16 -17.23
CA ARG B 210 -41.76 -50.52 -17.67
C ARG B 210 -41.92 -48.98 -17.68
N ILE B 211 -40.78 -48.24 -17.68
CA ILE B 211 -40.65 -46.78 -17.77
C ILE B 211 -39.94 -46.53 -19.10
N GLN B 212 -40.72 -46.10 -20.12
CA GLN B 212 -40.20 -45.85 -21.47
C GLN B 212 -39.76 -44.42 -21.66
N VAL B 213 -38.58 -44.23 -22.30
CA VAL B 213 -37.99 -42.92 -22.62
C VAL B 213 -37.42 -42.88 -24.08
N PRO B 214 -37.43 -41.75 -24.80
CA PRO B 214 -36.83 -41.75 -26.15
C PRO B 214 -35.31 -41.65 -26.11
N GLU B 215 -34.65 -41.82 -27.29
CA GLU B 215 -33.19 -41.78 -27.49
C GLU B 215 -32.52 -40.55 -26.88
N ALA B 216 -33.19 -39.38 -26.95
CA ALA B 216 -32.70 -38.10 -26.45
C ALA B 216 -32.60 -38.09 -24.94
N MET B 217 -33.59 -38.70 -24.26
CA MET B 217 -33.66 -38.84 -22.81
C MET B 217 -32.63 -39.89 -22.33
N TYR B 218 -32.46 -40.97 -23.10
CA TYR B 218 -31.49 -42.04 -22.83
C TYR B 218 -30.12 -41.43 -22.74
N GLU B 219 -29.76 -40.65 -23.79
CA GLU B 219 -28.48 -39.95 -23.95
C GLU B 219 -28.17 -39.04 -22.75
N ARG B 220 -29.22 -38.59 -22.05
CA ARG B 220 -29.06 -37.79 -20.85
C ARG B 220 -28.79 -38.66 -19.63
N LEU B 221 -29.61 -39.72 -19.41
CA LEU B 221 -29.56 -40.59 -18.24
C LEU B 221 -28.42 -41.59 -18.19
N LYS B 222 -28.05 -42.20 -19.35
CA LYS B 222 -27.11 -43.33 -19.56
C LYS B 222 -25.81 -43.39 -18.72
N ASN B 223 -25.35 -42.31 -18.06
CA ASN B 223 -24.10 -42.37 -17.28
C ASN B 223 -24.33 -42.47 -15.75
N GLU B 224 -25.61 -42.50 -15.31
CA GLU B 224 -25.97 -42.65 -13.89
C GLU B 224 -27.02 -43.74 -13.72
N PHE B 225 -27.73 -44.10 -14.82
CA PHE B 225 -28.81 -45.10 -14.84
C PHE B 225 -28.57 -46.27 -15.79
N VAL B 226 -29.17 -47.41 -15.50
CA VAL B 226 -29.12 -48.61 -16.34
C VAL B 226 -30.35 -48.53 -17.26
N LEU B 227 -30.11 -48.65 -18.57
CA LEU B 227 -31.14 -48.54 -19.62
C LEU B 227 -31.05 -49.77 -20.54
N GLN B 228 -32.20 -50.19 -21.07
CA GLN B 228 -32.30 -51.31 -22.01
C GLN B 228 -33.07 -50.84 -23.25
N GLU B 229 -32.46 -50.94 -24.43
CA GLU B 229 -33.07 -50.53 -25.67
C GLU B 229 -34.29 -51.39 -25.97
N ARG B 230 -35.42 -50.74 -26.31
CA ARG B 230 -36.61 -51.46 -26.73
C ARG B 230 -36.46 -51.58 -28.24
N GLY B 231 -36.09 -50.48 -28.88
CA GLY B 231 -35.89 -50.39 -30.31
C GLY B 231 -36.77 -49.34 -30.96
N ARG B 232 -36.85 -49.41 -32.29
CA ARG B 232 -37.63 -48.49 -33.10
C ARG B 232 -39.11 -48.82 -33.02
N ILE B 233 -39.89 -47.88 -32.51
CA ILE B 233 -41.35 -48.03 -32.44
C ILE B 233 -42.02 -46.83 -33.06
N GLU B 234 -43.25 -47.04 -33.57
CA GLU B 234 -44.04 -45.99 -34.17
C GLU B 234 -44.73 -45.16 -33.10
N VAL B 235 -44.54 -43.83 -33.16
CA VAL B 235 -45.14 -42.85 -32.26
C VAL B 235 -45.83 -41.75 -33.07
N LYS B 236 -47.07 -41.38 -32.68
CA LYS B 236 -47.89 -40.38 -33.36
C LYS B 236 -47.26 -38.99 -33.32
N GLY B 237 -47.13 -38.37 -34.49
CA GLY B 237 -46.60 -37.01 -34.63
C GLY B 237 -45.10 -36.86 -34.64
N LYS B 238 -44.35 -37.98 -34.48
CA LYS B 238 -42.87 -37.98 -34.45
C LYS B 238 -42.28 -38.99 -35.42
N GLY B 239 -43.10 -39.94 -35.86
CA GLY B 239 -42.74 -41.00 -36.80
C GLY B 239 -42.27 -42.23 -36.08
N VAL B 240 -41.04 -42.66 -36.38
CA VAL B 240 -40.43 -43.85 -35.76
C VAL B 240 -39.27 -43.40 -34.88
N MET B 241 -39.39 -43.74 -33.58
CA MET B 241 -38.46 -43.38 -32.54
C MET B 241 -37.80 -44.58 -31.91
N ARG B 242 -36.51 -44.45 -31.59
CA ARG B 242 -35.74 -45.46 -30.89
C ARG B 242 -36.03 -45.17 -29.41
N THR B 243 -36.69 -46.12 -28.73
CA THR B 243 -37.09 -45.99 -27.33
C THR B 243 -36.32 -46.95 -26.42
N TRP B 244 -36.25 -46.57 -25.14
CA TRP B 244 -35.50 -47.28 -24.10
C TRP B 244 -36.36 -47.52 -22.86
N TYR B 245 -35.89 -48.41 -21.99
CA TYR B 245 -36.53 -48.72 -20.73
C TYR B 245 -35.60 -48.36 -19.59
N LEU B 246 -36.07 -47.51 -18.66
CA LEU B 246 -35.36 -47.14 -17.44
C LEU B 246 -35.52 -48.35 -16.53
N ILE B 247 -34.39 -48.93 -16.14
CA ILE B 247 -34.29 -50.13 -15.32
C ILE B 247 -34.01 -49.81 -13.84
N GLY B 248 -33.11 -48.84 -13.60
CA GLY B 248 -32.70 -48.44 -12.25
C GLY B 248 -31.40 -47.66 -12.19
N ARG B 249 -30.96 -47.32 -10.97
CA ARG B 249 -29.72 -46.53 -10.80
C ARG B 249 -28.47 -47.38 -10.99
N LYS B 250 -27.35 -46.77 -11.38
CA LYS B 250 -26.10 -47.48 -11.55
C LYS B 250 -25.48 -47.69 -10.20
N ALA B 251 -24.75 -48.80 -10.07
CA ALA B 251 -24.00 -49.21 -8.90
C ALA B 251 -22.81 -48.28 -8.79
N ASP B 252 -22.86 -47.32 -7.85
CA ASP B 252 -21.79 -46.35 -7.56
C ASP B 252 -20.61 -47.07 -6.86
N GLU B 253 -20.18 -48.22 -7.41
CA GLU B 253 -19.17 -49.18 -6.94
C GLU B 253 -19.70 -49.96 -5.73
N THR C 30 -25.10 -22.85 17.18
CA THR C 30 -25.92 -23.40 16.10
C THR C 30 -27.34 -22.78 16.11
N GLN C 31 -27.94 -22.64 17.31
CA GLN C 31 -29.28 -22.07 17.50
C GLN C 31 -29.33 -20.57 17.20
N ARG C 32 -28.26 -19.84 17.53
CA ARG C 32 -28.15 -18.40 17.32
C ARG C 32 -27.75 -18.09 15.87
N ALA C 33 -27.09 -19.05 15.19
CA ALA C 33 -26.64 -18.93 13.79
C ALA C 33 -27.83 -19.02 12.82
N GLU C 34 -28.90 -19.74 13.21
CA GLU C 34 -30.11 -19.90 12.41
C GLU C 34 -31.07 -18.72 12.63
N ALA C 35 -31.11 -18.14 13.86
CA ALA C 35 -31.94 -17.00 14.23
C ALA C 35 -31.50 -15.72 13.49
N VAL C 36 -30.17 -15.53 13.34
CA VAL C 36 -29.57 -14.40 12.63
C VAL C 36 -29.75 -14.56 11.11
N MET C 37 -29.81 -15.82 10.61
CA MET C 37 -29.99 -16.18 9.19
C MET C 37 -31.46 -16.14 8.73
N GLU C 38 -32.37 -15.81 9.67
CA GLU C 38 -33.80 -15.61 9.45
C GLU C 38 -34.07 -14.11 9.64
N ALA C 39 -33.28 -13.44 10.51
CA ALA C 39 -33.37 -12.00 10.78
C ALA C 39 -32.84 -11.20 9.59
N GLU C 40 -31.79 -11.71 8.93
CA GLU C 40 -31.17 -11.13 7.74
C GLU C 40 -32.03 -11.43 6.51
N TYR C 41 -32.75 -12.58 6.53
CA TYR C 41 -33.64 -13.00 5.46
C TYR C 41 -34.91 -12.14 5.49
N GLU C 42 -35.40 -11.83 6.70
CA GLU C 42 -36.58 -10.99 6.95
C GLU C 42 -36.36 -9.57 6.41
N ARG C 43 -35.17 -8.98 6.69
CA ARG C 43 -34.76 -7.65 6.24
C ARG C 43 -34.65 -7.62 4.72
N SER C 44 -34.10 -8.71 4.14
CA SER C 44 -33.89 -8.89 2.71
C SER C 44 -35.22 -9.00 1.98
N GLU C 45 -36.15 -9.81 2.50
CA GLU C 45 -37.47 -10.03 1.92
C GLU C 45 -38.35 -8.79 2.01
N ALA C 46 -38.19 -8.01 3.11
CA ALA C 46 -38.93 -6.77 3.36
C ALA C 46 -38.51 -5.68 2.40
N LEU C 47 -37.21 -5.66 2.04
CA LEU C 47 -36.63 -4.71 1.09
C LEU C 47 -37.16 -5.07 -0.28
N LEU C 48 -37.08 -6.35 -0.66
CA LEU C 48 -37.55 -6.90 -1.94
C LEU C 48 -39.04 -6.65 -2.20
N ALA C 49 -39.85 -6.67 -1.13
CA ALA C 49 -41.30 -6.43 -1.19
C ALA C 49 -41.59 -4.97 -1.49
N ASN C 50 -40.74 -4.07 -0.96
CA ASN C 50 -40.82 -2.62 -1.13
C ASN C 50 -40.34 -2.16 -2.53
N MET C 51 -39.43 -2.91 -3.14
CA MET C 51 -38.84 -2.62 -4.44
C MET C 51 -39.61 -3.12 -5.64
N LEU C 52 -40.31 -4.24 -5.52
CA LEU C 52 -41.05 -4.86 -6.62
C LEU C 52 -42.43 -5.34 -6.17
N PRO C 53 -43.41 -5.41 -7.09
CA PRO C 53 -44.70 -6.05 -6.72
C PRO C 53 -44.44 -7.55 -6.50
N GLY C 54 -45.10 -8.10 -5.48
CA GLY C 54 -44.99 -9.49 -5.05
C GLY C 54 -44.77 -10.52 -6.14
N SER C 55 -45.72 -10.60 -7.11
CA SER C 55 -45.69 -11.57 -8.21
C SER C 55 -44.49 -11.38 -9.14
N ILE C 56 -44.05 -10.13 -9.35
CA ILE C 56 -42.92 -9.75 -10.20
C ILE C 56 -41.62 -10.29 -9.59
N ALA C 57 -41.43 -10.12 -8.26
CA ALA C 57 -40.26 -10.63 -7.52
C ALA C 57 -40.15 -12.16 -7.70
N GLU C 58 -41.29 -12.90 -7.58
CA GLU C 58 -41.34 -14.37 -7.75
C GLU C 58 -41.00 -14.76 -9.19
N ARG C 59 -41.51 -14.01 -10.15
CA ARG C 59 -41.27 -14.26 -11.57
C ARG C 59 -39.80 -14.09 -11.92
N LEU C 60 -39.14 -13.04 -11.35
CA LEU C 60 -37.71 -12.78 -11.56
C LEU C 60 -36.87 -13.88 -10.90
N LYS C 61 -37.33 -14.44 -9.76
CA LYS C 61 -36.65 -15.52 -9.00
C LYS C 61 -36.82 -16.88 -9.69
N SER C 62 -37.81 -17.02 -10.57
CA SER C 62 -38.05 -18.24 -11.35
C SER C 62 -37.08 -18.28 -12.55
N SER C 63 -37.01 -19.43 -13.22
CA SER C 63 -36.11 -19.61 -14.35
C SER C 63 -36.81 -19.44 -15.72
N SER C 64 -37.86 -18.61 -15.75
CA SER C 64 -38.62 -18.33 -16.96
C SER C 64 -37.81 -17.53 -17.99
N ARG C 65 -37.84 -18.02 -19.25
CA ARG C 65 -37.17 -17.42 -20.40
C ARG C 65 -38.05 -16.40 -21.11
N SER C 66 -39.32 -16.31 -20.70
CA SER C 66 -40.28 -15.36 -21.26
C SER C 66 -40.06 -13.99 -20.65
N VAL C 67 -40.36 -12.94 -21.42
CA VAL C 67 -40.22 -11.55 -20.97
C VAL C 67 -41.41 -11.26 -20.06
N ILE C 68 -41.20 -10.45 -18.99
CA ILE C 68 -42.30 -9.98 -18.14
C ILE C 68 -42.93 -8.77 -18.84
N ALA C 69 -44.05 -9.02 -19.50
CA ALA C 69 -44.76 -8.03 -20.26
C ALA C 69 -46.20 -8.44 -20.18
N ASP C 70 -46.96 -7.71 -19.35
CA ASP C 70 -48.39 -7.95 -19.17
C ASP C 70 -49.14 -6.84 -19.78
N LYS C 71 -50.02 -7.17 -20.74
CA LYS C 71 -50.90 -6.20 -21.40
C LYS C 71 -52.05 -5.84 -20.45
N TYR C 72 -52.30 -4.55 -20.28
CA TYR C 72 -53.42 -3.99 -19.51
C TYR C 72 -54.17 -3.04 -20.42
N ASP C 73 -55.50 -3.21 -20.52
CA ASP C 73 -56.40 -2.45 -21.39
C ASP C 73 -56.61 -0.99 -21.10
N GLU C 74 -57.05 -0.65 -19.88
CA GLU C 74 -57.40 0.75 -19.65
C GLU C 74 -56.77 1.34 -18.43
N VAL C 75 -55.57 1.88 -18.60
CA VAL C 75 -54.89 2.48 -17.48
C VAL C 75 -54.60 3.96 -17.78
N SER C 76 -54.59 4.78 -16.72
CA SER C 76 -54.26 6.17 -16.78
C SER C 76 -52.85 6.37 -16.18
N VAL C 77 -52.00 7.16 -16.86
CA VAL C 77 -50.63 7.41 -16.39
C VAL C 77 -50.40 8.93 -16.21
N LEU C 78 -49.73 9.30 -15.10
CA LEU C 78 -49.38 10.67 -14.73
C LEU C 78 -47.87 10.83 -14.61
N PHE C 79 -47.35 11.93 -15.17
CA PHE C 79 -45.97 12.36 -15.08
C PHE C 79 -45.90 13.75 -14.46
N ALA C 80 -45.17 13.91 -13.36
CA ALA C 80 -44.97 15.19 -12.68
C ALA C 80 -43.46 15.50 -12.67
N ASP C 81 -43.06 16.72 -13.00
CA ASP C 81 -41.66 17.16 -13.03
C ASP C 81 -41.55 18.56 -12.41
N ILE C 82 -40.52 18.79 -11.57
CA ILE C 82 -40.24 20.07 -10.90
C ILE C 82 -39.68 21.04 -11.90
N VAL C 83 -40.20 22.28 -11.90
CA VAL C 83 -39.79 23.37 -12.80
C VAL C 83 -38.51 24.00 -12.23
N GLY C 84 -37.51 24.17 -13.08
CA GLY C 84 -36.21 24.77 -12.75
C GLY C 84 -35.49 24.15 -11.57
N PHE C 85 -35.27 22.82 -11.62
CA PHE C 85 -34.60 22.09 -10.54
C PHE C 85 -33.09 22.31 -10.52
N THR C 86 -32.43 22.24 -11.69
CA THR C 86 -30.98 22.43 -11.88
C THR C 86 -30.49 23.77 -11.36
N GLU C 87 -31.29 24.82 -11.49
CA GLU C 87 -30.98 26.19 -11.06
C GLU C 87 -30.88 26.34 -9.54
N ARG C 88 -31.55 25.46 -8.79
CA ARG C 88 -31.55 25.44 -7.33
C ARG C 88 -30.19 25.08 -6.72
N ALA C 89 -29.29 24.49 -7.55
CA ALA C 89 -27.93 24.08 -7.19
C ALA C 89 -27.02 25.28 -6.86
N SER C 90 -27.44 26.48 -7.27
CA SER C 90 -26.71 27.74 -7.02
C SER C 90 -26.84 28.15 -5.56
N THR C 91 -27.97 27.80 -4.91
CA THR C 91 -28.27 28.12 -3.51
C THR C 91 -28.25 26.90 -2.59
N THR C 92 -28.46 25.69 -3.13
CA THR C 92 -28.50 24.44 -2.37
C THR C 92 -27.42 23.45 -2.80
N THR C 93 -26.81 22.73 -1.84
CA THR C 93 -25.78 21.72 -2.12
C THR C 93 -26.41 20.55 -2.88
N PRO C 94 -25.66 19.81 -3.73
CA PRO C 94 -26.27 18.67 -4.44
C PRO C 94 -26.90 17.59 -3.54
N ALA C 95 -26.30 17.32 -2.38
CA ALA C 95 -26.82 16.33 -1.42
C ALA C 95 -28.13 16.79 -0.75
N ASP C 96 -28.28 18.10 -0.49
CA ASP C 96 -29.48 18.67 0.12
C ASP C 96 -30.63 18.75 -0.87
N LEU C 97 -30.30 18.74 -2.17
CA LEU C 97 -31.24 18.74 -3.28
C LEU C 97 -31.87 17.34 -3.39
N VAL C 98 -31.07 16.28 -3.16
CA VAL C 98 -31.50 14.88 -3.16
C VAL C 98 -32.36 14.61 -1.90
N ARG C 99 -32.00 15.26 -0.77
CA ARG C 99 -32.76 15.19 0.49
C ARG C 99 -34.13 15.88 0.33
N PHE C 100 -34.20 16.95 -0.49
CA PHE C 100 -35.41 17.69 -0.82
C PHE C 100 -36.33 16.80 -1.67
N LEU C 101 -35.75 16.11 -2.67
CA LEU C 101 -36.42 15.17 -3.58
C LEU C 101 -37.08 14.03 -2.78
N ASN C 102 -36.38 13.52 -1.75
CA ASN C 102 -36.88 12.46 -0.89
C ASN C 102 -38.04 12.96 0.00
N ARG C 103 -37.94 14.22 0.50
CA ARG C 103 -38.95 14.88 1.32
C ARG C 103 -40.21 15.17 0.49
N LEU C 104 -40.03 15.73 -0.72
CA LEU C 104 -41.11 16.08 -1.65
C LEU C 104 -41.87 14.84 -2.12
N TYR C 105 -41.13 13.80 -2.56
CA TYR C 105 -41.73 12.57 -3.05
C TYR C 105 -42.25 11.67 -1.94
N GLY C 106 -41.77 11.88 -0.72
CA GLY C 106 -42.25 11.17 0.46
C GLY C 106 -43.68 11.58 0.76
N ALA C 107 -43.98 12.89 0.58
CA ALA C 107 -45.30 13.49 0.75
C ALA C 107 -46.24 12.97 -0.34
N PHE C 108 -45.72 12.80 -1.57
CA PHE C 108 -46.46 12.30 -2.71
C PHE C 108 -46.75 10.82 -2.60
N ASP C 109 -45.82 10.02 -2.03
CA ASP C 109 -45.98 8.57 -1.80
C ASP C 109 -47.11 8.30 -0.80
N GLU C 110 -47.28 9.20 0.18
CA GLU C 110 -48.34 9.16 1.19
C GLU C 110 -49.69 9.39 0.50
N LEU C 111 -49.70 10.26 -0.53
CA LEU C 111 -50.88 10.62 -1.31
C LEU C 111 -51.31 9.51 -2.29
N VAL C 112 -50.37 8.67 -2.81
CA VAL C 112 -50.72 7.56 -3.71
C VAL C 112 -51.45 6.44 -2.93
N ASP C 113 -51.11 6.25 -1.64
CA ASP C 113 -51.75 5.26 -0.77
C ASP C 113 -53.16 5.71 -0.42
N LYS C 114 -53.32 7.02 -0.17
CA LYS C 114 -54.58 7.69 0.15
C LYS C 114 -55.60 7.49 -0.99
N HIS C 115 -55.14 7.63 -2.25
CA HIS C 115 -55.95 7.49 -3.46
C HIS C 115 -55.98 6.05 -4.00
N GLY C 116 -55.13 5.17 -3.42
CA GLY C 116 -55.04 3.76 -3.78
C GLY C 116 -54.54 3.53 -5.19
N LEU C 117 -53.48 4.26 -5.58
CA LEU C 117 -52.85 4.19 -6.90
C LEU C 117 -51.45 3.55 -6.86
N GLU C 118 -50.87 3.31 -8.06
CA GLU C 118 -49.58 2.66 -8.23
C GLU C 118 -48.45 3.64 -8.58
N LYS C 119 -47.51 3.83 -7.65
CA LYS C 119 -46.34 4.64 -7.89
C LYS C 119 -45.37 3.74 -8.69
N ILE C 120 -44.82 4.27 -9.81
CA ILE C 120 -43.90 3.49 -10.63
C ILE C 120 -42.44 3.85 -10.29
N LYS C 121 -41.99 5.03 -10.63
CA LYS C 121 -40.62 5.49 -10.36
C LYS C 121 -40.50 6.97 -10.08
N VAL C 122 -39.38 7.38 -9.42
CA VAL C 122 -38.88 8.73 -9.32
C VAL C 122 -37.47 8.68 -9.96
N SER C 123 -37.37 9.33 -11.12
CA SER C 123 -36.17 9.30 -11.93
C SER C 123 -35.77 10.73 -12.23
N GLY C 124 -34.68 11.14 -11.62
CA GLY C 124 -34.18 12.49 -11.70
C GLY C 124 -35.02 13.38 -10.82
N ASP C 125 -35.92 14.03 -11.48
CA ASP C 125 -36.85 15.10 -11.13
C ASP C 125 -38.28 14.71 -11.47
N SER C 126 -38.44 13.52 -12.04
CA SER C 126 -39.69 13.04 -12.56
C SER C 126 -40.42 12.12 -11.59
N TYR C 127 -41.73 12.04 -11.73
CA TYR C 127 -42.52 11.21 -10.83
C TYR C 127 -43.60 10.52 -11.63
N MET C 128 -43.64 9.18 -11.60
CA MET C 128 -44.63 8.42 -12.35
C MET C 128 -45.62 7.68 -11.45
N VAL C 129 -46.92 7.88 -11.70
CA VAL C 129 -48.04 7.25 -11.00
C VAL C 129 -48.97 6.72 -12.10
N VAL C 130 -49.45 5.50 -11.92
CA VAL C 130 -50.37 4.83 -12.84
C VAL C 130 -51.63 4.40 -12.07
N SER C 131 -52.78 4.50 -12.73
CA SER C 131 -54.10 4.15 -12.22
C SER C 131 -54.66 3.06 -13.11
N GLY C 132 -54.84 1.85 -12.55
CA GLY C 132 -55.39 0.71 -13.28
C GLY C 132 -54.50 -0.53 -13.31
N VAL C 133 -53.29 -0.43 -12.67
CA VAL C 133 -52.34 -1.54 -12.50
C VAL C 133 -52.09 -1.82 -11.01
N PRO C 134 -52.11 -3.10 -10.56
CA PRO C 134 -52.36 -4.33 -11.32
C PRO C 134 -53.85 -4.64 -11.56
N ARG C 135 -54.75 -4.11 -10.70
CA ARG C 135 -56.20 -4.32 -10.77
C ARG C 135 -56.86 -3.17 -11.49
N ALA C 136 -57.72 -3.47 -12.48
CA ALA C 136 -58.44 -2.46 -13.22
C ALA C 136 -59.58 -1.89 -12.40
N ARG C 137 -59.88 -0.60 -12.62
CA ARG C 137 -60.97 0.11 -11.95
C ARG C 137 -61.70 0.99 -12.98
N PRO C 138 -63.06 1.07 -12.96
CA PRO C 138 -63.76 1.87 -13.97
C PRO C 138 -63.51 3.38 -13.88
N ASP C 139 -63.12 3.86 -12.69
CA ASP C 139 -62.83 5.26 -12.37
C ASP C 139 -61.32 5.56 -12.43
N HIS C 140 -60.53 4.76 -13.17
CA HIS C 140 -59.08 4.92 -13.30
C HIS C 140 -58.66 6.36 -13.68
N ALA C 141 -59.40 7.00 -14.61
CA ALA C 141 -59.14 8.35 -15.10
C ALA C 141 -59.55 9.39 -14.04
N PHE C 142 -60.71 9.20 -13.36
CA PHE C 142 -61.18 10.12 -12.33
C PHE C 142 -60.29 10.09 -11.09
N ALA C 143 -59.85 8.89 -10.68
CA ALA C 143 -58.98 8.64 -9.52
C ALA C 143 -57.62 9.31 -9.67
N LEU C 144 -57.03 9.26 -10.88
CA LEU C 144 -55.74 9.87 -11.18
C LEU C 144 -55.90 11.38 -11.32
N ALA C 145 -57.07 11.84 -11.82
CA ALA C 145 -57.42 13.28 -11.95
C ALA C 145 -57.56 13.89 -10.57
N ASP C 146 -58.25 13.21 -9.63
CA ASP C 146 -58.42 13.63 -8.23
C ASP C 146 -57.09 13.66 -7.51
N PHE C 147 -56.19 12.73 -7.85
CA PHE C 147 -54.84 12.63 -7.31
C PHE C 147 -53.97 13.79 -7.81
N ALA C 148 -53.95 14.01 -9.15
CA ALA C 148 -53.19 15.08 -9.80
C ALA C 148 -53.53 16.47 -9.22
N LEU C 149 -54.83 16.73 -8.96
CA LEU C 149 -55.31 17.98 -8.38
C LEU C 149 -54.90 18.11 -6.92
N ASP C 150 -54.93 17.00 -6.16
CA ASP C 150 -54.54 16.95 -4.75
C ASP C 150 -53.03 17.20 -4.63
N MET C 151 -52.25 16.62 -5.58
CA MET C 151 -50.80 16.74 -5.71
C MET C 151 -50.42 18.19 -5.98
N ALA C 152 -51.18 18.90 -6.85
CA ALA C 152 -50.97 20.30 -7.20
C ALA C 152 -51.13 21.19 -5.98
N ASN C 153 -52.13 20.88 -5.11
CA ASN C 153 -52.41 21.59 -3.86
C ASN C 153 -51.34 21.33 -2.79
N VAL C 154 -50.84 20.07 -2.72
CA VAL C 154 -49.80 19.64 -1.78
C VAL C 154 -48.48 20.36 -2.11
N ALA C 155 -48.11 20.39 -3.40
CA ALA C 155 -46.90 21.03 -3.90
C ALA C 155 -46.89 22.53 -3.71
N ALA C 156 -48.07 23.19 -3.88
CA ALA C 156 -48.25 24.64 -3.73
C ALA C 156 -48.00 25.09 -2.30
N ALA C 157 -48.38 24.26 -1.31
CA ALA C 157 -48.20 24.52 0.12
C ALA C 157 -46.75 24.31 0.55
N LEU C 158 -46.02 23.44 -0.17
CA LEU C 158 -44.63 23.10 0.11
C LEU C 158 -43.63 24.10 -0.46
N LYS C 159 -42.46 24.19 0.20
CA LYS C 159 -41.36 25.09 -0.18
C LYS C 159 -40.05 24.32 -0.29
N ASP C 160 -39.17 24.79 -1.19
CA ASP C 160 -37.86 24.21 -1.43
C ASP C 160 -36.89 24.55 -0.27
N PRO C 161 -35.71 23.87 -0.12
CA PRO C 161 -34.83 24.18 1.04
C PRO C 161 -34.37 25.62 1.16
N HIS C 162 -34.38 26.38 0.06
CA HIS C 162 -34.01 27.81 0.05
C HIS C 162 -35.18 28.72 0.47
N GLY C 163 -36.39 28.16 0.55
CA GLY C 163 -37.59 28.89 0.94
C GLY C 163 -38.48 29.36 -0.19
N ASP C 164 -38.14 29.00 -1.43
CA ASP C 164 -38.89 29.38 -2.64
C ASP C 164 -39.97 28.30 -2.98
N PRO C 165 -41.04 28.63 -3.76
CA PRO C 165 -42.07 27.62 -4.06
C PRO C 165 -41.60 26.45 -4.93
N VAL C 166 -42.40 25.38 -5.00
CA VAL C 166 -42.08 24.20 -5.81
C VAL C 166 -43.06 24.09 -7.02
N PRO C 167 -42.80 24.80 -8.15
CA PRO C 167 -43.72 24.69 -9.30
C PRO C 167 -43.54 23.36 -10.04
N LEU C 168 -44.64 22.73 -10.41
CA LEU C 168 -44.65 21.44 -11.11
C LEU C 168 -45.28 21.55 -12.49
N ARG C 169 -44.84 20.68 -13.38
CA ARG C 169 -45.37 20.49 -14.73
C ARG C 169 -45.98 19.10 -14.65
N MET C 170 -47.28 18.97 -14.91
CA MET C 170 -48.00 17.70 -14.85
C MET C 170 -48.71 17.37 -16.14
N GLY C 171 -48.67 16.11 -16.51
CA GLY C 171 -49.30 15.59 -17.70
C GLY C 171 -49.88 14.21 -17.48
N MET C 172 -51.12 13.99 -17.96
CA MET C 172 -51.84 12.72 -17.86
C MET C 172 -52.29 12.21 -19.24
N ALA C 173 -52.61 10.90 -19.32
CA ALA C 173 -53.11 10.21 -20.52
C ALA C 173 -53.60 8.83 -20.16
N CYS C 174 -54.39 8.21 -21.05
CA CYS C 174 -54.92 6.86 -20.86
C CYS C 174 -54.93 6.03 -22.14
N GLY C 175 -55.03 4.71 -21.98
CA GLY C 175 -55.09 3.76 -23.08
C GLY C 175 -54.43 2.44 -22.75
N PRO C 176 -54.26 1.54 -23.75
CA PRO C 176 -53.60 0.25 -23.46
C PRO C 176 -52.10 0.41 -23.14
N VAL C 177 -51.66 -0.29 -22.10
CA VAL C 177 -50.31 -0.25 -21.56
C VAL C 177 -49.75 -1.65 -21.32
N VAL C 178 -48.40 -1.78 -21.36
CA VAL C 178 -47.66 -3.00 -21.08
C VAL C 178 -46.82 -2.72 -19.84
N ALA C 179 -46.99 -3.54 -18.79
CA ALA C 179 -46.26 -3.40 -17.53
C ALA C 179 -45.35 -4.58 -17.28
N GLY C 180 -44.11 -4.30 -16.89
CA GLY C 180 -43.14 -5.36 -16.67
C GLY C 180 -41.71 -4.92 -16.44
N VAL C 181 -40.79 -5.84 -16.77
CA VAL C 181 -39.36 -5.68 -16.58
C VAL C 181 -38.63 -5.93 -17.91
N VAL C 182 -37.57 -5.11 -18.21
CA VAL C 182 -36.72 -5.28 -19.42
C VAL C 182 -35.25 -5.41 -19.02
N GLY C 183 -34.49 -6.20 -19.78
CA GLY C 183 -33.06 -6.44 -19.57
C GLY C 183 -32.75 -7.52 -18.58
N SER C 184 -31.44 -7.82 -18.44
CA SER C 184 -30.94 -8.84 -17.53
C SER C 184 -30.45 -8.27 -16.20
N ARG C 185 -30.06 -6.98 -16.16
CA ARG C 185 -29.60 -6.33 -14.92
C ARG C 185 -30.40 -5.04 -14.62
N ARG C 186 -30.39 -4.62 -13.34
CA ARG C 186 -31.09 -3.49 -12.74
C ARG C 186 -32.58 -3.56 -13.01
N PHE C 187 -33.15 -4.72 -12.67
CA PHE C 187 -34.57 -5.01 -12.83
C PHE C 187 -35.40 -3.93 -12.17
N PHE C 188 -36.47 -3.47 -12.86
CA PHE C 188 -37.37 -2.45 -12.34
C PHE C 188 -38.75 -2.59 -12.99
N TYR C 189 -39.81 -2.66 -12.15
CA TYR C 189 -41.18 -2.79 -12.66
C TYR C 189 -41.59 -1.41 -13.21
N ASP C 190 -41.80 -1.39 -14.52
CA ASP C 190 -42.14 -0.16 -15.24
C ASP C 190 -43.35 -0.38 -16.15
N VAL C 191 -43.90 0.71 -16.69
CA VAL C 191 -45.05 0.71 -17.62
C VAL C 191 -44.66 1.39 -18.94
N TRP C 192 -45.14 0.85 -20.07
CA TRP C 192 -44.85 1.35 -21.41
C TRP C 192 -46.11 1.35 -22.25
N GLY C 193 -46.13 2.12 -23.32
CA GLY C 193 -47.25 2.19 -24.24
C GLY C 193 -47.52 3.58 -24.76
N ASP C 194 -48.62 3.74 -25.48
CA ASP C 194 -49.03 5.03 -26.03
C ASP C 194 -49.40 6.01 -24.93
N ALA C 195 -50.11 5.55 -23.89
CA ALA C 195 -50.53 6.38 -22.77
C ALA C 195 -49.38 7.01 -22.02
N VAL C 196 -48.26 6.28 -21.83
CA VAL C 196 -47.09 6.83 -21.12
C VAL C 196 -46.30 7.74 -22.06
N ASN C 197 -46.40 7.49 -23.38
CA ASN C 197 -45.75 8.33 -24.38
C ASN C 197 -46.41 9.69 -24.47
N VAL C 198 -47.76 9.76 -24.53
CA VAL C 198 -48.44 11.04 -24.63
C VAL C 198 -48.51 11.74 -23.24
N ALA C 199 -48.49 10.99 -22.11
CA ALA C 199 -48.49 11.61 -20.77
C ALA C 199 -47.16 12.30 -20.48
N SER C 200 -46.07 11.77 -21.02
CA SER C 200 -44.74 12.34 -20.89
C SER C 200 -44.73 13.64 -21.68
N ARG C 201 -45.25 13.60 -22.93
CA ARG C 201 -45.35 14.78 -23.81
C ARG C 201 -46.26 15.80 -23.20
N MET C 202 -47.36 15.39 -22.54
CA MET C 202 -48.30 16.28 -21.82
C MET C 202 -47.61 16.96 -20.65
N GLU C 203 -46.60 16.32 -20.04
CA GLU C 203 -45.84 16.92 -18.95
C GLU C 203 -44.81 17.94 -19.50
N SER C 204 -43.94 17.50 -20.44
CA SER C 204 -42.86 18.32 -21.03
C SER C 204 -43.33 19.54 -21.79
N THR C 205 -44.48 19.46 -22.46
CA THR C 205 -45.05 20.55 -23.28
C THR C 205 -46.05 21.41 -22.46
N ASP C 206 -46.21 21.12 -21.16
CA ASP C 206 -47.13 21.80 -20.25
C ASP C 206 -46.56 23.15 -19.76
N SER C 207 -47.47 24.05 -19.37
CA SER C 207 -47.14 25.33 -18.75
C SER C 207 -47.12 25.09 -17.24
N VAL C 208 -46.22 25.79 -16.49
CA VAL C 208 -46.02 25.56 -15.06
C VAL C 208 -47.30 25.78 -14.24
N GLY C 209 -47.55 24.86 -13.30
CA GLY C 209 -48.68 24.90 -12.37
C GLY C 209 -50.01 24.50 -12.97
N ARG C 210 -49.94 23.79 -14.11
CA ARG C 210 -51.13 23.30 -14.83
C ARG C 210 -51.08 21.79 -14.98
N ILE C 211 -52.24 21.17 -15.29
CA ILE C 211 -52.34 19.73 -15.52
C ILE C 211 -52.85 19.53 -16.95
N GLN C 212 -51.93 19.16 -17.87
CA GLN C 212 -52.23 18.97 -19.27
C GLN C 212 -52.75 17.56 -19.55
N VAL C 213 -53.89 17.46 -20.27
CA VAL C 213 -54.50 16.18 -20.66
C VAL C 213 -54.89 16.18 -22.15
N PRO C 214 -54.79 15.05 -22.90
CA PRO C 214 -55.18 15.08 -24.32
C PRO C 214 -56.69 15.09 -24.53
N GLU C 215 -57.14 15.27 -25.79
CA GLU C 215 -58.55 15.24 -26.21
C GLU C 215 -59.27 13.95 -25.78
N ALA C 216 -58.57 12.79 -25.75
CA ALA C 216 -59.13 11.51 -25.38
C ALA C 216 -59.45 11.43 -23.89
N MET C 217 -58.70 12.15 -23.04
CA MET C 217 -59.00 12.10 -21.62
C MET C 217 -60.00 13.14 -21.25
N TYR C 218 -59.95 14.28 -21.97
CA TYR C 218 -60.92 15.36 -21.81
C TYR C 218 -62.31 14.79 -21.94
N GLU C 219 -62.58 13.97 -22.98
CA GLU C 219 -63.88 13.34 -23.24
C GLU C 219 -64.37 12.48 -22.08
N ARG C 220 -63.41 11.80 -21.43
CA ARG C 220 -63.64 10.91 -20.31
C ARG C 220 -63.90 11.70 -19.01
N LEU C 221 -63.35 12.93 -18.91
CA LEU C 221 -63.41 13.74 -17.70
C LEU C 221 -64.44 14.87 -17.68
N LYS C 222 -64.73 15.49 -18.85
CA LYS C 222 -65.59 16.65 -19.07
C LYS C 222 -66.94 16.67 -18.31
N ASN C 223 -67.48 15.49 -17.97
CA ASN C 223 -68.77 15.40 -17.26
C ASN C 223 -68.66 15.56 -15.75
N GLU C 224 -67.47 15.35 -15.16
CA GLU C 224 -67.23 15.46 -13.71
C GLU C 224 -66.17 16.52 -13.33
N PHE C 225 -65.41 17.01 -14.32
CA PHE C 225 -64.32 17.94 -14.09
C PHE C 225 -64.39 19.15 -14.99
N VAL C 226 -63.84 20.28 -14.51
CA VAL C 226 -63.77 21.54 -15.24
C VAL C 226 -62.43 21.54 -16.01
N LEU C 227 -62.50 21.76 -17.33
CA LEU C 227 -61.37 21.76 -18.24
C LEU C 227 -61.36 23.00 -19.16
N GLN C 228 -60.16 23.54 -19.41
CA GLN C 228 -59.93 24.72 -20.25
C GLN C 228 -59.07 24.33 -21.46
N GLU C 229 -59.57 24.58 -22.69
CA GLU C 229 -58.88 24.23 -23.92
C GLU C 229 -57.61 25.03 -24.13
N ARG C 230 -56.49 24.31 -24.38
CA ARG C 230 -55.19 24.92 -24.68
C ARG C 230 -55.08 25.11 -26.19
N GLY C 231 -55.45 24.06 -26.92
CA GLY C 231 -55.44 24.05 -28.39
C GLY C 231 -54.54 22.96 -28.96
N ARG C 232 -54.38 22.99 -30.29
CA ARG C 232 -53.55 22.04 -31.02
C ARG C 232 -52.05 22.31 -30.82
N ILE C 233 -51.35 21.32 -30.26
CA ILE C 233 -49.92 21.36 -30.01
C ILE C 233 -49.21 20.17 -30.69
N GLU C 234 -47.99 20.41 -31.19
CA GLU C 234 -47.15 19.40 -31.84
C GLU C 234 -46.51 18.52 -30.78
N VAL C 235 -46.71 17.21 -30.91
CA VAL C 235 -46.14 16.18 -30.03
C VAL C 235 -45.41 15.13 -30.87
N LYS C 236 -44.19 14.76 -30.44
CA LYS C 236 -43.32 13.83 -31.15
C LYS C 236 -43.93 12.43 -31.20
N GLY C 237 -44.01 11.87 -32.42
CA GLY C 237 -44.52 10.52 -32.69
C GLY C 237 -46.02 10.36 -32.80
N LYS C 238 -46.78 11.46 -32.65
CA LYS C 238 -48.24 11.47 -32.69
C LYS C 238 -48.78 12.54 -33.65
N GLY C 239 -47.93 13.51 -33.97
CA GLY C 239 -48.27 14.61 -34.84
C GLY C 239 -48.79 15.79 -34.03
N VAL C 240 -50.04 16.19 -34.31
CA VAL C 240 -50.69 17.32 -33.62
C VAL C 240 -51.92 16.80 -32.85
N MET C 241 -52.08 17.24 -31.60
CA MET C 241 -53.20 16.83 -30.75
C MET C 241 -53.81 17.98 -29.99
N ARG C 242 -55.14 17.96 -29.85
CA ARG C 242 -55.93 18.91 -29.07
C ARG C 242 -55.70 18.62 -27.59
N THR C 243 -55.36 19.67 -26.84
CA THR C 243 -55.06 19.59 -25.41
C THR C 243 -56.00 20.43 -24.55
N TRP C 244 -56.21 20.00 -23.30
CA TRP C 244 -57.06 20.62 -22.29
C TRP C 244 -56.30 20.70 -20.95
N TYR C 245 -56.65 21.68 -20.10
CA TYR C 245 -56.07 21.88 -18.77
C TYR C 245 -57.08 21.47 -17.72
N LEU C 246 -56.67 20.61 -16.77
CA LEU C 246 -57.54 20.19 -15.66
C LEU C 246 -57.50 21.29 -14.61
N ILE C 247 -58.66 21.94 -14.38
CA ILE C 247 -58.78 23.02 -13.41
C ILE C 247 -59.20 22.50 -12.02
N GLY C 248 -60.15 21.56 -12.01
CA GLY C 248 -60.67 20.96 -10.79
C GLY C 248 -61.94 20.17 -10.97
N ARG C 249 -62.53 19.71 -9.87
CA ARG C 249 -63.78 18.94 -9.83
C ARG C 249 -64.98 19.88 -10.10
N LYS C 250 -66.03 19.35 -10.72
CA LYS C 250 -67.24 20.12 -11.04
C LYS C 250 -67.88 20.60 -9.75
N ALA C 251 -68.54 21.77 -9.78
CA ALA C 251 -69.26 22.35 -8.63
C ALA C 251 -70.44 21.44 -8.24
N ASP C 252 -70.82 21.48 -6.95
CA ASP C 252 -71.86 20.62 -6.37
C ASP C 252 -73.31 20.96 -6.83
N GLU C 253 -73.57 22.18 -7.34
CA GLU C 253 -74.91 22.59 -7.81
C GLU C 253 -75.17 22.16 -9.25
N THR D 30 -36.20 -31.36 9.56
CA THR D 30 -35.60 -30.17 10.14
C THR D 30 -34.41 -29.68 9.32
N GLN D 31 -33.52 -30.62 8.90
CA GLN D 31 -32.32 -30.35 8.09
C GLN D 31 -32.66 -29.88 6.67
N ARG D 32 -33.74 -30.41 6.08
CA ARG D 32 -34.19 -30.07 4.73
C ARG D 32 -35.03 -28.77 4.73
N ALA D 33 -35.62 -28.42 5.89
CA ALA D 33 -36.43 -27.20 6.08
C ALA D 33 -35.54 -25.95 6.14
N GLU D 34 -34.28 -26.10 6.62
CA GLU D 34 -33.30 -25.02 6.71
C GLU D 34 -32.59 -24.80 5.35
N ALA D 35 -32.35 -25.91 4.60
CA ALA D 35 -31.71 -25.89 3.29
C ALA D 35 -32.58 -25.17 2.23
N VAL D 36 -33.91 -25.35 2.30
CA VAL D 36 -34.86 -24.69 1.41
C VAL D 36 -35.02 -23.20 1.79
N MET D 37 -34.84 -22.88 3.10
CA MET D 37 -34.92 -21.53 3.68
C MET D 37 -33.73 -20.68 3.23
N GLU D 38 -32.57 -21.32 2.99
CA GLU D 38 -31.36 -20.67 2.50
C GLU D 38 -31.35 -20.58 0.97
N ALA D 39 -31.99 -21.57 0.29
CA ALA D 39 -32.13 -21.61 -1.16
C ALA D 39 -33.05 -20.45 -1.63
N GLU D 40 -34.05 -20.11 -0.78
CA GLU D 40 -34.98 -19.00 -1.01
C GLU D 40 -34.30 -17.67 -0.64
N TYR D 41 -33.34 -17.71 0.29
CA TYR D 41 -32.55 -16.54 0.70
C TYR D 41 -31.55 -16.19 -0.41
N GLU D 42 -30.95 -17.23 -1.05
CA GLU D 42 -30.00 -17.10 -2.17
C GLU D 42 -30.66 -16.41 -3.36
N ARG D 43 -31.91 -16.84 -3.71
CA ARG D 43 -32.73 -16.29 -4.79
C ARG D 43 -33.10 -14.83 -4.51
N SER D 44 -33.42 -14.54 -3.24
CA SER D 44 -33.81 -13.23 -2.74
C SER D 44 -32.63 -12.26 -2.78
N GLU D 45 -31.44 -12.71 -2.35
CA GLU D 45 -30.21 -11.94 -2.33
C GLU D 45 -29.71 -11.66 -3.73
N ALA D 46 -29.92 -12.62 -4.66
CA ALA D 46 -29.53 -12.53 -6.07
C ALA D 46 -30.39 -11.52 -6.80
N LEU D 47 -31.67 -11.38 -6.41
CA LEU D 47 -32.61 -10.41 -6.99
C LEU D 47 -32.19 -9.02 -6.53
N LEU D 48 -31.97 -8.88 -5.23
CA LEU D 48 -31.54 -7.65 -4.56
C LEU D 48 -30.18 -7.15 -5.09
N ALA D 49 -29.25 -8.08 -5.44
CA ALA D 49 -27.93 -7.76 -6.01
C ALA D 49 -28.05 -7.23 -7.44
N ASN D 50 -29.03 -7.74 -8.18
CA ASN D 50 -29.32 -7.37 -9.56
C ASN D 50 -29.94 -5.99 -9.65
N MET D 51 -30.77 -5.62 -8.66
CA MET D 51 -31.49 -4.36 -8.59
C MET D 51 -30.71 -3.18 -8.04
N LEU D 52 -29.81 -3.42 -7.07
CA LEU D 52 -29.02 -2.39 -6.40
C LEU D 52 -27.52 -2.66 -6.40
N PRO D 53 -26.65 -1.63 -6.37
CA PRO D 53 -25.21 -1.89 -6.17
C PRO D 53 -25.00 -2.51 -4.78
N GLY D 54 -24.08 -3.46 -4.68
CA GLY D 54 -23.74 -4.17 -3.45
C GLY D 54 -23.82 -3.40 -2.15
N SER D 55 -23.06 -2.28 -2.06
CA SER D 55 -22.97 -1.41 -0.88
C SER D 55 -24.30 -0.76 -0.51
N ILE D 56 -25.07 -0.39 -1.53
CA ILE D 56 -26.38 0.27 -1.41
C ILE D 56 -27.40 -0.70 -0.80
N ALA D 57 -27.41 -1.97 -1.25
CA ALA D 57 -28.30 -3.00 -0.72
C ALA D 57 -28.04 -3.21 0.77
N GLU D 58 -26.76 -3.20 1.18
CA GLU D 58 -26.27 -3.33 2.56
C GLU D 58 -26.75 -2.16 3.41
N ARG D 59 -26.66 -0.94 2.87
CA ARG D 59 -27.09 0.30 3.51
C ARG D 59 -28.61 0.33 3.71
N LEU D 60 -29.38 -0.12 2.70
CA LEU D 60 -30.84 -0.18 2.76
C LEU D 60 -31.33 -1.23 3.77
N LYS D 61 -30.55 -2.33 3.93
CA LYS D 61 -30.86 -3.40 4.86
C LYS D 61 -30.57 -2.96 6.33
N SER D 62 -29.68 -1.96 6.51
CA SER D 62 -29.34 -1.40 7.82
C SER D 62 -30.53 -0.59 8.36
N SER D 63 -30.47 -0.20 9.64
CA SER D 63 -31.54 0.53 10.31
C SER D 63 -31.40 2.08 10.22
N SER D 64 -30.63 2.56 9.23
CA SER D 64 -30.40 3.98 9.02
C SER D 64 -31.64 4.70 8.50
N ARG D 65 -32.00 5.79 9.16
CA ARG D 65 -33.14 6.64 8.80
C ARG D 65 -32.68 7.77 7.85
N SER D 66 -31.36 7.87 7.62
CA SER D 66 -30.75 8.87 6.76
C SER D 66 -30.91 8.54 5.29
N VAL D 67 -30.89 9.59 4.46
CA VAL D 67 -31.00 9.56 3.00
C VAL D 67 -29.61 9.24 2.43
N ILE D 68 -29.58 8.35 1.45
CA ILE D 68 -28.40 7.96 0.69
C ILE D 68 -28.21 9.00 -0.39
N ALA D 69 -27.22 9.88 -0.19
CA ALA D 69 -26.85 10.95 -1.12
C ALA D 69 -25.34 11.12 -1.00
N ASP D 70 -24.60 10.61 -1.99
CA ASP D 70 -23.14 10.62 -1.97
C ASP D 70 -22.55 11.47 -3.06
N LYS D 71 -21.68 12.43 -2.70
CA LYS D 71 -21.02 13.29 -3.67
C LYS D 71 -19.85 12.54 -4.29
N TYR D 72 -19.74 12.57 -5.62
CA TYR D 72 -18.65 11.97 -6.39
C TYR D 72 -18.08 13.06 -7.27
N ASP D 73 -16.76 13.32 -7.15
CA ASP D 73 -16.08 14.41 -7.86
C ASP D 73 -15.91 14.24 -9.37
N GLU D 74 -15.53 13.07 -9.87
CA GLU D 74 -15.33 12.92 -11.31
C GLU D 74 -15.81 11.60 -11.87
N VAL D 75 -17.04 11.61 -12.39
CA VAL D 75 -17.68 10.44 -13.03
C VAL D 75 -18.11 10.81 -14.46
N SER D 76 -18.12 9.82 -15.36
CA SER D 76 -18.54 9.98 -16.74
C SER D 76 -19.91 9.32 -16.92
N VAL D 77 -20.87 10.01 -17.58
CA VAL D 77 -22.21 9.48 -17.78
C VAL D 77 -22.53 9.41 -19.28
N LEU D 78 -23.15 8.28 -19.70
CA LEU D 78 -23.55 7.99 -21.08
C LEU D 78 -25.06 7.81 -21.16
N PHE D 79 -25.67 8.40 -22.20
CA PHE D 79 -27.07 8.23 -22.56
C PHE D 79 -27.15 7.72 -23.98
N ALA D 80 -27.78 6.57 -24.17
CA ALA D 80 -28.00 5.97 -25.49
C ALA D 80 -29.49 5.84 -25.74
N ASP D 81 -29.97 6.33 -26.88
CA ASP D 81 -31.40 6.31 -27.24
C ASP D 81 -31.58 5.82 -28.66
N ILE D 82 -32.58 4.96 -28.89
CA ILE D 82 -32.92 4.40 -30.20
C ILE D 82 -33.57 5.49 -31.06
N VAL D 83 -33.12 5.61 -32.31
CA VAL D 83 -33.63 6.55 -33.29
C VAL D 83 -34.94 6.01 -33.84
N GLY D 84 -35.97 6.85 -33.86
CA GLY D 84 -37.28 6.56 -34.39
C GLY D 84 -37.95 5.34 -33.81
N PHE D 85 -38.07 5.29 -32.47
CA PHE D 85 -38.69 4.16 -31.79
C PHE D 85 -40.21 4.14 -31.93
N THR D 86 -40.88 5.29 -31.69
CA THR D 86 -42.34 5.41 -31.77
C THR D 86 -42.91 5.07 -33.16
N GLU D 87 -42.15 5.33 -34.24
CA GLU D 87 -42.52 5.04 -35.63
C GLU D 87 -42.59 3.54 -35.92
N ARG D 88 -41.89 2.71 -35.11
CA ARG D 88 -41.88 1.25 -35.23
C ARG D 88 -43.22 0.64 -34.82
N ALA D 89 -44.10 1.42 -34.14
CA ALA D 89 -45.44 1.00 -33.72
C ALA D 89 -46.38 0.77 -34.91
N SER D 90 -45.99 1.24 -36.11
CA SER D 90 -46.74 1.06 -37.36
C SER D 90 -46.64 -0.37 -37.86
N THR D 91 -45.50 -1.02 -37.59
CA THR D 91 -45.20 -2.40 -38.01
C THR D 91 -45.18 -3.39 -36.84
N THR D 92 -44.94 -2.90 -35.60
CA THR D 92 -44.81 -3.72 -34.40
C THR D 92 -45.85 -3.38 -33.32
N THR D 93 -46.41 -4.40 -32.65
CA THR D 93 -47.39 -4.28 -31.55
C THR D 93 -46.68 -3.72 -30.32
N PRO D 94 -47.39 -3.01 -29.38
CA PRO D 94 -46.70 -2.48 -28.17
C PRO D 94 -45.97 -3.53 -27.34
N ALA D 95 -46.52 -4.77 -27.20
CA ALA D 95 -45.90 -5.85 -26.43
C ALA D 95 -44.63 -6.37 -27.07
N ASP D 96 -44.58 -6.41 -28.41
CA ASP D 96 -43.41 -6.87 -29.17
C ASP D 96 -42.30 -5.80 -29.17
N LEU D 97 -42.66 -4.54 -28.94
CA LEU D 97 -41.75 -3.39 -28.83
C LEU D 97 -41.02 -3.47 -27.49
N VAL D 98 -41.73 -3.90 -26.44
CA VAL D 98 -41.20 -4.12 -25.07
C VAL D 98 -40.29 -5.39 -25.08
N ARG D 99 -40.65 -6.41 -25.88
CA ARG D 99 -39.87 -7.62 -26.07
C ARG D 99 -38.57 -7.31 -26.80
N PHE D 100 -38.60 -6.33 -27.70
CA PHE D 100 -37.42 -5.85 -28.44
C PHE D 100 -36.48 -5.11 -27.50
N LEU D 101 -37.03 -4.21 -26.66
CA LEU D 101 -36.34 -3.44 -25.63
C LEU D 101 -35.64 -4.36 -24.62
N ASN D 102 -36.28 -5.49 -24.22
CA ASN D 102 -35.69 -6.49 -23.31
C ASN D 102 -34.52 -7.24 -23.98
N ARG D 103 -34.67 -7.54 -25.28
CA ARG D 103 -33.65 -8.24 -26.07
C ARG D 103 -32.45 -7.34 -26.32
N LEU D 104 -32.70 -6.08 -26.72
CA LEU D 104 -31.69 -5.07 -27.00
C LEU D 104 -30.91 -4.70 -25.75
N TYR D 105 -31.60 -4.43 -24.63
CA TYR D 105 -30.95 -4.02 -23.39
C TYR D 105 -30.31 -5.19 -22.67
N GLY D 106 -30.74 -6.42 -22.99
CA GLY D 106 -30.12 -7.63 -22.46
C GLY D 106 -28.71 -7.77 -22.98
N ALA D 107 -28.52 -7.45 -24.28
CA ALA D 107 -27.23 -7.43 -24.98
C ALA D 107 -26.33 -6.32 -24.42
N PHE D 108 -26.91 -5.16 -24.10
CA PHE D 108 -26.19 -4.01 -23.54
C PHE D 108 -25.77 -4.25 -22.10
N ASP D 109 -26.61 -4.96 -21.30
CA ASP D 109 -26.34 -5.31 -19.90
C ASP D 109 -25.15 -6.25 -19.82
N GLU D 110 -24.99 -7.13 -20.83
CA GLU D 110 -23.88 -8.08 -20.97
C GLU D 110 -22.59 -7.28 -21.17
N LEU D 111 -22.68 -6.18 -21.92
CA LEU D 111 -21.57 -5.28 -22.25
C LEU D 111 -21.12 -4.41 -21.09
N VAL D 112 -22.03 -4.01 -20.16
CA VAL D 112 -21.66 -3.18 -19.00
C VAL D 112 -20.84 -4.02 -18.00
N ASP D 113 -21.12 -5.34 -17.90
CA ASP D 113 -20.40 -6.28 -17.01
C ASP D 113 -19.01 -6.54 -17.57
N LYS D 114 -18.90 -6.67 -18.91
CA LYS D 114 -17.67 -6.87 -19.68
C LYS D 114 -16.70 -5.69 -19.44
N HIS D 115 -17.23 -4.45 -19.46
CA HIS D 115 -16.44 -3.23 -19.25
C HIS D 115 -16.32 -2.82 -17.78
N GLY D 116 -17.11 -3.49 -16.93
CA GLY D 116 -17.12 -3.27 -15.48
C GLY D 116 -17.62 -1.89 -15.11
N LEU D 117 -18.72 -1.47 -15.76
CA LEU D 117 -19.35 -0.17 -15.55
C LEU D 117 -20.69 -0.28 -14.86
N GLU D 118 -21.26 0.86 -14.45
CA GLU D 118 -22.50 0.91 -13.71
C GLU D 118 -23.71 1.29 -14.55
N LYS D 119 -24.64 0.34 -14.75
CA LYS D 119 -25.90 0.62 -15.45
C LYS D 119 -26.78 1.27 -14.39
N ILE D 120 -27.39 2.43 -14.72
CA ILE D 120 -28.22 3.14 -13.77
C ILE D 120 -29.68 2.77 -13.98
N LYS D 121 -30.27 3.25 -15.08
CA LYS D 121 -31.68 3.04 -15.39
C LYS D 121 -31.95 3.02 -16.92
N VAL D 122 -33.20 2.74 -17.25
CA VAL D 122 -33.72 2.69 -18.59
C VAL D 122 -34.97 3.58 -18.59
N SER D 123 -34.90 4.73 -19.26
CA SER D 123 -36.06 5.61 -19.36
C SER D 123 -36.76 5.33 -20.68
N GLY D 124 -37.41 4.18 -20.71
CA GLY D 124 -38.13 3.68 -21.88
C GLY D 124 -37.18 3.30 -22.99
N ASP D 125 -36.91 4.26 -23.84
CA ASP D 125 -36.05 4.19 -25.01
C ASP D 125 -34.56 4.53 -24.71
N SER D 126 -34.31 5.20 -23.56
CA SER D 126 -33.02 5.69 -23.13
C SER D 126 -32.36 4.68 -22.22
N TYR D 127 -31.03 4.67 -22.23
CA TYR D 127 -30.24 3.73 -21.46
C TYR D 127 -29.10 4.51 -20.80
N MET D 128 -29.03 4.48 -19.45
CA MET D 128 -28.00 5.21 -18.69
C MET D 128 -26.95 4.32 -18.09
N VAL D 129 -25.68 4.62 -18.41
CA VAL D 129 -24.46 3.94 -17.92
C VAL D 129 -23.56 5.03 -17.36
N VAL D 130 -22.99 4.80 -16.17
CA VAL D 130 -22.09 5.71 -15.48
C VAL D 130 -20.77 4.98 -15.21
N SER D 131 -19.66 5.71 -15.36
CA SER D 131 -18.32 5.24 -15.13
C SER D 131 -17.72 6.09 -14.00
N GLY D 132 -17.42 5.45 -12.87
CA GLY D 132 -16.88 6.14 -11.70
C GLY D 132 -17.67 5.96 -10.43
N VAL D 133 -18.81 5.25 -10.49
CA VAL D 133 -19.65 4.94 -9.33
C VAL D 133 -19.84 3.42 -9.18
N PRO D 134 -19.70 2.84 -7.95
CA PRO D 134 -19.41 3.49 -6.66
C PRO D 134 -17.93 3.77 -6.40
N ARG D 135 -17.03 3.01 -7.04
CA ARG D 135 -15.59 3.20 -6.88
C ARG D 135 -15.05 4.05 -8.02
N ALA D 136 -14.27 5.09 -7.70
CA ALA D 136 -13.69 5.95 -8.72
C ALA D 136 -12.51 5.27 -9.40
N ARG D 137 -12.33 5.53 -10.69
CA ARG D 137 -11.25 5.00 -11.51
C ARG D 137 -10.62 6.15 -12.34
N PRO D 138 -9.27 6.21 -12.46
CA PRO D 138 -8.66 7.31 -13.23
C PRO D 138 -9.00 7.31 -14.72
N ASP D 139 -9.37 6.14 -15.26
CA ASP D 139 -9.70 5.92 -16.66
C ASP D 139 -11.22 5.92 -16.89
N HIS D 140 -12.01 6.57 -15.98
CA HIS D 140 -13.47 6.64 -16.05
C HIS D 140 -14.00 7.12 -17.43
N ALA D 141 -13.34 8.15 -18.00
CA ALA D 141 -13.69 8.70 -19.31
C ALA D 141 -13.31 7.76 -20.45
N PHE D 142 -12.14 7.11 -20.37
CA PHE D 142 -11.65 6.17 -21.39
C PHE D 142 -12.47 4.87 -21.41
N ALA D 143 -12.83 4.36 -20.22
CA ALA D 143 -13.60 3.13 -20.03
C ALA D 143 -15.01 3.25 -20.61
N LEU D 144 -15.64 4.44 -20.44
CA LEU D 144 -16.98 4.71 -20.97
C LEU D 144 -16.92 4.95 -22.46
N ALA D 145 -15.80 5.53 -22.95
CA ALA D 145 -15.55 5.78 -24.37
C ALA D 145 -15.37 4.46 -25.11
N ASP D 146 -14.59 3.51 -24.53
CA ASP D 146 -14.37 2.16 -25.07
C ASP D 146 -15.69 1.38 -25.10
N PHE D 147 -16.55 1.61 -24.08
CA PHE D 147 -17.87 1.00 -23.96
C PHE D 147 -18.82 1.54 -25.04
N ALA D 148 -18.86 2.89 -25.21
CA ALA D 148 -19.69 3.60 -26.18
C ALA D 148 -19.43 3.11 -27.61
N LEU D 149 -18.14 2.90 -27.96
CA LEU D 149 -17.70 2.42 -29.27
C LEU D 149 -18.08 0.95 -29.48
N ASP D 150 -17.97 0.14 -28.41
CA ASP D 150 -18.33 -1.28 -28.43
C ASP D 150 -19.85 -1.43 -28.57
N MET D 151 -20.62 -0.54 -27.89
CA MET D 151 -22.07 -0.48 -27.91
C MET D 151 -22.58 -0.12 -29.30
N ALA D 152 -21.88 0.80 -29.99
CA ALA D 152 -22.18 1.22 -31.36
C ALA D 152 -22.05 0.04 -32.33
N ASN D 153 -21.01 -0.82 -32.13
CA ASN D 153 -20.73 -2.01 -32.93
C ASN D 153 -21.74 -3.13 -32.65
N VAL D 154 -22.18 -3.27 -31.39
CA VAL D 154 -23.16 -4.26 -30.94
C VAL D 154 -24.55 -3.93 -31.55
N ALA D 155 -24.95 -2.65 -31.50
CA ALA D 155 -26.22 -2.18 -32.05
C ALA D 155 -26.29 -2.32 -33.59
N ALA D 156 -25.14 -2.08 -34.28
CA ALA D 156 -25.04 -2.18 -35.74
C ALA D 156 -25.25 -3.61 -36.24
N ALA D 157 -24.82 -4.61 -35.44
CA ALA D 157 -24.98 -6.03 -35.74
C ALA D 157 -26.43 -6.49 -35.49
N LEU D 158 -27.14 -5.82 -34.58
CA LEU D 158 -28.52 -6.13 -34.21
C LEU D 158 -29.57 -5.54 -35.16
N LYS D 159 -30.74 -6.20 -35.23
CA LYS D 159 -31.88 -5.79 -36.06
C LYS D 159 -33.16 -5.73 -35.22
N ASP D 160 -34.09 -4.84 -35.60
CA ASP D 160 -35.39 -4.63 -34.94
C ASP D 160 -36.37 -5.79 -35.29
N PRO D 161 -37.52 -5.97 -34.56
CA PRO D 161 -38.41 -7.11 -34.86
C PRO D 161 -38.94 -7.19 -36.29
N HIS D 162 -38.98 -6.05 -37.00
CA HIS D 162 -39.43 -5.94 -38.39
C HIS D 162 -38.30 -6.32 -39.40
N GLY D 163 -37.06 -6.44 -38.91
CA GLY D 163 -35.89 -6.80 -39.70
C GLY D 163 -35.03 -5.63 -40.15
N ASP D 164 -35.35 -4.40 -39.72
CA ASP D 164 -34.62 -3.17 -40.06
C ASP D 164 -33.51 -2.87 -39.04
N PRO D 165 -32.46 -2.05 -39.37
CA PRO D 165 -31.39 -1.77 -38.38
C PRO D 165 -31.84 -1.00 -37.14
N VAL D 166 -30.97 -0.97 -36.11
CA VAL D 166 -31.21 -0.26 -34.84
C VAL D 166 -30.25 0.97 -34.73
N PRO D 167 -30.60 2.13 -35.29
CA PRO D 167 -29.71 3.30 -35.17
C PRO D 167 -29.83 3.92 -33.78
N LEU D 168 -28.69 4.32 -33.21
CA LEU D 168 -28.63 4.92 -31.88
C LEU D 168 -28.09 6.36 -31.92
N ARG D 169 -28.52 7.16 -30.95
CA ARG D 169 -28.05 8.50 -30.67
C ARG D 169 -27.35 8.35 -29.31
N MET D 170 -26.06 8.68 -29.24
CA MET D 170 -25.27 8.54 -28.01
C MET D 170 -24.61 9.84 -27.62
N GLY D 171 -24.63 10.10 -26.32
CA GLY D 171 -24.04 11.30 -25.75
C GLY D 171 -23.42 11.06 -24.40
N MET D 172 -22.27 11.64 -24.15
CA MET D 172 -21.65 11.49 -22.85
C MET D 172 -21.03 12.80 -22.38
N ALA D 173 -20.66 12.82 -21.09
CA ALA D 173 -20.17 13.97 -20.37
C ALA D 173 -19.57 13.53 -19.04
N CYS D 174 -18.79 14.42 -18.40
CA CYS D 174 -18.17 14.15 -17.12
C CYS D 174 -18.19 15.37 -16.19
N GLY D 175 -17.97 15.13 -14.90
CA GLY D 175 -17.96 16.15 -13.87
C GLY D 175 -18.52 15.69 -12.54
N PRO D 176 -18.72 16.63 -11.57
CA PRO D 176 -19.26 16.23 -10.26
C PRO D 176 -20.70 15.74 -10.33
N VAL D 177 -20.99 14.64 -9.62
CA VAL D 177 -22.30 14.01 -9.58
C VAL D 177 -22.68 13.62 -8.15
N VAL D 178 -24.00 13.56 -7.86
CA VAL D 178 -24.55 13.08 -6.58
C VAL D 178 -25.31 11.80 -6.92
N ALA D 179 -24.98 10.70 -6.21
CA ALA D 179 -25.61 9.40 -6.44
C ALA D 179 -26.31 8.90 -5.18
N GLY D 180 -27.51 8.39 -5.34
CA GLY D 180 -28.27 7.89 -4.21
C GLY D 180 -29.67 7.40 -4.47
N VAL D 181 -30.38 7.16 -3.38
CA VAL D 181 -31.74 6.60 -3.34
C VAL D 181 -32.73 7.63 -2.79
N VAL D 182 -33.87 7.83 -3.50
CA VAL D 182 -34.98 8.70 -3.09
C VAL D 182 -36.31 7.89 -3.06
N GLY D 183 -37.20 8.27 -2.14
CA GLY D 183 -38.49 7.60 -1.97
C GLY D 183 -38.45 6.42 -1.02
N SER D 184 -39.62 6.00 -0.54
CA SER D 184 -39.77 4.89 0.42
C SER D 184 -40.04 3.53 -0.25
N ARG D 185 -40.68 3.53 -1.42
CA ARG D 185 -40.98 2.30 -2.17
C ARG D 185 -40.55 2.45 -3.62
N ARG D 186 -40.38 1.33 -4.33
CA ARG D 186 -39.97 1.27 -5.76
C ARG D 186 -38.75 2.13 -6.04
N PHE D 187 -37.82 2.16 -5.10
CA PHE D 187 -36.61 2.95 -5.16
C PHE D 187 -35.47 2.23 -5.89
N PHE D 188 -34.55 3.01 -6.44
CA PHE D 188 -33.38 2.53 -7.14
C PHE D 188 -32.29 3.54 -6.92
N TYR D 189 -31.09 3.13 -7.25
CA TYR D 189 -29.91 3.96 -7.16
C TYR D 189 -29.79 4.84 -8.41
N ASP D 190 -29.97 6.15 -8.22
CA ASP D 190 -29.93 7.13 -9.33
C ASP D 190 -28.75 8.11 -9.20
N VAL D 191 -28.41 8.80 -10.31
CA VAL D 191 -27.35 9.81 -10.36
C VAL D 191 -27.95 11.17 -10.84
N TRP D 192 -27.47 12.27 -10.27
CA TRP D 192 -27.92 13.61 -10.57
C TRP D 192 -26.69 14.54 -10.69
N GLY D 193 -26.80 15.57 -11.49
CA GLY D 193 -25.72 16.55 -11.65
C GLY D 193 -25.62 17.19 -13.01
N ASP D 194 -24.59 18.03 -13.19
CA ASP D 194 -24.34 18.72 -14.47
C ASP D 194 -23.96 17.73 -15.57
N ALA D 195 -23.11 16.74 -15.26
CA ALA D 195 -22.66 15.72 -16.20
C ALA D 195 -23.80 14.94 -16.80
N VAL D 196 -24.84 14.59 -16.01
CA VAL D 196 -25.99 13.84 -16.52
C VAL D 196 -26.88 14.80 -17.37
N ASN D 197 -26.88 16.09 -17.03
CA ASN D 197 -27.64 17.11 -17.75
C ASN D 197 -27.06 17.41 -19.15
N VAL D 198 -25.72 17.55 -19.27
CA VAL D 198 -25.13 17.81 -20.58
C VAL D 198 -25.02 16.48 -21.40
N ALA D 199 -24.91 15.30 -20.75
CA ALA D 199 -24.86 14.01 -21.48
C ALA D 199 -26.20 13.71 -22.13
N SER D 200 -27.27 14.15 -21.45
CA SER D 200 -28.63 14.03 -21.92
C SER D 200 -28.75 14.86 -23.19
N ARG D 201 -28.28 16.14 -23.17
CA ARG D 201 -28.30 17.09 -24.29
C ARG D 201 -27.42 16.61 -25.42
N MET D 202 -26.26 16.01 -25.11
CA MET D 202 -25.32 15.44 -26.09
C MET D 202 -25.97 14.26 -26.84
N GLU D 203 -26.90 13.53 -26.19
CA GLU D 203 -27.62 12.44 -26.83
C GLU D 203 -28.72 13.00 -27.76
N SER D 204 -29.63 13.85 -27.22
CA SER D 204 -30.78 14.41 -27.95
C SER D 204 -30.42 15.28 -29.14
N THR D 205 -29.31 16.03 -29.07
CA THR D 205 -28.88 16.90 -30.18
C THR D 205 -27.88 16.21 -31.15
N ASP D 206 -27.59 14.93 -30.92
CA ASP D 206 -26.67 14.11 -31.70
C ASP D 206 -27.26 13.67 -33.05
N SER D 207 -26.38 13.41 -34.04
CA SER D 207 -26.74 12.87 -35.34
C SER D 207 -26.68 11.34 -35.19
N VAL D 208 -27.57 10.62 -35.89
CA VAL D 208 -27.70 9.16 -35.76
C VAL D 208 -26.38 8.43 -36.13
N GLY D 209 -26.04 7.41 -35.34
CA GLY D 209 -24.85 6.59 -35.53
C GLY D 209 -23.54 7.24 -35.10
N ARG D 210 -23.62 8.30 -34.30
CA ARG D 210 -22.45 9.04 -33.80
C ARG D 210 -22.42 9.08 -32.26
N ILE D 211 -21.27 9.44 -31.67
CA ILE D 211 -21.09 9.58 -30.22
C ILE D 211 -20.67 11.03 -29.96
N GLN D 212 -21.61 11.87 -29.50
CA GLN D 212 -21.40 13.29 -29.21
C GLN D 212 -20.86 13.51 -27.79
N VAL D 213 -19.78 14.29 -27.68
CA VAL D 213 -19.12 14.64 -26.40
C VAL D 213 -18.84 16.16 -26.34
N PRO D 214 -18.95 16.82 -25.16
CA PRO D 214 -18.64 18.27 -25.12
C PRO D 214 -17.14 18.56 -25.17
N GLU D 215 -16.78 19.86 -25.28
CA GLU D 215 -15.38 20.31 -25.32
C GLU D 215 -14.57 19.85 -24.08
N ALA D 216 -15.23 19.75 -22.90
CA ALA D 216 -14.58 19.32 -21.65
C ALA D 216 -14.21 17.84 -21.65
N MET D 217 -15.01 17.00 -22.33
CA MET D 217 -14.79 15.55 -22.47
C MET D 217 -13.76 15.28 -23.56
N TYR D 218 -13.76 16.11 -24.63
CA TYR D 218 -12.80 16.04 -25.75
C TYR D 218 -11.37 16.19 -25.22
N GLU D 219 -11.13 17.19 -24.35
CA GLU D 219 -9.84 17.46 -23.73
C GLU D 219 -9.26 16.28 -22.96
N ARG D 220 -10.15 15.45 -22.37
CA ARG D 220 -9.81 14.26 -21.59
C ARG D 220 -9.61 13.00 -22.45
N LEU D 221 -10.14 13.01 -23.69
CA LEU D 221 -10.09 11.87 -24.60
C LEU D 221 -9.15 12.02 -25.80
N LYS D 222 -8.82 13.28 -26.19
CA LYS D 222 -7.99 13.63 -27.36
C LYS D 222 -6.61 12.95 -27.40
N ASN D 223 -6.06 12.53 -26.24
CA ASN D 223 -4.75 11.89 -26.17
C ASN D 223 -4.74 10.39 -26.51
N GLU D 224 -5.89 9.72 -26.33
CA GLU D 224 -6.02 8.28 -26.60
C GLU D 224 -7.10 7.94 -27.66
N PHE D 225 -7.94 8.92 -28.05
CA PHE D 225 -9.03 8.71 -29.00
C PHE D 225 -9.03 9.70 -30.15
N VAL D 226 -9.57 9.27 -31.29
CA VAL D 226 -9.75 10.09 -32.49
C VAL D 226 -11.13 10.78 -32.41
N LEU D 227 -11.13 12.11 -32.53
CA LEU D 227 -12.33 12.94 -32.44
C LEU D 227 -12.45 13.94 -33.59
N GLN D 228 -13.69 14.14 -34.07
CA GLN D 228 -14.03 15.03 -35.18
C GLN D 228 -14.92 16.17 -34.66
N GLU D 229 -14.51 17.43 -34.85
CA GLU D 229 -15.26 18.60 -34.39
C GLU D 229 -16.58 18.78 -35.16
N ARG D 230 -17.69 18.89 -34.42
CA ARG D 230 -19.01 19.13 -34.99
C ARG D 230 -19.22 20.64 -35.09
N GLY D 231 -18.90 21.37 -34.02
CA GLY D 231 -19.04 22.81 -33.91
C GLY D 231 -19.93 23.25 -32.77
N ARG D 232 -20.23 24.55 -32.73
CA ARG D 232 -21.07 25.17 -31.71
C ARG D 232 -22.55 24.86 -31.93
N ILE D 233 -23.19 24.23 -30.92
CA ILE D 233 -24.61 23.87 -30.94
C ILE D 233 -25.35 24.46 -29.75
N GLU D 234 -26.63 24.83 -29.96
CA GLU D 234 -27.51 25.38 -28.93
C GLU D 234 -28.09 24.25 -28.08
N VAL D 235 -27.89 24.33 -26.74
CA VAL D 235 -28.39 23.37 -25.76
C VAL D 235 -29.14 24.10 -24.64
N LYS D 236 -30.30 23.54 -24.23
CA LYS D 236 -31.16 24.11 -23.18
C LYS D 236 -30.48 24.11 -21.80
N GLY D 237 -30.47 25.27 -21.15
CA GLY D 237 -29.89 25.42 -19.81
C GLY D 237 -28.39 25.60 -19.72
N LYS D 238 -27.67 25.54 -20.86
CA LYS D 238 -26.21 25.68 -20.93
C LYS D 238 -25.77 26.76 -21.95
N GLY D 239 -26.67 27.12 -22.85
CA GLY D 239 -26.44 28.12 -23.90
C GLY D 239 -25.93 27.47 -25.17
N VAL D 240 -24.74 27.89 -25.62
CA VAL D 240 -24.08 27.34 -26.81
C VAL D 240 -22.74 26.70 -26.39
N MET D 241 -22.45 25.46 -26.85
CA MET D 241 -21.18 24.79 -26.51
C MET D 241 -20.57 24.03 -27.69
N ARG D 242 -19.21 23.97 -27.70
CA ARG D 242 -18.41 23.27 -28.70
C ARG D 242 -18.50 21.77 -28.50
N THR D 243 -18.80 21.05 -29.58
CA THR D 243 -18.99 19.60 -29.59
C THR D 243 -18.01 18.85 -30.50
N TRP D 244 -17.72 17.58 -30.12
CA TRP D 244 -16.85 16.66 -30.84
C TRP D 244 -17.51 15.28 -30.97
N TYR D 245 -17.15 14.52 -32.02
CA TYR D 245 -17.66 13.16 -32.29
C TYR D 245 -16.58 12.13 -32.00
N LEU D 246 -16.88 11.10 -31.20
CA LEU D 246 -15.94 10.02 -30.90
C LEU D 246 -15.96 9.03 -32.08
N ILE D 247 -14.82 8.92 -32.79
CA ILE D 247 -14.67 8.05 -33.97
C ILE D 247 -14.14 6.67 -33.59
N GLY D 248 -13.12 6.64 -32.73
CA GLY D 248 -12.50 5.40 -32.25
C GLY D 248 -11.22 5.63 -31.47
N ARG D 249 -10.54 4.51 -31.14
CA ARG D 249 -9.28 4.52 -30.41
C ARG D 249 -8.09 4.93 -31.28
N LYS D 250 -6.99 5.42 -30.65
CA LYS D 250 -5.76 5.88 -31.30
C LYS D 250 -5.19 4.84 -32.25
N ALA D 251 -4.80 5.29 -33.46
CA ALA D 251 -4.26 4.45 -34.52
C ALA D 251 -2.73 4.23 -34.36
N ASP D 252 -2.31 3.90 -33.13
CA ASP D 252 -0.91 3.64 -32.75
C ASP D 252 -0.84 2.90 -31.40
N GLU D 253 -0.16 1.72 -31.40
CA GLU D 253 0.08 0.83 -30.25
C GLU D 253 -1.13 0.65 -29.31
N THR E 30 6.23 -17.54 -9.32
CA THR E 30 5.06 -16.77 -9.70
C THR E 30 3.84 -17.13 -8.83
N GLN E 31 3.64 -18.45 -8.57
CA GLN E 31 2.54 -18.98 -7.76
C GLN E 31 2.68 -18.62 -6.28
N ARG E 32 3.92 -18.59 -5.76
CA ARG E 32 4.21 -18.25 -4.36
C ARG E 32 4.23 -16.73 -4.13
N ALA E 33 4.46 -15.94 -5.21
CA ALA E 33 4.48 -14.47 -5.18
C ALA E 33 3.07 -13.89 -5.05
N GLU E 34 2.05 -14.61 -5.57
CA GLU E 34 0.63 -14.23 -5.49
C GLU E 34 0.03 -14.63 -4.14
N ALA E 35 0.46 -15.79 -3.58
CA ALA E 35 0.01 -16.32 -2.29
C ALA E 35 0.42 -15.41 -1.13
N VAL E 36 1.65 -14.84 -1.18
CA VAL E 36 2.16 -13.93 -0.16
C VAL E 36 1.48 -12.54 -0.28
N MET E 37 1.08 -12.16 -1.52
CA MET E 37 0.40 -10.91 -1.86
C MET E 37 -1.03 -10.89 -1.29
N GLU E 38 -1.66 -12.08 -1.21
CA GLU E 38 -3.00 -12.27 -0.66
C GLU E 38 -2.95 -12.45 0.85
N ALA E 39 -1.86 -13.06 1.37
CA ALA E 39 -1.62 -13.26 2.81
C ALA E 39 -1.43 -11.91 3.49
N GLU E 40 -0.82 -10.94 2.77
CA GLU E 40 -0.61 -9.57 3.24
C GLU E 40 -1.91 -8.77 3.11
N TYR E 41 -2.76 -9.13 2.14
CA TYR E 41 -4.07 -8.51 1.92
C TYR E 41 -5.04 -8.95 3.02
N GLU E 42 -4.96 -10.24 3.42
CA GLU E 42 -5.75 -10.86 4.49
C GLU E 42 -5.48 -10.16 5.82
N ARG E 43 -4.19 -9.92 6.15
CA ARG E 43 -3.73 -9.24 7.37
C ARG E 43 -4.20 -7.78 7.39
N SER E 44 -4.17 -7.13 6.22
CA SER E 44 -4.58 -5.75 6.01
C SER E 44 -6.11 -5.58 6.20
N GLU E 45 -6.87 -6.51 5.60
CA GLU E 45 -8.34 -6.53 5.66
C GLU E 45 -8.83 -6.88 7.06
N ALA E 46 -8.08 -7.75 7.78
CA ALA E 46 -8.38 -8.18 9.15
C ALA E 46 -8.17 -7.05 10.15
N LEU E 47 -7.19 -6.16 9.88
CA LEU E 47 -6.89 -5.00 10.71
C LEU E 47 -8.04 -3.99 10.53
N LEU E 48 -8.39 -3.74 9.25
CA LEU E 48 -9.45 -2.84 8.82
C LEU E 48 -10.83 -3.26 9.38
N ALA E 49 -11.08 -4.57 9.47
CA ALA E 49 -12.33 -5.15 10.00
C ALA E 49 -12.44 -4.94 11.52
N ASN E 50 -11.29 -4.95 12.21
CA ASN E 50 -11.18 -4.76 13.65
C ASN E 50 -11.40 -3.29 14.05
N MET E 51 -10.98 -2.36 13.17
CA MET E 51 -11.04 -0.92 13.39
C MET E 51 -12.38 -0.28 13.04
N LEU E 52 -13.07 -0.80 12.02
CA LEU E 52 -14.36 -0.24 11.56
C LEU E 52 -15.44 -1.31 11.36
N PRO E 53 -16.75 -0.97 11.53
CA PRO E 53 -17.81 -1.92 11.18
C PRO E 53 -17.77 -2.18 9.67
N GLY E 54 -18.01 -3.43 9.28
CA GLY E 54 -17.96 -3.90 7.90
C GLY E 54 -18.38 -2.94 6.81
N SER E 55 -19.65 -2.45 6.88
CA SER E 55 -20.25 -1.53 5.89
C SER E 55 -19.54 -0.20 5.83
N ILE E 56 -19.07 0.31 7.00
CA ILE E 56 -18.35 1.58 7.14
C ILE E 56 -17.01 1.52 6.41
N ALA E 57 -16.24 0.41 6.57
CA ALA E 57 -14.96 0.19 5.88
C ALA E 57 -15.14 0.22 4.38
N GLU E 58 -16.23 -0.40 3.88
CA GLU E 58 -16.62 -0.46 2.47
C GLU E 58 -16.95 0.95 1.94
N ARG E 59 -17.67 1.74 2.75
CA ARG E 59 -18.06 3.12 2.44
C ARG E 59 -16.86 4.04 2.39
N LEU E 60 -15.89 3.85 3.30
CA LEU E 60 -14.66 4.64 3.33
C LEU E 60 -13.74 4.28 2.15
N LYS E 61 -13.79 3.02 1.68
CA LYS E 61 -13.02 2.55 0.53
C LYS E 61 -13.60 3.09 -0.78
N SER E 62 -14.91 3.47 -0.79
CA SER E 62 -15.58 4.09 -1.95
C SER E 62 -15.10 5.53 -2.10
N SER E 63 -15.34 6.17 -3.25
CA SER E 63 -14.85 7.53 -3.45
C SER E 63 -15.89 8.62 -3.13
N SER E 64 -16.80 8.32 -2.18
CA SER E 64 -17.81 9.27 -1.74
C SER E 64 -17.20 10.43 -0.93
N ARG E 65 -17.53 11.67 -1.30
CA ARG E 65 -17.08 12.91 -0.67
C ARG E 65 -18.09 13.33 0.41
N SER E 66 -19.21 12.58 0.54
CA SER E 66 -20.26 12.86 1.52
C SER E 66 -19.83 12.35 2.88
N VAL E 67 -20.39 12.98 3.93
CA VAL E 67 -20.15 12.67 5.33
C VAL E 67 -20.98 11.44 5.69
N ILE E 68 -20.40 10.49 6.44
CA ILE E 68 -21.08 9.30 6.97
C ILE E 68 -21.77 9.77 8.25
N ALA E 69 -23.08 9.96 8.17
CA ALA E 69 -23.93 10.38 9.29
C ALA E 69 -25.27 9.69 9.10
N ASP E 70 -25.53 8.65 9.90
CA ASP E 70 -26.75 7.85 9.80
C ASP E 70 -27.59 8.01 11.04
N LYS E 71 -28.86 8.38 10.85
CA LYS E 71 -29.81 8.55 11.93
C LYS E 71 -30.34 7.19 12.37
N TYR E 72 -30.33 6.91 13.67
CA TYR E 72 -30.84 5.68 14.29
C TYR E 72 -31.82 6.10 15.37
N ASP E 73 -33.07 5.61 15.28
CA ASP E 73 -34.16 5.99 16.17
C ASP E 73 -34.05 5.52 17.62
N GLU E 74 -33.67 4.26 17.88
CA GLU E 74 -33.64 3.82 19.27
C GLU E 74 -32.45 2.92 19.60
N VAL E 75 -31.38 3.54 20.13
CA VAL E 75 -30.16 2.84 20.55
C VAL E 75 -29.85 3.15 22.02
N SER E 76 -29.21 2.21 22.72
CA SER E 76 -28.81 2.35 24.11
C SER E 76 -27.29 2.53 24.16
N VAL E 77 -26.80 3.51 24.95
CA VAL E 77 -25.37 3.79 25.05
C VAL E 77 -24.91 3.67 26.52
N LEU E 78 -23.74 3.04 26.73
CA LEU E 78 -23.11 2.81 28.01
C LEU E 78 -21.73 3.49 28.07
N PHE E 79 -21.45 4.14 29.21
CA PHE E 79 -20.17 4.74 29.53
C PHE E 79 -19.67 4.16 30.85
N ALA E 80 -18.48 3.55 30.84
CA ALA E 80 -17.82 2.99 32.02
C ALA E 80 -16.49 3.70 32.24
N ASP E 81 -16.22 4.15 33.48
CA ASP E 81 -15.01 4.88 33.83
C ASP E 81 -14.45 4.37 35.16
N ILE E 82 -13.13 4.17 35.23
CA ILE E 82 -12.41 3.71 36.42
C ILE E 82 -12.37 4.82 37.46
N VAL E 83 -12.69 4.48 38.71
CA VAL E 83 -12.68 5.41 39.84
C VAL E 83 -11.23 5.59 40.31
N GLY E 84 -10.82 6.85 40.49
CA GLY E 84 -9.50 7.25 40.97
C GLY E 84 -8.32 6.67 40.20
N PHE E 85 -8.32 6.85 38.87
CA PHE E 85 -7.26 6.35 37.99
C PHE E 85 -5.97 7.17 38.10
N THR E 86 -6.05 8.51 38.07
CA THR E 86 -4.92 9.45 38.14
C THR E 86 -4.07 9.26 39.40
N GLU E 87 -4.71 8.90 40.52
CA GLU E 87 -4.07 8.68 41.82
C GLU E 87 -3.17 7.44 41.84
N ARG E 88 -3.44 6.45 40.95
CA ARG E 88 -2.67 5.21 40.81
C ARG E 88 -1.26 5.45 40.26
N ALA E 89 -1.00 6.66 39.68
CA ALA E 89 0.30 7.08 39.15
C ALA E 89 1.36 7.23 40.24
N SER E 90 0.93 7.32 41.52
CA SER E 90 1.80 7.43 42.70
C SER E 90 2.49 6.09 42.99
N THR E 91 1.81 4.97 42.66
CA THR E 91 2.30 3.60 42.88
C THR E 91 2.70 2.88 41.59
N THR E 92 2.12 3.30 40.45
CA THR E 92 2.36 2.67 39.15
C THR E 92 2.96 3.65 38.12
N THR E 93 3.92 3.17 37.31
CA THR E 93 4.58 3.94 36.26
C THR E 93 3.56 4.25 35.15
N PRO E 94 3.70 5.36 34.37
CA PRO E 94 2.72 5.65 33.31
C PRO E 94 2.55 4.53 32.27
N ALA E 95 3.65 3.85 31.90
CA ALA E 95 3.62 2.73 30.92
C ALA E 95 2.88 1.50 31.45
N ASP E 96 3.00 1.21 32.76
CA ASP E 96 2.32 0.08 33.40
C ASP E 96 0.83 0.36 33.61
N LEU E 97 0.45 1.64 33.65
CA LEU E 97 -0.93 2.10 33.77
C LEU E 97 -1.66 1.88 32.44
N VAL E 98 -0.95 2.09 31.32
CA VAL E 98 -1.43 1.87 29.93
C VAL E 98 -1.54 0.35 29.69
N ARG E 99 -0.60 -0.45 30.27
CA ARG E 99 -0.59 -1.90 30.20
C ARG E 99 -1.78 -2.49 30.97
N PHE E 100 -2.18 -1.81 32.07
CA PHE E 100 -3.33 -2.18 32.89
C PHE E 100 -4.62 -1.91 32.11
N LEU E 101 -4.70 -0.74 31.44
CA LEU E 101 -5.82 -0.29 30.61
C LEU E 101 -6.06 -1.27 29.46
N ASN E 102 -4.98 -1.80 28.84
CA ASN E 102 -5.04 -2.80 27.76
C ASN E 102 -5.57 -4.13 28.26
N ARG E 103 -5.13 -4.53 29.48
CA ARG E 103 -5.52 -5.79 30.14
C ARG E 103 -7.00 -5.73 30.55
N LEU E 104 -7.41 -4.63 31.19
CA LEU E 104 -8.76 -4.39 31.67
C LEU E 104 -9.76 -4.31 30.51
N TYR E 105 -9.46 -3.51 29.47
CA TYR E 105 -10.34 -3.34 28.32
C TYR E 105 -10.31 -4.53 27.38
N GLY E 106 -9.26 -5.34 27.46
CA GLY E 106 -9.15 -6.58 26.68
C GLY E 106 -10.20 -7.57 27.13
N ALA E 107 -10.41 -7.62 28.47
CA ALA E 107 -11.41 -8.46 29.13
C ALA E 107 -12.82 -7.98 28.78
N PHE E 108 -13.00 -6.65 28.68
CA PHE E 108 -14.28 -6.01 28.34
C PHE E 108 -14.62 -6.20 26.87
N ASP E 109 -13.61 -6.18 25.97
CA ASP E 109 -13.78 -6.39 24.53
C ASP E 109 -14.26 -7.82 24.25
N GLU E 110 -13.81 -8.79 25.07
CA GLU E 110 -14.21 -10.19 25.01
C GLU E 110 -15.71 -10.31 25.38
N LEU E 111 -16.15 -9.47 26.31
CA LEU E 111 -17.53 -9.40 26.80
C LEU E 111 -18.51 -8.76 25.81
N VAL E 112 -18.05 -7.79 24.96
CA VAL E 112 -18.92 -7.15 23.97
C VAL E 112 -19.26 -8.15 22.84
N ASP E 113 -18.33 -9.07 22.51
CA ASP E 113 -18.51 -10.10 21.48
C ASP E 113 -19.49 -11.15 21.98
N LYS E 114 -19.38 -11.50 23.28
CA LYS E 114 -20.22 -12.47 24.00
C LYS E 114 -21.69 -12.01 23.98
N HIS E 115 -21.93 -10.70 24.20
CA HIS E 115 -23.26 -10.09 24.21
C HIS E 115 -23.71 -9.58 22.83
N GLY E 116 -22.79 -9.60 21.86
CA GLY E 116 -23.05 -9.17 20.48
C GLY E 116 -23.38 -7.70 20.36
N LEU E 117 -22.61 -6.85 21.07
CA LEU E 117 -22.79 -5.40 21.10
C LEU E 117 -21.67 -4.67 20.39
N GLU E 118 -21.85 -3.34 20.19
CA GLU E 118 -20.91 -2.50 19.48
C GLU E 118 -20.02 -1.66 20.38
N LYS E 119 -18.70 -1.98 20.41
CA LYS E 119 -17.73 -1.18 21.15
C LYS E 119 -17.43 0.03 20.26
N ILE E 120 -17.51 1.25 20.82
CA ILE E 120 -17.26 2.46 20.04
C ILE E 120 -15.83 2.93 20.22
N LYS E 121 -15.50 3.51 21.40
CA LYS E 121 -14.17 4.05 21.68
C LYS E 121 -13.75 3.93 23.14
N VAL E 122 -12.50 4.35 23.43
CA VAL E 122 -11.88 4.39 24.75
C VAL E 122 -11.26 5.81 24.90
N SER E 123 -11.89 6.65 25.74
CA SER E 123 -11.42 8.01 25.99
C SER E 123 -10.50 8.00 27.23
N GLY E 124 -9.35 7.34 27.07
CA GLY E 124 -8.36 7.15 28.12
C GLY E 124 -8.88 6.20 29.18
N ASP E 125 -9.58 6.78 30.17
CA ASP E 125 -10.19 6.07 31.30
C ASP E 125 -11.65 5.62 31.06
N SER E 126 -12.30 6.20 30.04
CA SER E 126 -13.69 5.92 29.68
C SER E 126 -13.78 4.82 28.62
N TYR E 127 -14.91 4.09 28.61
CA TYR E 127 -15.18 2.97 27.70
C TYR E 127 -16.61 3.09 27.17
N MET E 128 -16.79 3.16 25.82
CA MET E 128 -18.11 3.32 25.22
C MET E 128 -18.58 2.09 24.46
N VAL E 129 -19.79 1.61 24.82
CA VAL E 129 -20.48 0.46 24.20
C VAL E 129 -21.89 0.94 23.83
N VAL E 130 -22.34 0.62 22.63
CA VAL E 130 -23.66 0.97 22.13
C VAL E 130 -24.39 -0.32 21.73
N SER E 131 -25.71 -0.34 21.98
CA SER E 131 -26.61 -1.43 21.66
C SER E 131 -27.66 -0.88 20.71
N GLY E 132 -27.69 -1.39 19.49
CA GLY E 132 -28.64 -0.94 18.46
C GLY E 132 -28.02 -0.45 17.16
N VAL E 133 -26.68 -0.39 17.10
CA VAL E 133 -25.93 0.00 15.89
C VAL E 133 -24.98 -1.14 15.45
N PRO E 134 -24.90 -1.47 14.13
CA PRO E 134 -25.64 -0.89 13.00
C PRO E 134 -27.06 -1.43 12.82
N ARG E 135 -27.34 -2.66 13.30
CA ARG E 135 -28.66 -3.28 13.18
C ARG E 135 -29.44 -3.07 14.47
N ALA E 136 -30.69 -2.60 14.33
CA ALA E 136 -31.55 -2.36 15.49
C ALA E 136 -32.10 -3.66 16.03
N ARG E 137 -32.23 -3.75 17.36
CA ARG E 137 -32.78 -4.91 18.07
C ARG E 137 -33.83 -4.45 19.09
N PRO E 138 -34.99 -5.12 19.24
CA PRO E 138 -36.01 -4.64 20.19
C PRO E 138 -35.58 -4.69 21.66
N ASP E 139 -34.60 -5.55 21.97
CA ASP E 139 -34.04 -5.78 23.30
C ASP E 139 -32.74 -4.99 23.53
N HIS E 140 -32.52 -3.90 22.75
CA HIS E 140 -31.32 -3.06 22.84
C HIS E 140 -31.01 -2.59 24.28
N ALA E 141 -32.04 -2.18 25.03
CA ALA E 141 -31.91 -1.72 26.41
C ALA E 141 -31.61 -2.89 27.37
N PHE E 142 -32.27 -4.06 27.18
CA PHE E 142 -32.07 -5.25 28.00
C PHE E 142 -30.68 -5.87 27.78
N ALA E 143 -30.22 -5.93 26.52
CA ALA E 143 -28.93 -6.48 26.12
C ALA E 143 -27.76 -5.70 26.69
N LEU E 144 -27.88 -4.36 26.76
CA LEU E 144 -26.86 -3.47 27.32
C LEU E 144 -26.90 -3.52 28.83
N ALA E 145 -28.09 -3.73 29.42
CA ALA E 145 -28.29 -3.88 30.86
C ALA E 145 -27.65 -5.18 31.35
N ASP E 146 -27.84 -6.29 30.60
CA ASP E 146 -27.24 -7.60 30.90
C ASP E 146 -25.73 -7.53 30.79
N PHE E 147 -25.23 -6.72 29.84
CA PHE E 147 -23.82 -6.47 29.61
C PHE E 147 -23.21 -5.66 30.77
N ALA E 148 -23.88 -4.57 31.17
CA ALA E 148 -23.48 -3.68 32.26
C ALA E 148 -23.29 -4.44 33.58
N LEU E 149 -24.22 -5.36 33.89
CA LEU E 149 -24.20 -6.19 35.09
C LEU E 149 -23.08 -7.23 35.03
N ASP E 150 -22.84 -7.80 33.83
CA ASP E 150 -21.78 -8.78 33.61
C ASP E 150 -20.40 -8.10 33.74
N MET E 151 -20.31 -6.85 33.22
CA MET E 151 -19.12 -5.99 33.26
C MET E 151 -18.75 -5.64 34.70
N ALA E 152 -19.78 -5.36 35.54
CA ALA E 152 -19.62 -5.03 36.95
C ALA E 152 -19.01 -6.22 37.71
N ASN E 153 -19.44 -7.45 37.35
CA ASN E 153 -18.96 -8.71 37.95
C ASN E 153 -17.53 -9.03 37.50
N VAL E 154 -17.20 -8.75 36.23
CA VAL E 154 -15.88 -8.98 35.63
C VAL E 154 -14.85 -8.05 36.31
N ALA E 155 -15.20 -6.75 36.45
CA ALA E 155 -14.36 -5.74 37.09
C ALA E 155 -14.09 -6.00 38.57
N ALA E 156 -15.11 -6.51 39.30
CA ALA E 156 -15.03 -6.84 40.73
C ALA E 156 -14.02 -7.96 41.00
N ALA E 157 -13.92 -8.94 40.08
CA ALA E 157 -12.99 -10.06 40.15
C ALA E 157 -11.55 -9.63 39.83
N LEU E 158 -11.41 -8.57 39.01
CA LEU E 158 -10.11 -8.04 38.58
C LEU E 158 -9.46 -7.10 39.60
N LYS E 159 -8.11 -7.04 39.58
CA LYS E 159 -7.29 -6.19 40.45
C LYS E 159 -6.31 -5.33 39.64
N ASP E 160 -5.97 -4.14 40.15
CA ASP E 160 -5.05 -3.20 39.52
C ASP E 160 -3.57 -3.68 39.69
N PRO E 161 -2.56 -3.15 38.92
CA PRO E 161 -1.18 -3.65 39.06
C PRO E 161 -0.57 -3.58 40.46
N HIS E 162 -1.09 -2.67 41.33
CA HIS E 162 -0.65 -2.51 42.71
C HIS E 162 -1.31 -3.54 43.65
N GLY E 163 -2.33 -4.25 43.15
CA GLY E 163 -3.06 -5.29 43.89
C GLY E 163 -4.37 -4.85 44.52
N ASP E 164 -4.79 -3.60 44.28
CA ASP E 164 -6.02 -3.02 44.82
C ASP E 164 -7.21 -3.25 43.86
N PRO E 165 -8.49 -3.19 44.32
CA PRO E 165 -9.63 -3.42 43.39
C PRO E 165 -9.79 -2.37 42.30
N VAL E 166 -10.63 -2.66 41.29
CA VAL E 166 -10.90 -1.76 40.17
C VAL E 166 -12.37 -1.27 40.25
N PRO E 167 -12.66 -0.18 41.02
CA PRO E 167 -14.04 0.31 41.09
C PRO E 167 -14.41 1.09 39.84
N LEU E 168 -15.63 0.85 39.33
CA LEU E 168 -16.13 1.50 38.13
C LEU E 168 -17.36 2.35 38.41
N ARG E 169 -17.52 3.38 37.58
CA ARG E 169 -18.67 4.27 37.55
C ARG E 169 -19.30 3.96 36.20
N MET E 170 -20.57 3.53 36.19
CA MET E 170 -21.27 3.18 34.96
C MET E 170 -22.56 3.94 34.80
N GLY E 171 -22.83 4.35 33.58
CA GLY E 171 -24.02 5.10 33.21
C GLY E 171 -24.55 4.71 31.87
N MET E 172 -25.88 4.53 31.77
CA MET E 172 -26.59 4.14 30.55
C MET E 172 -27.70 5.13 30.22
N ALA E 173 -28.15 5.14 28.94
CA ALA E 173 -29.24 5.96 28.41
C ALA E 173 -29.64 5.47 27.04
N CYS E 174 -30.85 5.86 26.58
CA CYS E 174 -31.36 5.49 25.26
C CYS E 174 -32.12 6.63 24.57
N GLY E 175 -32.29 6.51 23.25
CA GLY E 175 -32.98 7.49 22.43
C GLY E 175 -32.40 7.65 21.04
N PRO E 176 -32.82 8.69 20.28
CA PRO E 176 -32.29 8.87 18.92
C PRO E 176 -30.82 9.28 18.90
N VAL E 177 -30.04 8.64 18.02
CA VAL E 177 -28.61 8.85 17.87
C VAL E 177 -28.20 8.98 16.40
N VAL E 178 -27.07 9.66 16.14
CA VAL E 178 -26.46 9.80 14.81
C VAL E 178 -25.09 9.10 14.92
N ALA E 179 -24.83 8.14 14.02
CA ALA E 179 -23.60 7.36 14.02
C ALA E 179 -22.86 7.56 12.71
N GLY E 180 -21.55 7.76 12.81
CA GLY E 180 -20.73 7.95 11.64
C GLY E 180 -19.29 8.33 11.87
N VAL E 181 -18.65 8.85 10.82
CA VAL E 181 -17.24 9.22 10.75
C VAL E 181 -17.09 10.73 10.48
N VAL E 182 -16.18 11.41 11.21
CA VAL E 182 -15.86 12.84 11.03
C VAL E 182 -14.34 13.01 10.77
N GLY E 183 -13.98 13.99 9.94
CA GLY E 183 -12.59 14.28 9.59
C GLY E 183 -12.05 13.49 8.42
N SER E 184 -10.90 13.91 7.87
CA SER E 184 -10.27 13.24 6.74
C SER E 184 -9.23 12.18 7.12
N ARG E 185 -8.57 12.34 8.28
CA ARG E 185 -7.58 11.37 8.76
C ARG E 185 -7.82 11.05 10.24
N ARG E 186 -7.26 9.90 10.72
CA ARG E 186 -7.38 9.40 12.10
C ARG E 186 -8.85 9.39 12.57
N PHE E 187 -9.71 8.96 11.64
CA PHE E 187 -11.14 8.88 11.84
C PHE E 187 -11.55 7.50 12.35
N PHE E 188 -12.69 7.46 13.03
CA PHE E 188 -13.25 6.22 13.56
C PHE E 188 -14.77 6.36 13.56
N TYR E 189 -15.47 5.25 13.72
CA TYR E 189 -16.92 5.19 13.78
C TYR E 189 -17.37 5.57 15.18
N ASP E 190 -18.04 6.72 15.30
CA ASP E 190 -18.51 7.28 16.58
C ASP E 190 -20.03 7.47 16.58
N VAL E 191 -20.62 7.70 17.77
CA VAL E 191 -22.05 7.97 17.97
C VAL E 191 -22.24 9.32 18.69
N TRP E 192 -23.27 10.06 18.32
CA TRP E 192 -23.60 11.37 18.88
C TRP E 192 -25.10 11.44 19.12
N GLY E 193 -25.52 12.30 20.05
CA GLY E 193 -26.93 12.51 20.37
C GLY E 193 -27.23 12.76 21.83
N ASP E 194 -28.53 12.87 22.16
CA ASP E 194 -29.00 13.07 23.53
C ASP E 194 -28.66 11.88 24.42
N ALA E 195 -28.86 10.64 23.92
CA ALA E 195 -28.59 9.40 24.66
C ALA E 195 -27.14 9.29 25.12
N VAL E 196 -26.15 9.71 24.26
CA VAL E 196 -24.73 9.64 24.64
C VAL E 196 -24.41 10.78 25.62
N ASN E 197 -25.15 11.90 25.53
CA ASN E 197 -24.99 13.03 26.43
C ASN E 197 -25.46 12.72 27.85
N VAL E 198 -26.65 12.11 28.01
CA VAL E 198 -27.15 11.80 29.35
C VAL E 198 -26.45 10.53 29.91
N ALA E 199 -25.98 9.59 29.05
CA ALA E 199 -25.24 8.40 29.53
C ALA E 199 -23.88 8.78 30.10
N SER E 200 -23.26 9.83 29.54
CA SER E 200 -21.97 10.36 30.02
C SER E 200 -22.18 11.04 31.37
N ARG E 201 -23.33 11.73 31.56
CA ARG E 201 -23.71 12.40 32.81
C ARG E 201 -24.10 11.34 33.85
N MET E 202 -24.78 10.24 33.43
CA MET E 202 -25.15 9.12 34.29
C MET E 202 -23.91 8.41 34.81
N GLU E 203 -22.80 8.43 34.05
CA GLU E 203 -21.54 7.84 34.49
C GLU E 203 -20.83 8.76 35.50
N SER E 204 -20.58 10.04 35.12
CA SER E 204 -19.87 11.03 35.94
C SER E 204 -20.53 11.37 37.27
N THR E 205 -21.87 11.37 37.33
CA THR E 205 -22.62 11.69 38.55
C THR E 205 -22.98 10.44 39.39
N ASP E 206 -22.53 9.25 38.93
CA ASP E 206 -22.80 7.96 39.57
C ASP E 206 -21.93 7.72 40.80
N SER E 207 -22.42 6.88 41.73
CA SER E 207 -21.71 6.43 42.93
C SER E 207 -20.95 5.18 42.53
N VAL E 208 -19.73 4.98 43.06
CA VAL E 208 -18.85 3.87 42.69
C VAL E 208 -19.52 2.49 42.93
N GLY E 209 -19.32 1.58 41.97
CA GLY E 209 -19.85 0.22 41.97
C GLY E 209 -21.33 0.09 41.68
N ARG E 210 -21.93 1.13 41.08
CA ARG E 210 -23.35 1.17 40.72
C ARG E 210 -23.54 1.42 39.22
N ILE E 211 -24.77 1.16 38.70
CA ILE E 211 -25.13 1.40 37.30
C ILE E 211 -26.30 2.38 37.30
N GLN E 212 -26.00 3.66 37.00
CA GLN E 212 -26.98 4.75 36.95
C GLN E 212 -27.70 4.83 35.60
N VAL E 213 -29.04 4.90 35.64
CA VAL E 213 -29.90 5.00 34.45
C VAL E 213 -30.99 6.09 34.65
N PRO E 214 -31.37 6.87 33.60
CA PRO E 214 -32.42 7.88 33.81
C PRO E 214 -33.83 7.28 33.91
N GLU E 215 -34.84 8.13 34.25
CA GLU E 215 -36.24 7.74 34.38
C GLU E 215 -36.81 7.08 33.09
N ALA E 216 -36.33 7.52 31.91
CA ALA E 216 -36.76 7.01 30.61
C ALA E 216 -36.25 5.58 30.37
N MET E 217 -35.06 5.27 30.91
CA MET E 217 -34.40 3.96 30.82
C MET E 217 -35.07 2.99 31.78
N TYR E 218 -35.40 3.48 33.00
CA TYR E 218 -36.06 2.75 34.07
C TYR E 218 -37.39 2.17 33.59
N GLU E 219 -38.22 2.99 32.91
CA GLU E 219 -39.53 2.58 32.36
C GLU E 219 -39.44 1.39 31.39
N ARG E 220 -38.31 1.30 30.65
CA ARG E 220 -38.02 0.25 29.65
C ARG E 220 -37.39 -1.00 30.27
N LEU E 221 -36.83 -0.88 31.48
CA LEU E 221 -36.14 -1.97 32.19
C LEU E 221 -36.89 -2.54 33.41
N LYS E 222 -37.81 -1.76 34.02
CA LYS E 222 -38.57 -2.11 35.23
C LYS E 222 -39.35 -3.45 35.15
N ASN E 223 -39.70 -3.91 33.95
CA ASN E 223 -40.45 -5.17 33.76
C ASN E 223 -39.59 -6.44 33.82
N GLU E 224 -38.29 -6.32 33.51
CA GLU E 224 -37.35 -7.45 33.51
C GLU E 224 -36.15 -7.30 34.47
N PHE E 225 -35.96 -6.09 35.04
CA PHE E 225 -34.85 -5.79 35.93
C PHE E 225 -35.27 -5.15 37.24
N VAL E 226 -34.47 -5.38 38.30
CA VAL E 226 -34.66 -4.79 39.62
C VAL E 226 -33.90 -3.46 39.68
N LEU E 227 -34.62 -2.38 40.03
CA LEU E 227 -34.08 -1.02 40.08
C LEU E 227 -34.40 -0.30 41.40
N GLN E 228 -33.43 0.48 41.91
CA GLN E 228 -33.52 1.24 43.15
C GLN E 228 -33.43 2.74 42.84
N GLU E 229 -34.44 3.52 43.25
CA GLU E 229 -34.50 4.97 43.01
C GLU E 229 -33.42 5.73 43.79
N ARG E 230 -32.65 6.56 43.08
CA ARG E 230 -31.62 7.41 43.68
C ARG E 230 -32.25 8.76 44.04
N GLY E 231 -33.03 9.30 43.10
CA GLY E 231 -33.72 10.59 43.25
C GLY E 231 -33.33 11.60 42.20
N ARG E 232 -33.81 12.84 42.37
CA ARG E 232 -33.55 13.94 41.45
C ARG E 232 -32.12 14.49 41.61
N ILE E 233 -31.34 14.45 40.51
CA ILE E 233 -29.96 14.94 40.47
C ILE E 233 -29.75 15.97 39.37
N GLU E 234 -28.87 16.95 39.64
CA GLU E 234 -28.53 18.03 38.70
C GLU E 234 -27.52 17.54 37.66
N VAL E 235 -27.87 17.70 36.38
CA VAL E 235 -27.04 17.33 35.23
C VAL E 235 -26.93 18.50 34.24
N LYS E 236 -25.70 18.76 33.73
CA LYS E 236 -25.41 19.84 32.80
C LYS E 236 -26.10 19.66 31.44
N GLY E 237 -26.80 20.69 30.99
CA GLY E 237 -27.51 20.72 29.72
C GLY E 237 -28.89 20.06 29.68
N LYS E 238 -29.33 19.47 30.81
CA LYS E 238 -30.64 18.80 30.92
C LYS E 238 -31.46 19.29 32.12
N GLY E 239 -30.80 19.93 33.07
CA GLY E 239 -31.41 20.46 34.28
C GLY E 239 -31.36 19.44 35.40
N VAL E 240 -32.54 19.05 35.92
CA VAL E 240 -32.68 18.06 36.99
C VAL E 240 -33.49 16.85 36.46
N MET E 241 -33.01 15.61 36.71
CA MET E 241 -33.73 14.41 36.27
C MET E 241 -33.73 13.28 37.31
N ARG E 242 -34.82 12.48 37.32
CA ARG E 242 -35.01 11.32 38.21
C ARG E 242 -34.13 10.18 37.75
N THR E 243 -33.37 9.60 38.69
CA THR E 243 -32.42 8.53 38.44
C THR E 243 -32.73 7.24 39.21
N TRP E 244 -32.33 6.10 38.62
CA TRP E 244 -32.48 4.75 39.17
C TRP E 244 -31.15 3.97 39.04
N TYR E 245 -30.94 2.98 39.94
CA TYR E 245 -29.76 2.12 39.98
C TYR E 245 -30.13 0.72 39.52
N LEU E 246 -29.37 0.16 38.56
CA LEU E 246 -29.60 -1.20 38.08
C LEU E 246 -28.94 -2.17 39.05
N ILE E 247 -29.77 -3.00 39.74
CA ILE E 247 -29.32 -3.97 40.74
C ILE E 247 -29.06 -5.35 40.13
N GLY E 248 -29.96 -5.78 39.25
CA GLY E 248 -29.85 -7.06 38.56
C GLY E 248 -31.10 -7.47 37.82
N ARG E 249 -31.09 -8.69 37.27
CA ARG E 249 -32.22 -9.27 36.56
C ARG E 249 -33.34 -9.73 37.51
N LYS E 250 -34.58 -9.65 37.02
CA LYS E 250 -35.78 -10.16 37.70
C LYS E 250 -35.75 -11.63 37.27
N ALA E 251 -35.97 -12.54 38.23
CA ALA E 251 -35.85 -13.97 37.96
C ALA E 251 -37.16 -14.72 37.81
N ASP E 252 -38.18 -14.09 37.23
CA ASP E 252 -39.45 -14.81 37.07
C ASP E 252 -39.58 -15.44 35.69
N GLU E 253 -39.69 -16.78 35.67
CA GLU E 253 -39.85 -17.68 34.52
C GLU E 253 -39.15 -17.21 33.24
N THR F 30 -8.74 -15.07 -15.21
CA THR F 30 -7.68 -15.25 -14.21
C THR F 30 -6.83 -13.97 -14.09
N GLN F 31 -6.48 -13.34 -15.24
CA GLN F 31 -5.67 -12.11 -15.30
C GLN F 31 -6.41 -10.88 -14.75
N ARG F 32 -7.74 -10.82 -14.99
CA ARG F 32 -8.59 -9.71 -14.52
C ARG F 32 -8.99 -9.89 -13.05
N ALA F 33 -8.98 -11.15 -12.55
CA ALA F 33 -9.30 -11.51 -11.16
C ALA F 33 -8.19 -11.07 -10.20
N GLU F 34 -6.92 -11.05 -10.68
CA GLU F 34 -5.76 -10.64 -9.90
C GLU F 34 -5.60 -9.10 -9.89
N ALA F 35 -5.97 -8.43 -11.00
CA ALA F 35 -5.91 -6.97 -11.17
C ALA F 35 -6.90 -6.26 -10.23
N VAL F 36 -8.11 -6.84 -10.07
CA VAL F 36 -9.17 -6.32 -9.19
C VAL F 36 -8.81 -6.57 -7.72
N MET F 37 -8.08 -7.68 -7.45
CA MET F 37 -7.61 -8.11 -6.13
C MET F 37 -6.55 -7.15 -5.59
N GLU F 38 -5.75 -6.55 -6.48
CA GLU F 38 -4.71 -5.58 -6.15
C GLU F 38 -5.30 -4.16 -6.05
N ALA F 39 -6.32 -3.85 -6.87
CA ALA F 39 -7.04 -2.57 -6.89
C ALA F 39 -7.79 -2.38 -5.56
N GLU F 40 -8.31 -3.50 -5.00
CA GLU F 40 -9.02 -3.55 -3.72
C GLU F 40 -8.02 -3.51 -2.58
N TYR F 41 -6.78 -4.02 -2.81
CA TYR F 41 -5.68 -4.02 -1.84
C TYR F 41 -5.15 -2.60 -1.70
N GLU F 42 -5.05 -1.86 -2.83
CA GLU F 42 -4.59 -0.48 -2.90
C GLU F 42 -5.51 0.45 -2.07
N ARG F 43 -6.83 0.29 -2.25
CA ARG F 43 -7.88 1.04 -1.55
C ARG F 43 -7.84 0.74 -0.05
N SER F 44 -7.61 -0.56 0.29
CA SER F 44 -7.54 -1.07 1.66
C SER F 44 -6.31 -0.53 2.38
N GLU F 45 -5.15 -0.53 1.70
CA GLU F 45 -3.89 -0.04 2.25
C GLU F 45 -3.92 1.48 2.46
N ALA F 46 -4.61 2.20 1.56
CA ALA F 46 -4.78 3.66 1.60
C ALA F 46 -5.66 4.09 2.78
N LEU F 47 -6.69 3.27 3.10
CA LEU F 47 -7.60 3.49 4.22
C LEU F 47 -6.83 3.28 5.51
N LEU F 48 -6.10 2.15 5.60
CA LEU F 48 -5.28 1.73 6.74
C LEU F 48 -4.19 2.76 7.06
N ALA F 49 -3.61 3.41 6.01
CA ALA F 49 -2.56 4.43 6.15
C ALA F 49 -3.13 5.72 6.76
N ASN F 50 -4.39 6.02 6.42
CA ASN F 50 -5.13 7.20 6.89
C ASN F 50 -5.55 7.07 8.35
N MET F 51 -5.85 5.83 8.78
CA MET F 51 -6.33 5.50 10.12
C MET F 51 -5.26 5.32 11.18
N LEU F 52 -4.07 4.80 10.79
CA LEU F 52 -2.96 4.54 11.71
C LEU F 52 -1.62 5.08 11.21
N PRO F 53 -0.68 5.47 12.12
CA PRO F 53 0.68 5.84 11.66
C PRO F 53 1.34 4.60 11.04
N GLY F 54 2.06 4.80 9.95
CA GLY F 54 2.73 3.75 9.16
C GLY F 54 3.26 2.56 9.91
N SER F 55 4.16 2.81 10.88
CA SER F 55 4.82 1.79 11.71
C SER F 55 3.84 1.01 12.57
N ILE F 56 2.81 1.68 13.10
CA ILE F 56 1.77 1.11 13.96
C ILE F 56 0.93 0.08 13.17
N ALA F 57 0.53 0.42 11.93
CA ALA F 57 -0.22 -0.47 11.02
C ALA F 57 0.58 -1.76 10.73
N GLU F 58 1.91 -1.67 10.48
CA GLU F 58 2.76 -2.83 10.24
C GLU F 58 3.00 -3.65 11.51
N ARG F 59 3.03 -2.98 12.70
CA ARG F 59 3.15 -3.65 13.99
C ARG F 59 1.89 -4.45 14.30
N LEU F 60 0.70 -3.90 13.97
CA LEU F 60 -0.59 -4.58 14.15
C LEU F 60 -0.73 -5.75 13.17
N LYS F 61 -0.14 -5.63 11.96
CA LYS F 61 -0.15 -6.68 10.93
C LYS F 61 0.80 -7.83 11.30
N SER F 62 1.81 -7.56 12.16
CA SER F 62 2.76 -8.56 12.64
C SER F 62 2.09 -9.46 13.68
N SER F 63 2.72 -10.60 14.01
CA SER F 63 2.18 -11.57 14.97
C SER F 63 2.61 -11.33 16.43
N SER F 64 3.02 -10.09 16.74
CA SER F 64 3.48 -9.71 18.08
C SER F 64 2.38 -9.74 19.14
N ARG F 65 2.67 -10.45 20.24
CA ARG F 65 1.79 -10.61 21.40
C ARG F 65 2.06 -9.51 22.44
N SER F 66 3.09 -8.67 22.20
CA SER F 66 3.44 -7.56 23.08
C SER F 66 2.49 -6.39 22.86
N VAL F 67 2.30 -5.58 23.92
CA VAL F 67 1.43 -4.39 23.90
C VAL F 67 2.19 -3.26 23.21
N ILE F 68 1.49 -2.47 22.35
CA ILE F 68 2.08 -1.29 21.72
C ILE F 68 1.97 -0.16 22.74
N ALA F 69 3.09 0.13 23.42
CA ALA F 69 3.19 1.17 24.42
C ALA F 69 4.62 1.68 24.35
N ASP F 70 4.79 2.86 23.73
CA ASP F 70 6.11 3.46 23.53
C ASP F 70 6.23 4.71 24.38
N LYS F 71 7.29 4.76 25.19
CA LYS F 71 7.57 5.90 26.08
C LYS F 71 8.23 7.01 25.25
N TYR F 72 7.71 8.23 25.38
CA TYR F 72 8.23 9.43 24.74
C TYR F 72 8.45 10.46 25.84
N ASP F 73 9.70 10.97 25.95
CA ASP F 73 10.13 11.86 27.01
C ASP F 73 9.54 13.27 27.00
N GLU F 74 9.50 13.95 25.84
CA GLU F 74 9.00 15.32 25.82
C GLU F 74 8.13 15.64 24.62
N VAL F 75 6.80 15.52 24.81
CA VAL F 75 5.81 15.83 23.77
C VAL F 75 4.79 16.85 24.31
N SER F 76 4.24 17.66 23.41
CA SER F 76 3.23 18.67 23.73
C SER F 76 1.87 18.20 23.21
N VAL F 77 0.82 18.30 24.04
CA VAL F 77 -0.53 17.87 23.65
C VAL F 77 -1.53 19.04 23.75
N LEU F 78 -2.42 19.13 22.73
CA LEU F 78 -3.47 20.14 22.61
C LEU F 78 -4.86 19.52 22.57
N PHE F 79 -5.80 20.13 23.31
CA PHE F 79 -7.21 19.76 23.35
C PHE F 79 -8.05 20.98 23.00
N ALA F 80 -8.88 20.87 21.95
CA ALA F 80 -9.78 21.95 21.51
C ALA F 80 -11.22 21.44 21.56
N ASP F 81 -12.14 22.24 22.15
CA ASP F 81 -13.56 21.86 22.30
C ASP F 81 -14.46 23.06 21.95
N ILE F 82 -15.55 22.80 21.21
CA ILE F 82 -16.53 23.82 20.80
C ILE F 82 -17.40 24.23 22.00
N VAL F 83 -17.57 25.53 22.19
CA VAL F 83 -18.39 26.10 23.26
C VAL F 83 -19.87 26.02 22.84
N GLY F 84 -20.71 25.52 23.75
CA GLY F 84 -22.16 25.38 23.59
C GLY F 84 -22.61 24.63 22.35
N PHE F 85 -22.10 23.41 22.17
CA PHE F 85 -22.43 22.57 21.01
C PHE F 85 -23.84 21.96 21.09
N THR F 86 -24.19 21.38 22.26
CA THR F 86 -25.49 20.72 22.52
C THR F 86 -26.69 21.64 22.26
N GLU F 87 -26.53 22.95 22.57
CA GLU F 87 -27.56 23.97 22.41
C GLU F 87 -27.92 24.24 20.95
N ARG F 88 -26.97 23.96 20.02
CA ARG F 88 -27.15 24.16 18.57
C ARG F 88 -28.18 23.18 17.97
N ALA F 89 -28.52 22.10 18.70
CA ALA F 89 -29.50 21.08 18.31
C ALA F 89 -30.94 21.63 18.22
N SER F 90 -31.18 22.80 18.83
CA SER F 90 -32.47 23.50 18.83
C SER F 90 -32.75 24.12 17.46
N THR F 91 -31.67 24.53 16.75
CA THR F 91 -31.74 25.17 15.43
C THR F 91 -31.26 24.27 14.29
N THR F 92 -30.38 23.29 14.60
CA THR F 92 -29.79 22.39 13.61
C THR F 92 -30.15 20.92 13.89
N THR F 93 -30.43 20.15 12.81
CA THR F 93 -30.75 18.71 12.88
C THR F 93 -29.52 17.94 13.36
N PRO F 94 -29.67 16.77 14.02
CA PRO F 94 -28.49 16.03 14.48
C PRO F 94 -27.50 15.64 13.38
N ALA F 95 -28.00 15.28 12.18
CA ALA F 95 -27.17 14.91 11.03
C ALA F 95 -26.37 16.09 10.47
N ASP F 96 -26.95 17.31 10.49
CA ASP F 96 -26.29 18.53 10.01
C ASP F 96 -25.24 19.03 11.01
N LEU F 97 -25.39 18.63 12.29
CA LEU F 97 -24.45 18.95 13.38
C LEU F 97 -23.16 18.11 13.20
N VAL F 98 -23.32 16.84 12.77
CA VAL F 98 -22.24 15.89 12.48
C VAL F 98 -21.52 16.33 11.19
N ARG F 99 -22.29 16.87 10.21
CA ARG F 99 -21.77 17.41 8.96
C ARG F 99 -20.94 18.67 9.22
N PHE F 100 -21.34 19.46 10.24
CA PHE F 100 -20.64 20.67 10.69
C PHE F 100 -19.31 20.29 11.32
N LEU F 101 -19.32 19.25 12.18
CA LEU F 101 -18.16 18.67 12.86
C LEU F 101 -17.12 18.18 11.84
N ASN F 102 -17.57 17.54 10.75
CA ASN F 102 -16.71 17.05 9.68
C ASN F 102 -16.08 18.21 8.89
N ARG F 103 -16.86 19.29 8.68
CA ARG F 103 -16.44 20.50 7.97
C ARG F 103 -15.42 21.27 8.79
N LEU F 104 -15.71 21.47 10.08
CA LEU F 104 -14.85 22.17 11.03
C LEU F 104 -13.52 21.43 11.25
N TYR F 105 -13.57 20.12 11.50
CA TYR F 105 -12.37 19.31 11.74
C TYR F 105 -11.61 19.01 10.45
N GLY F 106 -12.26 19.11 9.31
CA GLY F 106 -11.64 18.94 8.00
C GLY F 106 -10.67 20.06 7.74
N ALA F 107 -11.05 21.30 8.17
CA ALA F 107 -10.25 22.51 8.08
C ALA F 107 -9.06 22.42 9.03
N PHE F 108 -9.27 21.82 10.21
CA PHE F 108 -8.24 21.62 11.24
C PHE F 108 -7.24 20.54 10.83
N ASP F 109 -7.70 19.48 10.13
CA ASP F 109 -6.85 18.38 9.63
C ASP F 109 -5.88 18.89 8.57
N GLU F 110 -6.32 19.89 7.78
CA GLU F 110 -5.53 20.56 6.74
C GLU F 110 -4.39 21.34 7.41
N LEU F 111 -4.69 21.92 8.60
CA LEU F 111 -3.78 22.72 9.40
C LEU F 111 -2.71 21.89 10.14
N VAL F 112 -3.02 20.61 10.50
CA VAL F 112 -2.04 19.74 11.17
C VAL F 112 -0.95 19.29 10.18
N ASP F 113 -1.30 19.15 8.88
CA ASP F 113 -0.36 18.77 7.82
C ASP F 113 0.57 19.94 7.50
N LYS F 114 0.00 21.18 7.51
CA LYS F 114 0.67 22.45 7.28
C LYS F 114 1.77 22.66 8.33
N HIS F 115 1.47 22.36 9.62
CA HIS F 115 2.38 22.49 10.75
C HIS F 115 3.22 21.23 10.99
N GLY F 116 2.89 20.14 10.30
CA GLY F 116 3.58 18.85 10.40
C GLY F 116 3.44 18.20 11.77
N LEU F 117 2.22 18.20 12.32
CA LEU F 117 1.91 17.63 13.63
C LEU F 117 1.05 16.36 13.54
N GLU F 118 0.86 15.67 14.68
CA GLU F 118 0.11 14.42 14.77
C GLU F 118 -1.30 14.59 15.34
N LYS F 119 -2.32 14.37 14.50
CA LYS F 119 -3.72 14.38 14.92
C LYS F 119 -3.97 13.02 15.58
N ILE F 120 -4.52 13.01 16.79
CA ILE F 120 -4.77 11.75 17.49
C ILE F 120 -6.20 11.30 17.31
N LYS F 121 -7.17 11.99 17.93
CA LYS F 121 -8.58 11.63 17.87
C LYS F 121 -9.54 12.81 17.97
N VAL F 122 -10.84 12.51 17.85
CA VAL F 122 -11.96 13.43 17.94
C VAL F 122 -13.00 12.78 18.88
N SER F 123 -13.11 13.28 20.11
CA SER F 123 -14.07 12.77 21.10
C SER F 123 -15.34 13.58 21.00
N GLY F 124 -16.04 13.40 19.88
CA GLY F 124 -17.26 14.11 19.57
C GLY F 124 -17.00 15.57 19.32
N ASP F 125 -17.04 16.36 20.40
CA ASP F 125 -16.83 17.80 20.40
C ASP F 125 -15.37 18.21 20.63
N SER F 126 -14.55 17.28 21.15
CA SER F 126 -13.12 17.48 21.45
C SER F 126 -12.22 17.10 20.26
N TYR F 127 -11.04 17.72 20.16
CA TYR F 127 -10.06 17.51 19.09
C TYR F 127 -8.65 17.41 19.70
N MET F 128 -7.93 16.30 19.45
CA MET F 128 -6.59 16.09 20.00
C MET F 128 -5.48 16.10 18.96
N VAL F 129 -4.46 16.95 19.20
CA VAL F 129 -3.25 17.09 18.37
C VAL F 129 -2.06 17.00 19.33
N VAL F 130 -1.04 16.22 18.91
CA VAL F 130 0.19 16.03 19.68
C VAL F 130 1.38 16.44 18.82
N SER F 131 2.38 17.09 19.46
CA SER F 131 3.61 17.56 18.87
C SER F 131 4.77 16.81 19.55
N GLY F 132 5.46 15.98 18.79
CA GLY F 132 6.57 15.18 19.29
C GLY F 132 6.46 13.68 19.05
N VAL F 133 5.34 13.21 18.47
CA VAL F 133 5.11 11.80 18.14
C VAL F 133 4.87 11.61 16.63
N PRO F 134 5.49 10.61 15.96
CA PRO F 134 6.44 9.61 16.48
C PRO F 134 7.88 10.09 16.62
N ARG F 135 8.28 11.12 15.85
CA ARG F 135 9.63 11.68 15.88
C ARG F 135 9.66 12.93 16.76
N ALA F 136 10.62 12.98 17.70
CA ALA F 136 10.77 14.11 18.61
C ALA F 136 11.41 15.31 17.90
N ARG F 137 10.97 16.52 18.28
CA ARG F 137 11.47 17.79 17.74
C ARG F 137 11.77 18.77 18.88
N PRO F 138 12.89 19.53 18.84
CA PRO F 138 13.19 20.46 19.95
C PRO F 138 12.20 21.61 20.13
N ASP F 139 11.48 21.95 19.04
CA ASP F 139 10.49 23.02 18.98
C ASP F 139 9.06 22.50 19.13
N HIS F 140 8.88 21.30 19.74
CA HIS F 140 7.57 20.66 19.95
C HIS F 140 6.52 21.59 20.60
N ALA F 141 6.94 22.37 21.62
CA ALA F 141 6.08 23.30 22.33
C ALA F 141 5.75 24.54 21.47
N PHE F 142 6.74 25.06 20.72
CA PHE F 142 6.57 26.22 19.84
C PHE F 142 5.69 25.91 18.64
N ALA F 143 5.88 24.72 18.03
CA ALA F 143 5.15 24.22 16.86
C ALA F 143 3.66 24.05 17.16
N LEU F 144 3.32 23.55 18.36
CA LEU F 144 1.94 23.34 18.80
C LEU F 144 1.31 24.68 19.19
N ALA F 145 2.13 25.62 19.71
CA ALA F 145 1.71 26.96 20.09
C ALA F 145 1.35 27.77 18.84
N ASP F 146 2.18 27.67 17.77
CA ASP F 146 1.96 28.31 16.47
C ASP F 146 0.71 27.75 15.81
N PHE F 147 0.46 26.44 16.01
CA PHE F 147 -0.71 25.73 15.51
C PHE F 147 -1.97 26.18 16.24
N ALA F 148 -1.93 26.26 17.59
CA ALA F 148 -3.04 26.68 18.46
C ALA F 148 -3.55 28.07 18.09
N LEU F 149 -2.62 29.00 17.81
CA LEU F 149 -2.91 30.39 17.43
C LEU F 149 -3.50 30.46 16.02
N ASP F 150 -2.99 29.61 15.10
CA ASP F 150 -3.46 29.53 13.72
C ASP F 150 -4.88 28.95 13.70
N MET F 151 -5.14 27.95 14.58
CA MET F 151 -6.41 27.26 14.78
C MET F 151 -7.47 28.23 15.31
N ALA F 152 -7.07 29.13 16.22
CA ALA F 152 -7.93 30.17 16.81
C ALA F 152 -8.41 31.14 15.72
N ASN F 153 -7.50 31.49 14.77
CA ASN F 153 -7.79 32.39 13.65
C ASN F 153 -8.68 31.73 12.59
N VAL F 154 -8.47 30.41 12.36
CA VAL F 154 -9.23 29.59 11.41
C VAL F 154 -10.69 29.47 11.90
N ALA F 155 -10.88 29.16 13.19
CA ALA F 155 -12.19 29.02 13.84
C ALA F 155 -12.99 30.32 13.87
N ALA F 156 -12.30 31.45 14.08
CA ALA F 156 -12.90 32.79 14.14
C ALA F 156 -13.51 33.21 12.79
N ALA F 157 -12.85 32.79 11.68
CA ALA F 157 -13.30 33.05 10.31
C ALA F 157 -14.51 32.17 9.93
N LEU F 158 -14.61 30.98 10.55
CA LEU F 158 -15.67 30.01 10.30
C LEU F 158 -16.97 30.30 11.07
N LYS F 159 -18.10 29.86 10.51
CA LYS F 159 -19.45 30.01 11.06
C LYS F 159 -20.18 28.67 11.12
N ASP F 160 -21.07 28.52 12.11
CA ASP F 160 -21.91 27.33 12.33
C ASP F 160 -23.00 27.23 11.25
N PRO F 161 -23.67 26.06 11.03
CA PRO F 161 -24.72 25.99 9.99
C PRO F 161 -25.88 26.98 10.13
N HIS F 162 -26.12 27.50 11.36
CA HIS F 162 -27.17 28.49 11.65
C HIS F 162 -26.71 29.93 11.34
N GLY F 163 -25.41 30.10 11.10
CA GLY F 163 -24.79 31.39 10.76
C GLY F 163 -24.12 32.12 11.90
N ASP F 164 -24.06 31.50 13.09
CA ASP F 164 -23.45 32.07 14.30
C ASP F 164 -21.95 31.68 14.41
N PRO F 165 -21.09 32.43 15.17
CA PRO F 165 -19.66 32.04 15.26
C PRO F 165 -19.39 30.70 15.96
N VAL F 166 -18.14 30.21 15.83
CA VAL F 166 -17.70 28.95 16.44
C VAL F 166 -16.67 29.23 17.56
N PRO F 167 -17.12 29.51 18.81
CA PRO F 167 -16.15 29.75 19.89
C PRO F 167 -15.54 28.45 20.39
N LEU F 168 -14.21 28.47 20.62
CA LEU F 168 -13.46 27.31 21.08
C LEU F 168 -12.82 27.53 22.44
N ARG F 169 -12.63 26.44 23.17
CA ARG F 169 -11.93 26.36 24.44
C ARG F 169 -10.69 25.51 24.10
N MET F 170 -9.50 26.06 24.31
CA MET F 170 -8.25 25.38 24.00
C MET F 170 -7.32 25.29 25.21
N GLY F 171 -6.67 24.14 25.33
CA GLY F 171 -5.73 23.86 26.41
C GLY F 171 -4.56 23.03 25.94
N MET F 172 -3.34 23.43 26.37
CA MET F 172 -2.09 22.77 26.02
C MET F 172 -1.29 22.39 27.28
N ALA F 173 -0.33 21.44 27.12
CA ALA F 173 0.58 20.95 28.17
C ALA F 173 1.68 20.09 27.55
N CYS F 174 2.77 19.85 28.31
CA CYS F 174 3.90 19.04 27.86
C CYS F 174 4.49 18.18 28.98
N GLY F 175 5.28 17.18 28.60
CA GLY F 175 5.93 16.25 29.52
C GLY F 175 6.02 14.82 29.01
N PRO F 176 6.38 13.85 29.88
CA PRO F 176 6.47 12.45 29.42
C PRO F 176 5.11 11.84 29.07
N VAL F 177 5.05 11.12 27.96
CA VAL F 177 3.85 10.51 27.43
C VAL F 177 4.10 9.06 26.93
N VAL F 178 3.05 8.23 26.96
CA VAL F 178 3.07 6.86 26.44
C VAL F 178 2.07 6.83 25.29
N ALA F 179 2.54 6.39 24.11
CA ALA F 179 1.71 6.33 22.90
C ALA F 179 1.57 4.91 22.41
N GLY F 180 0.35 4.51 22.08
CA GLY F 180 0.09 3.17 21.60
C GLY F 180 -1.36 2.77 21.39
N VAL F 181 -1.58 1.46 21.32
CA VAL F 181 -2.86 0.80 21.07
C VAL F 181 -3.25 -0.11 22.27
N VAL F 182 -4.52 -0.03 22.72
CA VAL F 182 -5.08 -0.84 23.81
C VAL F 182 -6.34 -1.59 23.35
N GLY F 183 -6.58 -2.75 23.95
CA GLY F 183 -7.74 -3.58 23.65
C GLY F 183 -7.56 -4.51 22.47
N SER F 184 -8.48 -5.48 22.31
CA SER F 184 -8.45 -6.46 21.23
C SER F 184 -9.26 -6.06 20.00
N ARG F 185 -10.32 -5.23 20.17
CA ARG F 185 -11.13 -4.72 19.05
C ARG F 185 -11.30 -3.20 19.16
N ARG F 186 -11.56 -2.53 18.00
CA ARG F 186 -11.68 -1.08 17.83
C ARG F 186 -10.39 -0.37 18.24
N PHE F 187 -9.30 -0.79 17.57
CA PHE F 187 -7.92 -0.34 17.68
C PHE F 187 -7.79 1.14 17.34
N PHE F 188 -7.04 1.90 18.16
CA PHE F 188 -6.81 3.33 17.95
C PHE F 188 -5.43 3.76 18.48
N TYR F 189 -4.59 4.47 17.66
CA TYR F 189 -3.31 4.98 18.16
C TYR F 189 -3.63 6.21 19.03
N ASP F 190 -3.46 6.04 20.34
CA ASP F 190 -3.75 7.06 21.34
C ASP F 190 -2.50 7.40 22.17
N VAL F 191 -2.58 8.54 22.89
CA VAL F 191 -1.52 9.02 23.79
C VAL F 191 -2.06 9.17 25.22
N TRP F 192 -1.23 8.83 26.22
CA TRP F 192 -1.58 8.88 27.64
C TRP F 192 -0.44 9.48 28.45
N GLY F 193 -0.77 10.04 29.59
CA GLY F 193 0.22 10.63 30.50
C GLY F 193 -0.27 11.85 31.24
N ASP F 194 0.66 12.48 32.01
CA ASP F 194 0.35 13.68 32.78
C ASP F 194 0.05 14.86 31.86
N ALA F 195 0.82 15.01 30.76
CA ALA F 195 0.64 16.08 29.78
C ALA F 195 -0.76 16.10 29.16
N VAL F 196 -1.32 14.91 28.82
CA VAL F 196 -2.67 14.83 28.23
C VAL F 196 -3.73 15.08 29.33
N ASN F 197 -3.40 14.74 30.59
CA ASN F 197 -4.29 14.95 31.72
C ASN F 197 -4.44 16.43 32.06
N VAL F 198 -3.33 17.19 32.12
CA VAL F 198 -3.43 18.61 32.46
C VAL F 198 -3.86 19.43 31.22
N ALA F 199 -3.58 18.97 29.96
CA ALA F 199 -4.05 19.67 28.75
C ALA F 199 -5.58 19.59 28.61
N SER F 200 -6.18 18.46 29.08
CA SER F 200 -7.63 18.26 29.08
C SER F 200 -8.28 19.17 30.11
N ARG F 201 -7.60 19.38 31.27
CA ARG F 201 -8.04 20.28 32.33
C ARG F 201 -7.87 21.72 31.91
N MET F 202 -6.78 22.04 31.17
CA MET F 202 -6.52 23.38 30.62
C MET F 202 -7.58 23.77 29.60
N GLU F 203 -8.17 22.78 28.91
CA GLU F 203 -9.24 23.03 27.95
C GLU F 203 -10.58 23.29 28.68
N SER F 204 -11.00 22.34 29.55
CA SER F 204 -12.28 22.39 30.28
C SER F 204 -12.44 23.58 31.23
N THR F 205 -11.34 24.03 31.86
CA THR F 205 -11.37 25.15 32.82
C THR F 205 -11.04 26.51 32.14
N ASP F 206 -10.84 26.50 30.81
CA ASP F 206 -10.52 27.68 30.00
C ASP F 206 -11.73 28.58 29.74
N SER F 207 -11.47 29.88 29.50
CA SER F 207 -12.47 30.88 29.12
C SER F 207 -12.53 30.85 27.60
N VAL F 208 -13.73 31.06 27.01
CA VAL F 208 -13.95 30.96 25.57
C VAL F 208 -13.07 31.96 24.77
N GLY F 209 -12.52 31.47 23.66
CA GLY F 209 -11.67 32.23 22.75
C GLY F 209 -10.25 32.45 23.23
N ARG F 210 -9.80 31.66 24.23
CA ARG F 210 -8.46 31.77 24.82
C ARG F 210 -7.70 30.44 24.71
N ILE F 211 -6.36 30.48 24.90
CA ILE F 211 -5.51 29.28 24.89
C ILE F 211 -4.82 29.18 26.27
N GLN F 212 -5.34 28.29 27.13
CA GLN F 212 -4.83 28.08 28.49
C GLN F 212 -3.64 27.11 28.51
N VAL F 213 -2.55 27.51 29.18
CA VAL F 213 -1.32 26.71 29.34
C VAL F 213 -0.84 26.72 30.82
N PRO F 214 -0.28 25.62 31.38
CA PRO F 214 0.17 25.67 32.77
C PRO F 214 1.48 26.44 32.96
N GLU F 215 1.89 26.65 34.22
CA GLU F 215 3.13 27.35 34.59
C GLU F 215 4.39 26.70 33.95
N ALA F 216 4.39 25.36 33.79
CA ALA F 216 5.50 24.60 33.21
C ALA F 216 5.66 24.87 31.71
N MET F 217 4.54 25.06 30.99
CA MET F 217 4.54 25.38 29.56
C MET F 217 4.95 26.85 29.37
N TYR F 218 4.41 27.76 30.22
CA TYR F 218 4.68 29.20 30.21
C TYR F 218 6.19 29.46 30.21
N GLU F 219 6.93 28.77 31.10
CA GLU F 219 8.40 28.89 31.23
C GLU F 219 9.15 28.56 29.93
N ARG F 220 8.60 27.66 29.10
CA ARG F 220 9.21 27.31 27.82
C ARG F 220 8.73 28.22 26.67
N LEU F 221 7.56 28.84 26.83
CA LEU F 221 6.94 29.72 25.82
C LEU F 221 7.14 31.23 26.02
N LYS F 222 7.56 31.68 27.21
CA LYS F 222 7.74 33.09 27.58
C LYS F 222 8.81 33.85 26.78
N ASN F 223 9.82 33.13 26.23
CA ASN F 223 10.92 33.73 25.46
C ASN F 223 10.57 34.05 24.00
N GLU F 224 9.58 33.33 23.41
CA GLU F 224 9.17 33.51 22.02
C GLU F 224 7.68 33.91 21.85
N PHE F 225 6.89 33.80 22.93
CA PHE F 225 5.45 34.09 22.89
C PHE F 225 5.00 35.05 23.97
N VAL F 226 3.92 35.79 23.70
CA VAL F 226 3.32 36.73 24.65
C VAL F 226 2.26 35.96 25.45
N LEU F 227 2.35 36.04 26.80
CA LEU F 227 1.45 35.34 27.72
C LEU F 227 0.90 36.25 28.82
N GLN F 228 -0.38 36.06 29.18
CA GLN F 228 -1.09 36.81 30.21
C GLN F 228 -1.49 35.87 31.36
N GLU F 229 -1.09 36.19 32.61
CA GLU F 229 -1.38 35.36 33.79
C GLU F 229 -2.86 35.38 34.15
N ARG F 230 -3.45 34.18 34.30
CA ARG F 230 -4.83 34.01 34.70
C ARG F 230 -4.89 33.91 36.22
N GLY F 231 -4.00 33.10 36.79
CA GLY F 231 -3.89 32.88 38.23
C GLY F 231 -4.06 31.43 38.63
N ARG F 232 -4.13 31.19 39.95
CA ARG F 232 -4.29 29.85 40.50
C ARG F 232 -5.73 29.33 40.36
N ILE F 233 -5.88 28.18 39.69
CA ILE F 233 -7.16 27.52 39.44
C ILE F 233 -7.17 26.06 39.92
N GLU F 234 -8.33 25.60 40.42
CA GLU F 234 -8.50 24.22 40.91
C GLU F 234 -8.71 23.25 39.74
N VAL F 235 -7.89 22.20 39.69
CA VAL F 235 -7.93 21.13 38.68
C VAL F 235 -7.95 19.76 39.34
N LYS F 236 -8.82 18.85 38.85
CA LYS F 236 -8.99 17.50 39.38
C LYS F 236 -7.73 16.64 39.18
N GLY F 237 -7.28 16.01 40.26
CA GLY F 237 -6.11 15.13 40.25
C GLY F 237 -4.74 15.78 40.32
N LYS F 238 -4.70 17.13 40.34
CA LYS F 238 -3.45 17.90 40.41
C LYS F 238 -3.46 18.94 41.54
N GLY F 239 -4.65 19.29 42.03
CA GLY F 239 -4.84 20.28 43.08
C GLY F 239 -5.07 21.65 42.51
N VAL F 240 -4.19 22.61 42.85
CA VAL F 240 -4.26 24.00 42.36
C VAL F 240 -2.98 24.32 41.56
N MET F 241 -3.12 24.94 40.37
CA MET F 241 -2.00 25.27 39.48
C MET F 241 -2.09 26.68 38.89
N ARG F 242 -0.91 27.33 38.71
CA ARG F 242 -0.77 28.64 38.09
C ARG F 242 -0.94 28.50 36.58
N THR F 243 -1.82 29.33 36.01
CA THR F 243 -2.15 29.30 34.59
C THR F 243 -1.86 30.61 33.86
N TRP F 244 -1.56 30.48 32.54
CA TRP F 244 -1.25 31.59 31.62
C TRP F 244 -2.05 31.43 30.32
N TYR F 245 -2.34 32.56 29.64
CA TYR F 245 -3.07 32.60 28.37
C TYR F 245 -2.13 32.92 27.23
N LEU F 246 -2.14 32.12 26.15
CA LEU F 246 -1.31 32.36 24.96
C LEU F 246 -2.02 33.42 24.11
N ILE F 247 -1.38 34.59 23.96
CA ILE F 247 -1.93 35.72 23.20
C ILE F 247 -1.44 35.69 21.74
N GLY F 248 -0.16 35.40 21.54
CA GLY F 248 0.47 35.34 20.22
C GLY F 248 1.99 35.27 20.25
N ARG F 249 2.60 35.36 19.06
CA ARG F 249 4.06 35.32 18.85
C ARG F 249 4.68 36.67 19.24
N LYS F 250 5.99 36.71 19.57
CA LYS F 250 6.71 37.92 19.95
C LYS F 250 6.55 39.03 18.89
N ALA F 251 6.02 40.20 19.31
CA ALA F 251 5.75 41.36 18.44
C ALA F 251 7.02 41.96 17.82
N ASP F 252 8.19 41.80 18.49
CA ASP F 252 9.52 42.25 18.10
C ASP F 252 9.60 43.79 17.89
N GLU F 253 8.87 44.55 18.73
CA GLU F 253 8.81 46.02 18.67
C GLU F 253 9.44 46.68 19.91
N THR G 30 23.11 25.09 -5.81
CA THR G 30 22.10 24.81 -4.79
C THR G 30 21.21 23.63 -5.20
N GLN G 31 20.78 23.58 -6.49
CA GLN G 31 19.92 22.53 -7.04
C GLN G 31 20.63 21.18 -7.13
N ARG G 32 21.94 21.20 -7.47
CA ARG G 32 22.76 19.99 -7.59
C ARG G 32 23.25 19.49 -6.23
N ALA G 33 23.31 20.39 -5.21
CA ALA G 33 23.72 20.07 -3.84
C ALA G 33 22.64 19.27 -3.09
N GLU G 34 21.36 19.48 -3.47
CA GLU G 34 20.22 18.79 -2.87
C GLU G 34 19.99 17.41 -3.55
N ALA G 35 20.28 17.32 -4.87
CA ALA G 35 20.15 16.10 -5.68
C ALA G 35 21.16 15.03 -5.25
N VAL G 36 22.40 15.46 -4.90
CA VAL G 36 23.47 14.57 -4.42
C VAL G 36 23.17 14.13 -2.98
N MET G 37 22.49 14.99 -2.19
CA MET G 37 22.10 14.75 -0.80
C MET G 37 21.01 13.67 -0.70
N GLU G 38 20.15 13.57 -1.73
CA GLU G 38 19.09 12.58 -1.85
C GLU G 38 19.62 11.27 -2.46
N ALA G 39 20.63 11.38 -3.37
CA ALA G 39 21.30 10.25 -4.01
C ALA G 39 22.08 9.45 -2.96
N GLU G 40 22.64 10.15 -1.96
CA GLU G 40 23.38 9.56 -0.84
C GLU G 40 22.40 8.99 0.18
N TYR G 41 21.17 9.57 0.26
CA TYR G 41 20.09 9.11 1.13
C TYR G 41 19.52 7.81 0.58
N GLU G 42 19.38 7.72 -0.76
CA GLU G 42 18.88 6.55 -1.49
C GLU G 42 19.79 5.34 -1.25
N ARG G 43 21.12 5.53 -1.36
CA ARG G 43 22.16 4.51 -1.14
C ARG G 43 22.14 4.04 0.33
N SER G 44 21.95 5.00 1.26
CA SER G 44 21.89 4.77 2.71
C SER G 44 20.64 3.97 3.09
N GLU G 45 19.47 4.34 2.53
CA GLU G 45 18.20 3.67 2.77
C GLU G 45 18.18 2.25 2.19
N ALA G 46 18.85 2.05 1.03
CA ALA G 46 18.95 0.77 0.33
C ALA G 46 19.81 -0.22 1.13
N LEU G 47 20.85 0.31 1.79
CA LEU G 47 21.76 -0.48 2.65
C LEU G 47 20.99 -0.91 3.88
N LEU G 48 20.30 0.04 4.54
CA LEU G 48 19.48 -0.14 5.73
C LEU G 48 18.34 -1.15 5.52
N ALA G 49 17.76 -1.18 4.31
CA ALA G 49 16.70 -2.11 3.93
C ALA G 49 17.21 -3.55 3.81
N ASN G 50 18.47 -3.68 3.34
CA ASN G 50 19.16 -4.96 3.16
C ASN G 50 19.60 -5.57 4.51
N MET G 51 19.94 -4.72 5.48
CA MET G 51 20.44 -5.09 6.81
C MET G 51 19.37 -5.41 7.84
N LEU G 52 18.20 -4.76 7.76
CA LEU G 52 17.09 -4.94 8.71
C LEU G 52 15.75 -5.17 8.03
N PRO G 53 14.80 -5.94 8.65
CA PRO G 53 13.45 -6.02 8.10
C PRO G 53 12.80 -4.63 8.16
N GLY G 54 12.04 -4.27 7.12
CA GLY G 54 11.39 -2.98 6.95
C GLY G 54 10.88 -2.30 8.21
N SER G 55 9.97 -2.99 8.94
CA SER G 55 9.33 -2.49 10.16
C SER G 55 10.32 -2.23 11.29
N ILE G 56 11.36 -3.08 11.40
CA ILE G 56 12.43 -2.98 12.40
C ILE G 56 13.27 -1.71 12.20
N ALA G 57 13.65 -1.41 10.95
CA ALA G 57 14.40 -0.21 10.58
C ALA G 57 13.62 1.06 10.97
N GLU G 58 12.29 1.04 10.72
CA GLU G 58 11.34 2.11 11.04
C GLU G 58 11.24 2.33 12.55
N ARG G 59 11.20 1.22 13.33
CA ARG G 59 11.12 1.21 14.79
C ARG G 59 12.41 1.74 15.42
N LEU G 60 13.58 1.38 14.82
CA LEU G 60 14.89 1.85 15.29
C LEU G 60 15.06 3.34 15.00
N LYS G 61 14.45 3.84 13.90
CA LYS G 61 14.48 5.25 13.52
C LYS G 61 13.60 6.10 14.44
N SER G 62 12.59 5.47 15.09
CA SER G 62 11.70 6.15 16.05
C SER G 62 12.47 6.37 17.38
N SER G 63 11.93 7.23 18.25
CA SER G 63 12.57 7.57 19.52
C SER G 63 12.11 6.69 20.70
N SER G 64 11.55 5.51 20.40
CA SER G 64 11.03 4.57 21.39
C SER G 64 12.10 4.01 22.33
N ARG G 65 11.81 4.10 23.64
CA ARG G 65 12.67 3.62 24.72
C ARG G 65 12.38 2.14 25.07
N SER G 66 11.31 1.59 24.47
CA SER G 66 10.90 0.21 24.65
C SER G 66 11.78 -0.72 23.84
N VAL G 67 11.95 -1.94 24.35
CA VAL G 67 12.78 -2.97 23.76
C VAL G 67 12.01 -3.58 22.59
N ILE G 68 12.71 -3.89 21.47
CA ILE G 68 12.10 -4.59 20.34
C ILE G 68 12.18 -6.08 20.69
N ALA G 69 11.05 -6.63 21.13
CA ALA G 69 10.91 -8.02 21.52
C ALA G 69 9.47 -8.41 21.19
N ASP G 70 9.31 -9.14 20.09
CA ASP G 70 8.01 -9.60 19.61
C ASP G 70 7.89 -11.09 19.77
N LYS G 71 6.85 -11.54 20.49
CA LYS G 71 6.58 -12.94 20.73
C LYS G 71 5.94 -13.54 19.47
N TYR G 72 6.47 -14.69 19.02
CA TYR G 72 5.97 -15.48 17.90
C TYR G 72 5.75 -16.90 18.43
N ASP G 73 4.52 -17.41 18.30
CA ASP G 73 4.09 -18.68 18.86
C ASP G 73 4.70 -19.93 18.24
N GLU G 74 4.76 -20.02 16.90
CA GLU G 74 5.29 -21.24 16.28
C GLU G 74 6.16 -20.97 15.06
N VAL G 75 7.49 -20.92 15.30
CA VAL G 75 8.48 -20.73 14.24
C VAL G 75 9.51 -21.88 14.28
N SER G 76 10.09 -22.20 13.12
CA SER G 76 11.11 -23.23 12.97
C SER G 76 12.47 -22.55 12.73
N VAL G 77 13.54 -22.98 13.43
CA VAL G 77 14.87 -22.40 13.30
C VAL G 77 15.90 -23.47 12.89
N LEU G 78 16.78 -23.10 11.93
CA LEU G 78 17.84 -23.94 11.39
C LEU G 78 19.23 -23.33 11.64
N PHE G 79 20.19 -24.19 12.05
CA PHE G 79 21.58 -23.85 12.25
C PHE G 79 22.44 -24.79 11.39
N ALA G 80 23.26 -24.23 10.51
CA ALA G 80 24.17 -24.97 9.65
C ALA G 80 25.60 -24.53 9.93
N ASP G 81 26.53 -25.48 10.12
CA ASP G 81 27.94 -25.21 10.43
C ASP G 81 28.85 -26.10 9.60
N ILE G 82 29.94 -25.54 9.04
CA ILE G 82 30.94 -26.26 8.23
C ILE G 82 31.79 -27.14 9.13
N VAL G 83 31.99 -28.39 8.73
CA VAL G 83 32.80 -29.37 9.43
C VAL G 83 34.29 -29.11 9.12
N GLY G 84 35.11 -29.05 10.17
CA GLY G 84 36.55 -28.83 10.11
C GLY G 84 36.99 -27.61 9.32
N PHE G 85 36.47 -26.43 9.70
CA PHE G 85 36.79 -25.18 9.03
C PHE G 85 38.18 -24.65 9.40
N THR G 86 38.53 -24.64 10.71
CA THR G 86 39.81 -24.18 11.27
C THR G 86 41.03 -24.88 10.63
N GLU G 87 40.89 -26.17 10.32
CA GLU G 87 41.93 -27.01 9.73
C GLU G 87 42.29 -26.61 8.30
N ARG G 88 41.35 -25.95 7.58
CA ARG G 88 41.53 -25.48 6.21
C ARG G 88 42.55 -24.34 6.10
N ALA G 89 42.88 -23.70 7.24
CA ALA G 89 43.86 -22.60 7.34
C ALA G 89 45.30 -23.06 7.04
N SER G 90 45.54 -24.38 7.07
CA SER G 90 46.83 -25.01 6.77
C SER G 90 47.12 -24.96 5.28
N THR G 91 46.06 -25.02 4.44
CA THR G 91 46.13 -25.02 2.98
C THR G 91 45.66 -23.70 2.35
N THR G 92 44.78 -22.96 3.05
CA THR G 92 44.20 -21.70 2.56
C THR G 92 44.55 -20.51 3.45
N THR G 93 44.82 -19.34 2.84
CA THR G 93 45.13 -18.09 3.55
C THR G 93 43.89 -17.61 4.31
N PRO G 94 44.04 -16.87 5.45
CA PRO G 94 42.84 -16.41 6.17
C PRO G 94 41.85 -15.58 5.36
N ALA G 95 42.36 -14.71 4.46
CA ALA G 95 41.54 -13.86 3.60
C ALA G 95 40.75 -14.66 2.54
N ASP G 96 41.34 -15.76 2.02
CA ASP G 96 40.70 -16.63 1.04
C ASP G 96 39.64 -17.53 1.68
N LEU G 97 39.77 -17.75 3.01
CA LEU G 97 38.83 -18.53 3.81
C LEU G 97 37.54 -17.71 4.01
N VAL G 98 37.69 -16.37 4.20
CA VAL G 98 36.60 -15.40 4.36
C VAL G 98 35.90 -15.22 3.00
N ARG G 99 36.68 -15.26 1.89
CA ARG G 99 36.18 -15.17 0.52
C ARG G 99 35.37 -16.42 0.17
N PHE G 100 35.75 -17.59 0.73
CA PHE G 100 35.06 -18.88 0.58
C PHE G 100 33.73 -18.83 1.31
N LEU G 101 33.72 -18.28 2.55
CA LEU G 101 32.55 -18.08 3.41
C LEU G 101 31.51 -17.19 2.71
N ASN G 102 31.96 -16.12 2.03
CA ASN G 102 31.10 -15.22 1.28
C ASN G 102 30.49 -15.91 0.05
N ARG G 103 31.28 -16.75 -0.65
CA ARG G 103 30.87 -17.51 -1.83
C ARG G 103 29.85 -18.59 -1.44
N LEU G 104 30.14 -19.35 -0.36
CA LEU G 104 29.31 -20.42 0.16
C LEU G 104 27.96 -19.90 0.67
N TYR G 105 27.99 -18.83 1.48
CA TYR G 105 26.77 -18.22 2.05
C TYR G 105 26.00 -17.39 1.03
N GLY G 106 26.67 -16.97 -0.04
CA GLY G 106 26.04 -16.26 -1.16
C GLY G 106 25.08 -17.18 -1.89
N ALA G 107 25.49 -18.45 -2.05
CA ALA G 107 24.71 -19.52 -2.68
C ALA G 107 23.51 -19.88 -1.79
N PHE G 108 23.71 -19.86 -0.46
CA PHE G 108 22.68 -20.16 0.54
C PHE G 108 21.66 -19.03 0.65
N ASP G 109 22.10 -17.76 0.49
CA ASP G 109 21.22 -16.58 0.54
C ASP G 109 20.26 -16.58 -0.64
N GLU G 110 20.72 -17.11 -1.80
CA GLU G 110 19.94 -17.27 -3.02
C GLU G 110 18.82 -18.30 -2.78
N LEU G 111 19.13 -19.34 -1.98
CA LEU G 111 18.23 -20.42 -1.62
C LEU G 111 17.15 -20.02 -0.61
N VAL G 112 17.44 -19.03 0.31
CA VAL G 112 16.45 -18.57 1.30
C VAL G 112 15.34 -17.74 0.59
N ASP G 113 15.70 -17.03 -0.49
CA ASP G 113 14.77 -16.23 -1.29
C ASP G 113 13.85 -17.15 -2.10
N LYS G 114 14.44 -18.23 -2.64
CA LYS G 114 13.77 -19.27 -3.42
C LYS G 114 12.67 -19.95 -2.58
N HIS G 115 12.97 -20.26 -1.30
CA HIS G 115 12.04 -20.88 -0.35
C HIS G 115 11.19 -19.87 0.44
N GLY G 116 11.52 -18.58 0.30
CA GLY G 116 10.82 -17.47 0.96
C GLY G 116 10.94 -17.49 2.46
N LEU G 117 12.16 -17.73 2.96
CA LEU G 117 12.46 -17.82 4.40
C LEU G 117 13.29 -16.63 4.88
N GLU G 118 13.45 -16.50 6.22
CA GLU G 118 14.19 -15.40 6.85
C GLU G 118 15.60 -15.80 7.29
N LYS G 119 16.62 -15.22 6.63
CA LYS G 119 18.02 -15.41 7.02
C LYS G 119 18.24 -14.46 8.21
N ILE G 120 18.78 -14.98 9.32
CA ILE G 120 19.00 -14.16 10.51
C ILE G 120 20.43 -13.63 10.53
N LYS G 121 21.42 -14.51 10.80
CA LYS G 121 22.84 -14.13 10.91
C LYS G 121 23.81 -15.21 10.48
N VAL G 122 25.10 -14.86 10.52
CA VAL G 122 26.25 -15.70 10.22
C VAL G 122 27.27 -15.54 11.36
N SER G 123 27.39 -16.54 12.25
CA SER G 123 28.32 -16.49 13.37
C SER G 123 29.63 -17.17 12.95
N GLY G 124 30.33 -16.51 12.05
CA GLY G 124 31.56 -17.00 11.47
C GLY G 124 31.31 -18.19 10.57
N ASP G 125 31.36 -19.38 11.18
CA ASP G 125 31.16 -20.67 10.53
C ASP G 125 29.71 -21.14 10.54
N SER G 126 28.86 -20.54 11.41
CA SER G 126 27.45 -20.88 11.58
C SER G 126 26.55 -20.03 10.69
N TYR G 127 25.37 -20.56 10.31
CA TYR G 127 24.40 -19.90 9.43
C TYR G 127 22.99 -20.12 10.01
N MET G 128 22.26 -19.02 10.28
CA MET G 128 20.91 -19.11 10.85
C MET G 128 19.79 -18.68 9.90
N VAL G 129 18.80 -19.57 9.73
CA VAL G 129 17.58 -19.36 8.92
C VAL G 129 16.38 -19.71 9.81
N VAL G 130 15.36 -18.86 9.77
CA VAL G 130 14.13 -19.03 10.53
C VAL G 130 12.93 -19.03 9.57
N SER G 131 11.96 -19.91 9.85
CA SER G 131 10.73 -20.09 9.10
C SER G 131 9.56 -19.73 10.03
N GLY G 132 8.85 -18.64 9.71
CA GLY G 132 7.72 -18.17 10.50
C GLY G 132 7.81 -16.72 10.97
N VAL G 133 8.94 -16.03 10.67
CA VAL G 133 9.14 -14.61 11.01
C VAL G 133 9.39 -13.78 9.74
N PRO G 134 8.76 -12.59 9.58
CA PRO G 134 7.79 -11.93 10.47
C PRO G 134 6.35 -12.44 10.36
N ARG G 135 5.98 -13.04 9.20
CA ARG G 135 4.65 -13.57 8.94
C ARG G 135 4.62 -15.07 9.20
N ALA G 136 3.66 -15.53 10.00
CA ALA G 136 3.51 -16.95 10.32
C ALA G 136 2.90 -17.71 9.15
N ARG G 137 3.35 -18.97 8.95
CA ARG G 137 2.88 -19.87 7.90
C ARG G 137 2.58 -21.26 8.50
N PRO G 138 1.48 -21.94 8.11
CA PRO G 138 1.18 -23.26 8.70
C PRO G 138 2.18 -24.36 8.35
N ASP G 139 2.91 -24.18 7.23
CA ASP G 139 3.92 -25.11 6.72
C ASP G 139 5.36 -24.68 7.11
N HIS G 140 5.51 -23.87 8.19
CA HIS G 140 6.81 -23.38 8.67
C HIS G 140 7.87 -24.48 8.85
N ALA G 141 7.46 -25.64 9.42
CA ALA G 141 8.33 -26.79 9.65
C ALA G 141 8.68 -27.51 8.34
N PHE G 142 7.69 -27.66 7.42
CA PHE G 142 7.88 -28.32 6.13
C PHE G 142 8.76 -27.48 5.20
N ALA G 143 8.56 -26.15 5.18
CA ALA G 143 9.29 -25.19 4.36
C ALA G 143 10.78 -25.14 4.71
N LEU G 144 11.10 -25.22 6.01
CA LEU G 144 12.47 -25.21 6.50
C LEU G 144 13.12 -26.57 6.27
N ALA G 145 12.31 -27.66 6.31
CA ALA G 145 12.76 -29.03 6.05
C ALA G 145 13.12 -29.18 4.58
N ASP G 146 12.28 -28.63 3.66
CA ASP G 146 12.52 -28.64 2.21
C ASP G 146 13.77 -27.81 1.88
N PHE G 147 13.99 -26.73 2.64
CA PHE G 147 15.15 -25.86 2.52
C PHE G 147 16.43 -26.57 2.96
N ALA G 148 16.39 -27.23 4.15
CA ALA G 148 17.50 -27.98 4.75
C ALA G 148 18.03 -29.05 3.81
N LEU G 149 17.10 -29.78 3.14
CA LEU G 149 17.41 -30.85 2.19
C LEU G 149 18.01 -30.29 0.91
N ASP G 150 17.50 -29.13 0.44
CA ASP G 150 17.99 -28.43 -0.75
C ASP G 150 19.38 -27.88 -0.49
N MET G 151 19.62 -27.37 0.74
CA MET G 151 20.89 -26.82 1.24
C MET G 151 21.96 -27.91 1.29
N ALA G 152 21.57 -29.12 1.72
CA ALA G 152 22.45 -30.30 1.79
C ALA G 152 22.94 -30.70 0.41
N ASN G 153 22.05 -30.61 -0.61
CA ASN G 153 22.35 -30.92 -2.01
C ASN G 153 23.23 -29.85 -2.66
N VAL G 154 22.99 -28.56 -2.31
CA VAL G 154 23.75 -27.41 -2.79
C VAL G 154 25.20 -27.48 -2.29
N ALA G 155 25.38 -27.76 -0.99
CA ALA G 155 26.69 -27.89 -0.33
C ALA G 155 27.51 -29.07 -0.85
N ALA G 156 26.84 -30.20 -1.16
CA ALA G 156 27.46 -31.43 -1.69
C ALA G 156 28.07 -31.21 -3.08
N ALA G 157 27.43 -30.36 -3.90
CA ALA G 157 27.88 -30.00 -5.25
C ALA G 157 29.06 -29.02 -5.20
N LEU G 158 29.14 -28.21 -4.12
CA LEU G 158 30.19 -27.20 -3.92
C LEU G 158 31.48 -27.78 -3.34
N LYS G 159 32.61 -27.12 -3.65
CA LYS G 159 33.95 -27.49 -3.19
C LYS G 159 34.66 -26.30 -2.55
N ASP G 160 35.54 -26.57 -1.57
CA ASP G 160 36.33 -25.57 -0.86
C ASP G 160 37.47 -25.02 -1.76
N PRO G 161 38.14 -23.88 -1.43
CA PRO G 161 39.19 -23.35 -2.32
C PRO G 161 40.36 -24.30 -2.62
N HIS G 162 40.59 -25.30 -1.75
CA HIS G 162 41.65 -26.31 -1.93
C HIS G 162 41.19 -27.46 -2.84
N GLY G 163 39.90 -27.52 -3.15
CA GLY G 163 39.30 -28.53 -4.01
C GLY G 163 38.64 -29.71 -3.32
N ASP G 164 38.56 -29.66 -1.97
CA ASP G 164 37.96 -30.71 -1.14
C ASP G 164 36.46 -30.43 -0.89
N PRO G 165 35.62 -31.44 -0.54
CA PRO G 165 34.18 -31.16 -0.31
C PRO G 165 33.88 -30.26 0.88
N VAL G 166 32.63 -29.77 0.98
CA VAL G 166 32.18 -28.90 2.07
C VAL G 166 31.15 -29.66 2.95
N PRO G 167 31.60 -30.47 3.95
CA PRO G 167 30.63 -31.18 4.80
C PRO G 167 29.99 -30.24 5.81
N LEU G 168 28.68 -30.38 6.00
CA LEU G 168 27.91 -29.55 6.92
C LEU G 168 27.26 -30.36 8.04
N ARG G 169 27.07 -29.70 9.18
CA ARG G 169 26.36 -30.20 10.35
C ARG G 169 25.12 -29.31 10.42
N MET G 170 23.92 -29.92 10.34
CA MET G 170 22.66 -29.18 10.36
C MET G 170 21.74 -29.64 11.46
N GLY G 171 21.09 -28.68 12.10
CA GLY G 171 20.15 -28.92 13.18
C GLY G 171 18.97 -27.98 13.11
N MET G 172 17.76 -28.53 13.29
CA MET G 172 16.49 -27.80 13.27
C MET G 172 15.70 -28.02 14.56
N ALA G 173 14.73 -27.12 14.85
CA ALA G 173 13.81 -27.16 15.99
C ALA G 173 12.69 -26.15 15.80
N CYS G 174 11.59 -26.30 16.56
CA CYS G 174 10.45 -25.39 16.52
C CYS G 174 9.84 -25.13 17.90
N GLY G 175 9.04 -24.07 17.99
CA GLY G 175 8.36 -23.66 19.21
C GLY G 175 8.26 -22.16 19.38
N PRO G 176 7.86 -21.67 20.59
CA PRO G 176 7.75 -20.22 20.80
C PRO G 176 9.10 -19.50 20.79
N VAL G 177 9.17 -18.39 20.04
CA VAL G 177 10.36 -17.59 19.84
C VAL G 177 10.09 -16.09 20.05
N VAL G 178 11.12 -15.35 20.49
CA VAL G 178 11.09 -13.90 20.67
C VAL G 178 12.09 -13.33 19.65
N ALA G 179 11.62 -12.43 18.78
CA ALA G 179 12.44 -11.82 17.74
C ALA G 179 12.58 -10.32 17.96
N GLY G 180 13.80 -9.82 17.84
CA GLY G 180 14.07 -8.41 18.06
C GLY G 180 15.52 -7.96 18.06
N VAL G 181 15.79 -6.81 18.71
CA VAL G 181 17.09 -6.12 18.76
C VAL G 181 17.41 -5.73 20.21
N VAL G 182 18.66 -6.08 20.69
CA VAL G 182 19.17 -5.81 22.05
C VAL G 182 20.45 -4.94 22.02
N GLY G 183 20.70 -4.18 23.10
CA GLY G 183 21.85 -3.31 23.23
C GLY G 183 21.64 -1.93 22.67
N SER G 184 22.54 -0.99 22.98
CA SER G 184 22.49 0.40 22.50
C SER G 184 23.28 0.66 21.19
N ARG G 185 24.34 -0.14 20.94
CA ARG G 185 25.16 -0.04 19.72
C ARG G 185 25.37 -1.41 19.11
N ARG G 186 25.66 -1.47 17.79
CA ARG G 186 25.84 -2.69 16.97
C ARG G 186 24.62 -3.61 17.04
N PHE G 187 23.46 -3.03 16.71
CA PHE G 187 22.14 -3.63 16.66
C PHE G 187 22.08 -4.72 15.61
N PHE G 188 21.09 -5.63 15.75
CA PHE G 188 20.84 -6.70 14.79
C PHE G 188 19.47 -7.34 15.03
N TYR G 189 18.75 -7.73 13.94
CA TYR G 189 17.47 -8.44 14.11
C TYR G 189 17.80 -9.92 14.35
N ASP G 190 17.62 -10.36 15.60
CA ASP G 190 17.93 -11.70 16.04
C ASP G 190 16.68 -12.40 16.61
N VAL G 191 16.77 -13.74 16.77
CA VAL G 191 15.71 -14.56 17.35
C VAL G 191 16.26 -15.32 18.58
N TRP G 192 15.43 -15.47 19.62
CA TRP G 192 15.78 -16.13 20.87
C TRP G 192 14.64 -17.03 21.29
N GLY G 193 14.95 -18.02 22.13
CA GLY G 193 13.97 -18.94 22.65
C GLY G 193 14.47 -20.36 22.77
N ASP G 194 13.57 -21.26 23.16
CA ASP G 194 13.88 -22.67 23.32
C ASP G 194 14.21 -23.32 21.97
N ALA G 195 13.45 -22.96 20.90
CA ALA G 195 13.66 -23.50 19.57
C ALA G 195 15.06 -23.22 19.02
N VAL G 196 15.61 -22.01 19.25
CA VAL G 196 16.96 -21.67 18.76
C VAL G 196 18.01 -22.35 19.66
N ASN G 197 17.67 -22.59 20.93
CA ASN G 197 18.56 -23.27 21.87
C ASN G 197 18.73 -24.75 21.52
N VAL G 198 17.62 -25.48 21.22
CA VAL G 198 17.74 -26.91 20.89
C VAL G 198 18.19 -27.08 19.42
N ALA G 199 17.94 -26.11 18.50
CA ALA G 199 18.41 -26.20 17.11
C ALA G 199 19.94 -26.03 17.04
N SER G 200 20.50 -25.21 17.97
CA SER G 200 21.93 -24.94 18.18
C SER G 200 22.66 -26.16 18.80
N ARG G 201 21.91 -27.02 19.52
CA ARG G 201 22.39 -28.27 20.09
C ARG G 201 22.24 -29.38 19.06
N MET G 202 21.15 -29.36 18.24
CA MET G 202 20.89 -30.32 17.17
C MET G 202 21.96 -30.20 16.09
N GLU G 203 22.55 -29.01 15.91
CA GLU G 203 23.63 -28.80 14.94
C GLU G 203 24.96 -29.33 15.50
N SER G 204 25.39 -28.88 16.70
CA SER G 204 26.65 -29.24 17.34
C SER G 204 26.82 -30.73 17.66
N THR G 205 25.73 -31.42 18.02
CA THR G 205 25.75 -32.84 18.38
C THR G 205 25.43 -33.76 17.18
N ASP G 206 25.24 -33.17 15.98
CA ASP G 206 24.93 -33.87 14.74
C ASP G 206 26.15 -34.54 14.11
N SER G 207 25.90 -35.62 13.32
CA SER G 207 26.92 -36.33 12.55
C SER G 207 26.99 -35.63 11.18
N VAL G 208 28.18 -35.53 10.58
CA VAL G 208 28.42 -34.80 9.33
C VAL G 208 27.55 -35.36 8.16
N GLY G 209 27.00 -34.43 7.38
CA GLY G 209 26.15 -34.72 6.22
C GLY G 209 24.73 -35.15 6.55
N ARG G 210 24.27 -34.90 7.78
CA ARG G 210 22.93 -35.26 8.26
C ARG G 210 22.16 -34.03 8.74
N ILE G 211 20.83 -34.17 8.89
CA ILE G 211 19.95 -33.10 9.41
C ILE G 211 19.26 -33.62 10.67
N GLN G 212 19.75 -33.20 11.84
CA GLN G 212 19.24 -33.61 13.16
C GLN G 212 18.05 -32.76 13.60
N VAL G 213 16.96 -33.42 14.02
CA VAL G 213 15.72 -32.79 14.49
C VAL G 213 15.23 -33.45 15.81
N PRO G 214 14.65 -32.71 16.78
CA PRO G 214 14.19 -33.38 18.01
C PRO G 214 12.88 -34.15 17.82
N GLU G 215 12.47 -34.91 18.87
CA GLU G 215 11.24 -35.70 18.88
C GLU G 215 9.98 -34.85 18.59
N ALA G 216 9.97 -33.58 19.05
CA ALA G 216 8.84 -32.65 18.88
C ALA G 216 8.65 -32.24 17.42
N MET G 217 9.75 -32.09 16.68
CA MET G 217 9.70 -31.74 15.27
C MET G 217 9.38 -32.98 14.43
N TYR G 218 9.96 -34.15 14.80
CA TYR G 218 9.71 -35.43 14.13
C TYR G 218 8.21 -35.68 14.01
N GLU G 219 7.45 -35.47 15.11
CA GLU G 219 6.00 -35.65 15.17
C GLU G 219 5.23 -34.79 14.15
N ARG G 220 5.75 -33.60 13.86
CA ARG G 220 5.14 -32.69 12.89
C ARG G 220 5.64 -32.96 11.45
N LEU G 221 6.79 -33.66 11.31
CA LEU G 221 7.44 -33.95 10.04
C LEU G 221 7.23 -35.38 9.47
N LYS G 222 6.88 -36.35 10.33
CA LYS G 222 6.70 -37.78 10.03
C LYS G 222 5.63 -38.12 8.98
N ASN G 223 4.63 -37.25 8.78
CA ASN G 223 3.55 -37.47 7.83
C ASN G 223 3.90 -37.13 6.37
N GLU G 224 4.89 -36.23 6.16
CA GLU G 224 5.31 -35.80 4.82
C GLU G 224 6.79 -36.06 4.51
N PHE G 225 7.59 -36.43 5.54
CA PHE G 225 9.03 -36.67 5.39
C PHE G 225 9.48 -38.01 5.96
N VAL G 226 10.57 -38.55 5.38
CA VAL G 226 11.18 -39.80 5.82
C VAL G 226 12.24 -39.45 6.87
N LEU G 227 12.14 -40.09 8.06
CA LEU G 227 13.02 -39.86 9.20
C LEU G 227 13.58 -41.15 9.79
N GLN G 228 14.85 -41.12 10.21
CA GLN G 228 15.57 -42.24 10.80
C GLN G 228 15.96 -41.90 12.24
N GLU G 229 15.55 -42.74 13.22
CA GLU G 229 15.83 -42.52 14.64
C GLU G 229 17.31 -42.68 14.98
N ARG G 230 17.88 -41.65 15.64
CA ARG G 230 19.27 -41.67 16.09
C ARG G 230 19.31 -42.26 17.50
N GLY G 231 18.40 -41.79 18.36
CA GLY G 231 18.28 -42.23 19.74
C GLY G 231 18.42 -41.10 20.75
N ARG G 232 18.48 -41.46 22.04
CA ARG G 232 18.62 -40.52 23.14
C ARG G 232 20.05 -39.97 23.25
N ILE G 233 20.19 -38.63 23.14
CA ILE G 233 21.47 -37.92 23.24
C ILE G 233 21.45 -36.83 24.31
N GLU G 234 22.59 -36.62 24.98
CA GLU G 234 22.76 -35.62 26.03
C GLU G 234 22.98 -34.23 25.43
N VAL G 235 22.15 -33.26 25.84
CA VAL G 235 22.20 -31.86 25.39
C VAL G 235 22.21 -30.92 26.60
N LYS G 236 23.07 -29.89 26.56
CA LYS G 236 23.22 -28.90 27.64
C LYS G 236 21.95 -28.04 27.82
N GLY G 237 21.48 -27.96 29.06
CA GLY G 237 20.31 -27.17 29.43
C GLY G 237 18.95 -27.81 29.20
N LYS G 238 18.91 -29.03 28.62
CA LYS G 238 17.67 -29.75 28.33
C LYS G 238 17.67 -31.19 28.87
N GLY G 239 18.87 -31.70 29.17
CA GLY G 239 19.05 -33.06 29.68
C GLY G 239 19.29 -34.03 28.55
N VAL G 240 18.41 -35.05 28.42
CA VAL G 240 18.49 -36.08 27.37
C VAL G 240 17.22 -36.02 26.51
N MET G 241 17.38 -36.06 25.16
CA MET G 241 16.28 -35.97 24.20
C MET G 241 16.38 -36.97 23.06
N ARG G 242 15.23 -37.49 22.59
CA ARG G 242 15.12 -38.39 21.45
C ARG G 242 15.30 -37.60 20.17
N THR G 243 16.18 -38.08 19.29
CA THR G 243 16.54 -37.42 18.04
C THR G 243 16.26 -38.27 16.80
N TRP G 244 15.97 -37.59 15.68
CA TRP G 244 15.68 -38.17 14.37
C TRP G 244 16.48 -37.44 13.28
N TYR G 245 16.79 -38.16 12.17
CA TYR G 245 17.52 -37.63 11.02
C TYR G 245 16.58 -37.42 9.85
N LEU G 246 16.59 -36.23 9.23
CA LEU G 246 15.78 -35.93 8.06
C LEU G 246 16.49 -36.51 6.83
N ILE G 247 15.87 -37.51 6.18
CA ILE G 247 16.43 -38.19 5.00
C ILE G 247 15.94 -37.54 3.69
N GLY G 248 14.65 -37.20 3.63
CA GLY G 248 14.03 -36.59 2.47
C GLY G 248 12.51 -36.55 2.51
N ARG G 249 11.89 -36.11 1.40
CA ARG G 249 10.43 -36.01 1.22
C ARG G 249 9.81 -37.40 1.00
N LYS G 250 8.50 -37.54 1.30
CA LYS G 250 7.71 -38.78 1.19
C LYS G 250 7.84 -39.49 -0.16
N ALA G 251 7.80 -40.85 -0.12
CA ALA G 251 7.94 -41.79 -1.22
C ALA G 251 7.02 -41.55 -2.44
N ASP G 252 5.87 -40.83 -2.25
CA ASP G 252 4.87 -40.47 -3.26
C ASP G 252 3.99 -41.65 -3.72
N GLU G 253 4.52 -42.89 -3.74
CA GLU G 253 3.78 -44.08 -4.15
C GLU G 253 3.16 -44.81 -2.95
N THR H 30 8.30 24.69 0.71
CA THR H 30 9.49 24.18 0.00
C THR H 30 10.69 24.09 0.95
N GLN H 31 10.90 25.12 1.79
CA GLN H 31 12.00 25.20 2.77
C GLN H 31 11.85 24.18 3.91
N ARG H 32 10.60 23.92 4.33
CA ARG H 32 10.29 22.97 5.41
C ARG H 32 10.28 21.52 4.90
N ALA H 33 10.04 21.33 3.58
CA ALA H 33 10.02 20.03 2.90
C ALA H 33 11.42 19.45 2.76
N GLU H 34 12.45 20.32 2.64
CA GLU H 34 13.86 19.93 2.53
C GLU H 34 14.46 19.64 3.93
N ALA H 35 14.03 20.40 4.96
CA ALA H 35 14.48 20.26 6.34
C ALA H 35 14.05 18.91 6.94
N VAL H 36 12.83 18.44 6.61
CA VAL H 36 12.30 17.15 7.07
C VAL H 36 12.98 15.98 6.31
N MET H 37 13.39 16.24 5.04
CA MET H 37 14.07 15.30 4.15
C MET H 37 15.50 14.99 4.65
N GLU H 38 16.13 15.99 5.29
CA GLU H 38 17.47 15.89 5.87
C GLU H 38 17.42 15.34 7.29
N ALA H 39 16.31 15.63 8.02
CA ALA H 39 16.06 15.13 9.38
C ALA H 39 15.87 13.61 9.34
N GLU H 40 15.26 13.10 8.23
CA GLU H 40 15.05 11.68 7.99
C GLU H 40 16.34 11.03 7.52
N TYR H 41 17.21 11.80 6.84
CA TYR H 41 18.53 11.36 6.36
C TYR H 41 19.48 11.21 7.56
N GLU H 42 19.40 12.16 8.53
CA GLU H 42 20.18 12.19 9.76
C GLU H 42 19.90 10.94 10.60
N ARG H 43 18.60 10.59 10.77
CA ARG H 43 18.12 9.42 11.51
C ARG H 43 18.60 8.12 10.84
N SER H 44 18.57 8.10 9.50
CA SER H 44 18.99 6.97 8.67
C SER H 44 20.50 6.72 8.77
N GLU H 45 21.29 7.81 8.68
CA GLU H 45 22.74 7.77 8.76
C GLU H 45 23.22 7.41 10.16
N ALA H 46 22.48 7.86 11.21
CA ALA H 46 22.76 7.59 12.62
C ALA H 46 22.52 6.13 12.95
N LEU H 47 21.53 5.48 12.30
CA LEU H 47 21.22 4.06 12.48
C LEU H 47 22.34 3.24 11.87
N LEU H 48 22.72 3.58 10.63
CA LEU H 48 23.78 2.95 9.86
C LEU H 48 25.15 3.03 10.56
N ALA H 49 25.43 4.17 11.25
CA ALA H 49 26.67 4.41 11.99
C ALA H 49 26.75 3.54 13.24
N ASN H 50 25.59 3.28 13.86
CA ASN H 50 25.43 2.47 15.06
C ASN H 50 25.62 0.98 14.75
N MET H 51 25.20 0.55 13.55
CA MET H 51 25.25 -0.85 13.11
C MET H 51 26.59 -1.33 12.53
N LEU H 52 27.32 -0.41 11.86
CA LEU H 52 28.59 -0.73 11.21
C LEU H 52 29.70 0.27 11.54
N PRO H 53 31.01 -0.15 11.52
CA PRO H 53 32.09 0.84 11.68
C PRO H 53 32.07 1.79 10.48
N GLY H 54 32.34 3.07 10.73
CA GLY H 54 32.33 4.16 9.75
C GLY H 54 32.76 3.82 8.35
N SER H 55 34.02 3.34 8.19
CA SER H 55 34.63 2.98 6.91
C SER H 55 33.93 1.83 6.19
N ILE H 56 33.42 0.86 6.96
CA ILE H 56 32.70 -0.32 6.48
C ILE H 56 31.36 0.08 5.84
N ALA H 57 30.60 0.99 6.49
CA ALA H 57 29.33 1.52 5.99
C ALA H 57 29.55 2.23 4.65
N GLU H 58 30.66 3.00 4.53
CA GLU H 58 31.09 3.70 3.32
C GLU H 58 31.43 2.72 2.20
N ARG H 59 32.12 1.62 2.53
CA ARG H 59 32.51 0.54 1.63
C ARG H 59 31.29 -0.25 1.13
N LEU H 60 30.30 -0.50 2.01
CA LEU H 60 29.06 -1.18 1.65
C LEU H 60 28.17 -0.28 0.76
N LYS H 61 28.26 1.06 0.93
CA LYS H 61 27.53 2.05 0.12
C LYS H 61 28.13 2.16 -1.30
N SER H 62 29.42 1.78 -1.46
CA SER H 62 30.09 1.75 -2.76
C SER H 62 29.62 0.50 -3.53
N SER H 63 29.85 0.44 -4.84
CA SER H 63 29.42 -0.74 -5.60
C SER H 63 30.54 -1.75 -5.81
N SER H 64 31.40 -1.92 -4.79
CA SER H 64 32.52 -2.86 -4.82
C SER H 64 32.03 -4.30 -4.77
N ARG H 65 32.51 -5.12 -5.74
CA ARG H 65 32.19 -6.54 -5.88
C ARG H 65 33.19 -7.40 -5.10
N SER H 66 34.25 -6.77 -4.55
CA SER H 66 35.27 -7.44 -3.75
C SER H 66 34.74 -7.75 -2.36
N VAL H 67 35.26 -8.82 -1.74
CA VAL H 67 34.87 -9.23 -0.40
C VAL H 67 35.62 -8.33 0.60
N ILE H 68 34.92 -7.87 1.65
CA ILE H 68 35.54 -7.08 2.73
C ILE H 68 36.18 -8.13 3.66
N ALA H 69 37.50 -8.28 3.56
CA ALA H 69 38.31 -9.20 4.38
C ALA H 69 39.67 -8.53 4.54
N ASP H 70 39.90 -7.94 5.70
CA ASP H 70 41.12 -7.20 5.99
C ASP H 70 41.95 -7.90 7.04
N LYS H 71 43.22 -8.14 6.72
CA LYS H 71 44.17 -8.80 7.62
C LYS H 71 44.67 -7.78 8.65
N TYR H 72 44.62 -8.15 9.94
CA TYR H 72 45.12 -7.35 11.05
C TYR H 72 46.08 -8.23 11.83
N ASP H 73 47.33 -7.76 12.00
CA ASP H 73 48.42 -8.52 12.62
C ASP H 73 48.29 -8.76 14.12
N GLU H 74 47.92 -7.75 14.92
CA GLU H 74 47.85 -7.95 16.35
C GLU H 74 46.66 -7.28 17.01
N VAL H 75 45.58 -8.04 17.20
CA VAL H 75 44.36 -7.58 17.87
C VAL H 75 44.03 -8.53 19.04
N SER H 76 43.39 -7.98 20.08
CA SER H 76 42.94 -8.72 21.26
C SER H 76 41.42 -8.89 21.21
N VAL H 77 40.92 -10.10 21.46
CA VAL H 77 39.48 -10.39 21.41
C VAL H 77 38.98 -10.93 22.76
N LEU H 78 37.82 -10.44 23.20
CA LEU H 78 37.14 -10.80 24.45
C LEU H 78 35.76 -11.41 24.19
N PHE H 79 35.48 -12.50 24.92
CA PHE H 79 34.18 -13.17 24.91
C PHE H 79 33.66 -13.24 26.34
N ALA H 80 32.46 -12.68 26.56
CA ALA H 80 31.79 -12.67 27.86
C ALA H 80 30.46 -13.39 27.70
N ASP H 81 30.17 -14.34 28.61
CA ASP H 81 28.95 -15.13 28.57
C ASP H 81 28.36 -15.24 29.98
N ILE H 82 27.02 -15.08 30.08
CA ILE H 82 26.29 -15.17 31.35
C ILE H 82 26.21 -16.62 31.79
N VAL H 83 26.49 -16.87 33.08
CA VAL H 83 26.45 -18.20 33.68
C VAL H 83 24.98 -18.56 33.97
N GLY H 84 24.55 -19.76 33.55
CA GLY H 84 23.20 -20.31 33.72
C GLY H 84 22.06 -19.43 33.27
N PHE H 85 22.10 -19.00 32.00
CA PHE H 85 21.07 -18.13 31.43
C PHE H 85 19.77 -18.86 31.10
N THR H 86 19.85 -20.03 30.43
CA THR H 86 18.69 -20.85 30.02
C THR H 86 17.79 -21.24 31.21
N GLU H 87 18.40 -21.47 32.38
CA GLU H 87 17.71 -21.84 33.61
C GLU H 87 16.85 -20.72 34.21
N ARG H 88 17.15 -19.45 33.86
CA ARG H 88 16.40 -18.26 34.31
C ARG H 88 14.98 -18.21 33.70
N ALA H 89 14.73 -19.01 32.63
CA ALA H 89 13.44 -19.13 31.94
C ALA H 89 12.35 -19.76 32.84
N SER H 90 12.75 -20.40 33.94
CA SER H 90 11.86 -21.02 34.92
C SER H 90 11.17 -19.96 35.77
N THR H 91 11.85 -18.82 36.00
CA THR H 91 11.35 -17.69 36.81
C THR H 91 10.97 -16.47 35.97
N THR H 92 11.59 -16.32 34.78
CA THR H 92 11.37 -15.17 33.89
C THR H 92 10.81 -15.58 32.53
N THR H 93 9.87 -14.78 31.99
CA THR H 93 9.24 -15.01 30.68
C THR H 93 10.30 -14.81 29.57
N PRO H 94 10.17 -15.46 28.40
CA PRO H 94 11.18 -15.27 27.33
C PRO H 94 11.38 -13.82 26.90
N ALA H 95 10.30 -13.01 26.83
CA ALA H 95 10.35 -11.60 26.44
C ALA H 95 11.09 -10.73 27.48
N ASP H 96 10.94 -11.04 28.79
CA ASP H 96 11.60 -10.32 29.88
C ASP H 96 13.09 -10.68 29.97
N LEU H 97 13.46 -11.87 29.45
CA LEU H 97 14.84 -12.35 29.38
C LEU H 97 15.60 -11.57 28.31
N VAL H 98 14.91 -11.26 27.18
CA VAL H 98 15.43 -10.47 26.04
C VAL H 98 15.55 -8.99 26.49
N ARG H 99 14.60 -8.52 27.33
CA ARG H 99 14.59 -7.16 27.90
C ARG H 99 15.76 -7.00 28.87
N PHE H 100 16.13 -8.10 29.58
CA PHE H 100 17.27 -8.15 30.50
C PHE H 100 18.58 -8.07 29.71
N LEU H 101 18.67 -8.83 28.61
CA LEU H 101 19.79 -8.90 27.68
C LEU H 101 20.07 -7.51 27.09
N ASN H 102 19.00 -6.75 26.74
CA ASN H 102 19.10 -5.39 26.19
C ASN H 102 19.62 -4.41 27.26
N ARG H 103 19.15 -4.58 28.53
CA ARG H 103 19.53 -3.76 29.68
C ARG H 103 20.99 -4.01 30.07
N LEU H 104 21.38 -5.29 30.15
CA LEU H 104 22.73 -5.74 30.50
C LEU H 104 23.77 -5.32 29.45
N TYR H 105 23.47 -5.58 28.17
CA TYR H 105 24.37 -5.24 27.09
C TYR H 105 24.37 -3.75 26.76
N GLY H 106 23.33 -3.03 27.18
CA GLY H 106 23.23 -1.59 27.03
C GLY H 106 24.27 -0.91 27.91
N ALA H 107 24.45 -1.46 29.12
CA ALA H 107 25.44 -1.01 30.10
C ALA H 107 26.86 -1.30 29.60
N PHE H 108 27.05 -2.46 28.93
CA PHE H 108 28.32 -2.90 28.37
C PHE H 108 28.71 -2.09 27.14
N ASP H 109 27.70 -1.70 26.30
CA ASP H 109 27.89 -0.88 25.09
C ASP H 109 28.39 0.50 25.46
N GLU H 110 27.94 1.02 26.61
CA GLU H 110 28.32 2.31 27.17
C GLU H 110 29.80 2.25 27.58
N LEU H 111 30.24 1.08 28.08
CA LEU H 111 31.61 0.80 28.52
C LEU H 111 32.61 0.64 27.37
N VAL H 112 32.17 0.12 26.18
CA VAL H 112 33.06 -0.04 25.03
C VAL H 112 33.43 1.35 24.44
N ASP H 113 32.49 2.33 24.51
CA ASP H 113 32.69 3.70 24.02
C ASP H 113 33.65 4.44 24.94
N LYS H 114 33.51 4.19 26.27
CA LYS H 114 34.33 4.75 27.35
C LYS H 114 35.80 4.34 27.15
N HIS H 115 36.04 3.06 26.82
CA HIS H 115 37.38 2.50 26.59
C HIS H 115 37.87 2.64 25.13
N GLY H 116 36.96 3.08 24.25
CA GLY H 116 37.23 3.27 22.82
C GLY H 116 37.57 1.99 22.10
N LEU H 117 36.80 0.92 22.37
CA LEU H 117 36.99 -0.40 21.77
C LEU H 117 35.88 -0.75 20.80
N GLU H 118 36.04 -1.85 20.07
CA GLU H 118 35.09 -2.27 19.05
C GLU H 118 34.19 -3.42 19.47
N LYS H 119 32.88 -3.13 19.60
CA LYS H 119 31.88 -4.17 19.90
C LYS H 119 31.61 -4.85 18.57
N ILE H 120 31.69 -6.20 18.53
CA ILE H 120 31.46 -6.93 17.29
C ILE H 120 30.02 -7.43 17.22
N LYS H 121 29.68 -8.45 18.04
CA LYS H 121 28.36 -9.05 18.02
C LYS H 121 27.90 -9.57 19.36
N VAL H 122 26.65 -10.05 19.39
CA VAL H 122 26.00 -10.65 20.54
C VAL H 122 25.38 -11.98 20.04
N SER H 123 25.98 -13.11 20.43
CA SER H 123 25.49 -14.44 20.06
C SER H 123 24.56 -14.93 21.17
N GLY H 124 23.42 -14.25 21.28
CA GLY H 124 22.40 -14.47 22.31
C GLY H 124 22.93 -14.12 23.68
N ASP H 125 23.59 -15.08 24.32
CA ASP H 125 24.17 -14.98 25.65
C ASP H 125 25.63 -14.50 25.66
N SER H 126 26.31 -14.60 24.51
CA SER H 126 27.70 -14.22 24.34
C SER H 126 27.83 -12.76 23.88
N TYR H 127 28.96 -12.13 24.22
CA TYR H 127 29.23 -10.73 23.90
C TYR H 127 30.68 -10.62 23.40
N MET H 128 30.88 -10.11 22.17
CA MET H 128 32.21 -9.99 21.59
C MET H 128 32.70 -8.55 21.46
N VAL H 129 33.88 -8.27 22.01
CA VAL H 129 34.58 -6.99 21.96
C VAL H 129 36.01 -7.27 21.46
N VAL H 130 36.48 -6.45 20.53
CA VAL H 130 37.81 -6.57 19.96
C VAL H 130 38.57 -5.24 20.17
N SER H 131 39.86 -5.35 20.46
CA SER H 131 40.78 -4.24 20.66
C SER H 131 41.86 -4.32 19.58
N GLY H 132 41.90 -3.32 18.72
CA GLY H 132 42.86 -3.26 17.62
C GLY H 132 42.24 -3.12 16.25
N VAL H 133 40.90 -3.10 16.16
CA VAL H 133 40.17 -2.93 14.90
C VAL H 133 39.23 -1.69 14.98
N PRO H 134 39.16 -0.80 13.95
CA PRO H 134 39.92 -0.83 12.68
C PRO H 134 41.35 -0.28 12.76
N ARG H 135 41.63 0.59 13.73
CA ARG H 135 42.96 1.18 13.91
C ARG H 135 43.74 0.38 14.96
N ALA H 136 44.98 -0.02 14.64
CA ALA H 136 45.81 -0.75 15.59
C ALA H 136 46.39 0.17 16.65
N ARG H 137 46.51 -0.32 17.87
CA ARG H 137 47.03 0.40 19.02
C ARG H 137 48.07 -0.45 19.77
N PRO H 138 49.22 0.11 20.23
CA PRO H 138 50.23 -0.72 20.92
C PRO H 138 49.76 -1.30 22.25
N ASP H 139 48.76 -0.65 22.88
CA ASP H 139 48.17 -1.03 24.16
C ASP H 139 46.87 -1.86 23.99
N HIS H 140 46.68 -2.52 22.82
CA HIS H 140 45.49 -3.31 22.50
C HIS H 140 45.14 -4.35 23.59
N ALA H 141 46.17 -5.05 24.11
CA ALA H 141 46.00 -6.05 25.15
C ALA H 141 45.67 -5.42 26.52
N PHE H 142 46.32 -4.28 26.86
CA PHE H 142 46.10 -3.56 28.12
C PHE H 142 44.73 -2.90 28.17
N ALA H 143 44.29 -2.30 27.04
CA ALA H 143 43.00 -1.62 26.88
C ALA H 143 41.82 -2.57 27.04
N LEU H 144 41.95 -3.81 26.51
CA LEU H 144 40.92 -4.84 26.61
C LEU H 144 40.93 -5.45 28.02
N ALA H 145 42.11 -5.52 28.66
CA ALA H 145 42.28 -6.01 30.01
C ALA H 145 41.63 -5.05 31.01
N ASP H 146 41.83 -3.71 30.82
CA ASP H 146 41.23 -2.66 31.64
C ASP H 146 39.71 -2.68 31.49
N PHE H 147 39.24 -2.99 30.28
CA PHE H 147 37.83 -3.11 29.92
C PHE H 147 37.21 -4.34 30.60
N ALA H 148 37.91 -5.52 30.51
CA ALA H 148 37.52 -6.82 31.09
C ALA H 148 37.30 -6.74 32.60
N LEU H 149 38.17 -5.99 33.29
CA LEU H 149 38.11 -5.78 34.74
C LEU H 149 36.98 -4.82 35.12
N ASP H 150 36.75 -3.77 34.29
CA ASP H 150 35.70 -2.77 34.49
C ASP H 150 34.34 -3.44 34.27
N MET H 151 34.26 -4.34 33.26
CA MET H 151 33.08 -5.10 32.87
C MET H 151 32.68 -6.06 33.99
N ALA H 152 33.67 -6.70 34.65
CA ALA H 152 33.48 -7.61 35.78
C ALA H 152 32.84 -6.88 36.97
N ASN H 153 33.28 -5.61 37.21
CA ASN H 153 32.77 -4.73 38.27
C ASN H 153 31.37 -4.22 37.96
N VAL H 154 31.08 -3.92 36.68
CA VAL H 154 29.78 -3.45 36.18
C VAL H 154 28.73 -4.55 36.35
N ALA H 155 29.06 -5.78 35.93
CA ALA H 155 28.19 -6.97 36.04
C ALA H 155 27.90 -7.37 37.49
N ALA H 156 28.89 -7.24 38.39
CA ALA H 156 28.76 -7.55 39.81
C ALA H 156 27.75 -6.63 40.51
N ALA H 157 27.68 -5.35 40.08
CA ALA H 157 26.76 -4.35 40.61
C ALA H 157 25.33 -4.58 40.10
N LEU H 158 25.19 -5.18 38.91
CA LEU H 158 23.91 -5.47 38.27
C LEU H 158 23.24 -6.76 38.78
N LYS H 159 21.89 -6.79 38.70
CA LYS H 159 21.05 -7.93 39.10
C LYS H 159 20.10 -8.34 37.98
N ASP H 160 19.74 -9.63 37.92
CA ASP H 160 18.83 -10.20 36.92
C ASP H 160 17.35 -9.80 37.25
N PRO H 161 16.37 -9.93 36.30
CA PRO H 161 14.98 -9.52 36.61
C PRO H 161 14.33 -10.19 37.81
N HIS H 162 14.82 -11.38 38.22
CA HIS H 162 14.33 -12.13 39.37
C HIS H 162 14.96 -11.61 40.70
N GLY H 163 15.99 -10.77 40.58
CA GLY H 163 16.69 -10.15 41.70
C GLY H 163 18.00 -10.82 42.12
N ASP H 164 18.43 -11.86 41.38
CA ASP H 164 19.65 -12.63 41.66
C ASP H 164 20.86 -12.02 40.91
N PRO H 165 22.14 -12.29 41.34
CA PRO H 165 23.29 -11.71 40.61
C PRO H 165 23.48 -12.20 39.18
N VAL H 166 24.37 -11.52 38.42
CA VAL H 166 24.68 -11.86 37.05
C VAL H 166 26.15 -12.36 36.96
N PRO H 167 26.40 -13.67 37.18
CA PRO H 167 27.79 -14.17 37.07
C PRO H 167 28.20 -14.34 35.61
N LEU H 168 29.43 -13.91 35.30
CA LEU H 168 29.97 -13.98 33.94
C LEU H 168 31.21 -14.88 33.85
N ARG H 169 31.39 -15.46 32.66
CA ARG H 169 32.55 -16.25 32.28
C ARG H 169 33.21 -15.38 31.19
N MET H 170 34.48 -15.01 31.42
CA MET H 170 35.22 -14.15 30.50
C MET H 170 36.50 -14.78 30.04
N GLY H 171 36.80 -14.61 28.77
CA GLY H 171 38.00 -15.14 28.13
C GLY H 171 38.54 -14.19 27.09
N MET H 172 39.87 -13.98 27.12
CA MET H 172 40.59 -13.11 26.19
C MET H 172 41.71 -13.86 25.48
N ALA H 173 42.19 -13.31 24.34
CA ALA H 173 43.28 -13.83 23.51
C ALA H 173 43.71 -12.80 22.49
N CYS H 174 44.91 -12.98 21.92
CA CYS H 174 45.45 -12.07 20.90
C CYS H 174 46.22 -12.81 19.80
N GLY H 175 46.42 -12.12 18.68
CA GLY H 175 47.12 -12.65 17.52
C GLY H 175 46.57 -12.17 16.19
N PRO H 176 47.00 -12.76 15.05
CA PRO H 176 46.49 -12.32 13.74
C PRO H 176 45.02 -12.66 13.53
N VAL H 177 44.27 -11.67 13.01
CA VAL H 177 42.83 -11.76 12.78
C VAL H 177 42.45 -11.20 11.40
N VAL H 178 41.34 -11.71 10.82
CA VAL H 178 40.75 -11.22 9.56
C VAL H 178 39.38 -10.64 9.93
N ALA H 179 39.14 -9.37 9.58
CA ALA H 179 37.88 -8.68 9.89
C ALA H 179 37.15 -8.27 8.64
N GLY H 180 35.85 -8.50 8.60
CA GLY H 180 35.04 -8.15 7.44
C GLY H 180 33.58 -8.57 7.44
N VAL H 181 32.98 -8.51 6.25
CA VAL H 181 31.57 -8.78 5.98
C VAL H 181 31.43 -9.97 5.02
N VAL H 182 30.53 -10.91 5.35
CA VAL H 182 30.20 -12.08 4.53
C VAL H 182 28.68 -12.12 4.21
N GLY H 183 28.31 -12.59 3.04
CA GLY H 183 26.91 -12.68 2.60
C GLY H 183 26.40 -11.42 1.93
N SER H 184 25.27 -11.54 1.21
CA SER H 184 24.68 -10.41 0.47
C SER H 184 23.60 -9.65 1.26
N ARG H 185 22.92 -10.33 2.20
CA ARG H 185 21.88 -9.70 3.03
C ARG H 185 22.08 -10.09 4.50
N ARG H 186 21.49 -9.26 5.40
CA ARG H 186 21.52 -9.39 6.88
C ARG H 186 22.94 -9.61 7.40
N PHE H 187 23.90 -8.90 6.78
CA PHE H 187 25.33 -8.95 7.03
C PHE H 187 25.75 -7.98 8.14
N PHE H 188 26.91 -8.27 8.76
CA PHE H 188 27.48 -7.43 9.79
C PHE H 188 29.00 -7.57 9.76
N TYR H 189 29.71 -6.66 10.45
CA TYR H 189 31.16 -6.66 10.54
C TYR H 189 31.59 -7.66 11.61
N ASP H 190 32.27 -8.74 11.19
CA ASP H 190 32.73 -9.82 12.06
C ASP H 190 34.25 -10.00 12.00
N VAL H 191 34.82 -10.70 13.00
CA VAL H 191 36.25 -11.01 13.09
C VAL H 191 36.44 -12.54 13.13
N TRP H 192 37.50 -13.04 12.47
CA TRP H 192 37.82 -14.46 12.40
C TRP H 192 39.31 -14.64 12.63
N GLY H 193 39.69 -15.82 13.12
CA GLY H 193 41.09 -16.17 13.36
C GLY H 193 41.35 -17.04 14.57
N ASP H 194 42.64 -17.28 14.84
CA ASP H 194 43.07 -18.08 15.98
C ASP H 194 42.73 -17.40 17.31
N ALA H 195 42.94 -16.07 17.40
CA ALA H 195 42.67 -15.28 18.60
C ALA H 195 41.21 -15.36 19.04
N VAL H 196 40.25 -15.34 18.09
CA VAL H 196 38.82 -15.42 18.42
C VAL H 196 38.48 -16.89 18.80
N ASN H 197 39.22 -17.86 18.24
CA ASN H 197 39.03 -19.28 18.56
C ASN H 197 39.48 -19.63 19.98
N VAL H 198 40.67 -19.15 20.40
CA VAL H 198 41.16 -19.47 21.74
C VAL H 198 40.46 -18.58 22.79
N ALA H 199 40.00 -17.35 22.43
CA ALA H 199 39.26 -16.48 23.38
C ALA H 199 37.89 -17.07 23.72
N SER H 200 37.26 -17.78 22.77
CA SER H 200 35.98 -18.46 22.98
C SER H 200 36.21 -19.66 23.92
N ARG H 201 37.34 -20.38 23.72
CA ARG H 201 37.71 -21.52 24.57
C ARG H 201 38.09 -21.02 25.96
N MET H 202 38.76 -19.85 26.06
CA MET H 202 39.13 -19.21 27.34
C MET H 202 37.87 -18.80 28.11
N GLU H 203 36.77 -18.49 27.41
CA GLU H 203 35.50 -18.14 28.02
C GLU H 203 34.78 -19.42 28.52
N SER H 204 34.54 -20.39 27.62
CA SER H 204 33.82 -21.64 27.92
C SER H 204 34.45 -22.52 28.98
N THR H 205 35.80 -22.55 29.04
CA THR H 205 36.54 -23.39 30.01
C THR H 205 36.88 -22.63 31.32
N ASP H 206 36.44 -21.37 31.42
CA ASP H 206 36.68 -20.48 32.57
C ASP H 206 35.79 -20.80 33.77
N SER H 207 36.27 -20.44 34.96
CA SER H 207 35.53 -20.58 36.22
C SER H 207 34.76 -19.26 36.39
N VAL H 208 33.53 -19.31 36.96
CA VAL H 208 32.64 -18.13 37.06
C VAL H 208 33.29 -17.01 37.90
N GLY H 209 33.13 -15.77 37.42
CA GLY H 209 33.66 -14.55 38.04
C GLY H 209 35.16 -14.32 37.87
N ARG H 210 35.78 -15.00 36.90
CA ARG H 210 37.20 -14.89 36.59
C ARG H 210 37.43 -14.46 35.13
N ILE H 211 38.65 -14.01 34.82
CA ILE H 211 39.04 -13.60 33.46
C ILE H 211 40.22 -14.49 33.03
N GLN H 212 39.94 -15.51 32.20
CA GLN H 212 40.91 -16.48 31.70
C GLN H 212 41.65 -15.94 30.44
N VAL H 213 42.99 -16.00 30.47
CA VAL H 213 43.87 -15.56 29.36
C VAL H 213 44.95 -16.65 29.07
N PRO H 214 45.37 -16.89 27.81
CA PRO H 214 46.41 -17.91 27.56
C PRO H 214 47.81 -17.42 27.94
N GLU H 215 48.82 -18.32 27.89
CA GLU H 215 50.22 -18.04 28.19
C GLU H 215 50.79 -16.91 27.34
N ALA H 216 50.35 -16.79 26.06
CA ALA H 216 50.78 -15.77 25.12
C ALA H 216 50.29 -14.37 25.52
N MET H 217 49.07 -14.28 26.09
CA MET H 217 48.47 -13.04 26.57
C MET H 217 49.13 -12.62 27.89
N TYR H 218 49.37 -13.60 28.79
CA TYR H 218 50.01 -13.42 30.10
C TYR H 218 51.35 -12.69 29.95
N GLU H 219 52.20 -13.12 28.98
CA GLU H 219 53.51 -12.52 28.69
C GLU H 219 53.41 -11.03 28.33
N ARG H 220 52.30 -10.63 27.70
CA ARG H 220 52.00 -9.25 27.26
C ARG H 220 51.36 -8.40 28.37
N LEU H 221 50.81 -9.03 29.42
CA LEU H 221 50.12 -8.35 30.51
C LEU H 221 50.85 -8.35 31.86
N LYS H 222 51.75 -9.33 32.08
CA LYS H 222 52.49 -9.56 33.33
C LYS H 222 53.26 -8.35 33.89
N ASN H 223 53.64 -7.38 33.01
CA ASN H 223 54.39 -6.19 33.42
C ASN H 223 53.52 -5.08 34.03
N GLU H 224 52.21 -5.03 33.68
CA GLU H 224 51.28 -4.01 34.16
C GLU H 224 50.07 -4.57 34.95
N PHE H 225 49.87 -5.90 34.91
CA PHE H 225 48.74 -6.56 35.57
C PHE H 225 49.14 -7.72 36.47
N VAL H 226 48.32 -7.97 37.50
CA VAL H 226 48.48 -9.08 38.42
C VAL H 226 47.73 -10.30 37.85
N LEU H 227 48.44 -11.42 37.70
CA LEU H 227 47.92 -12.68 37.14
C LEU H 227 48.22 -13.90 38.02
N GLN H 228 47.27 -14.82 38.11
CA GLN H 228 47.37 -16.06 38.88
C GLN H 228 47.28 -17.26 37.93
N GLU H 229 48.30 -18.15 37.97
CA GLU H 229 48.35 -19.34 37.12
C GLU H 229 47.28 -20.36 37.46
N ARG H 230 46.51 -20.79 36.45
CA ARG H 230 45.47 -21.81 36.60
C ARG H 230 46.11 -23.19 36.34
N GLY H 231 46.90 -23.27 35.27
CA GLY H 231 47.59 -24.48 34.84
C GLY H 231 47.22 -24.93 33.45
N ARG H 232 47.69 -26.13 33.08
CA ARG H 232 47.44 -26.72 31.77
C ARG H 232 46.01 -27.27 31.65
N ILE H 233 45.25 -26.75 30.68
CA ILE H 233 43.87 -27.16 30.40
C ILE H 233 43.66 -27.61 28.95
N GLU H 234 42.79 -28.60 28.75
CA GLU H 234 42.46 -29.18 27.44
C GLU H 234 41.47 -28.28 26.70
N VAL H 235 41.82 -27.87 25.47
CA VAL H 235 41.01 -27.02 24.59
C VAL H 235 40.91 -27.65 23.18
N LYS H 236 39.70 -27.63 22.60
CA LYS H 236 39.42 -28.19 21.26
C LYS H 236 40.14 -27.41 20.15
N GLY H 237 40.85 -28.14 19.30
CA GLY H 237 41.58 -27.60 18.16
C GLY H 237 42.96 -27.02 18.44
N LYS H 238 43.38 -27.00 19.72
CA LYS H 238 44.68 -26.47 20.14
C LYS H 238 45.48 -27.45 21.01
N GLY H 239 44.80 -28.44 21.57
CA GLY H 239 45.40 -29.45 22.44
C GLY H 239 45.33 -29.03 23.89
N VAL H 240 46.50 -28.89 24.54
CA VAL H 240 46.63 -28.46 25.94
C VAL H 240 47.46 -27.16 26.00
N MET H 241 46.98 -26.15 26.76
CA MET H 241 47.71 -24.87 26.90
C MET H 241 47.68 -24.31 28.32
N ARG H 242 48.77 -23.60 28.70
CA ARG H 242 48.95 -22.95 30.00
C ARG H 242 48.06 -21.71 30.08
N THR H 243 47.30 -21.61 31.18
CA THR H 243 46.35 -20.53 31.42
C THR H 243 46.65 -19.70 32.68
N TRP H 244 46.24 -18.41 32.66
CA TRP H 244 46.39 -17.45 33.74
C TRP H 244 45.06 -16.68 33.96
N TYR H 245 44.82 -16.21 35.19
CA TYR H 245 43.64 -15.45 35.58
C TYR H 245 43.99 -13.98 35.79
N LEU H 246 43.25 -13.05 35.15
CA LEU H 246 43.47 -11.61 35.32
C LEU H 246 42.80 -11.17 36.63
N ILE H 247 43.61 -10.73 37.61
CA ILE H 247 43.11 -10.31 38.94
C ILE H 247 42.86 -8.80 38.99
N GLY H 248 43.78 -8.01 38.44
CA GLY H 248 43.68 -6.55 38.40
C GLY H 248 44.94 -5.86 37.95
N ARG H 249 44.95 -4.52 38.03
CA ARG H 249 46.08 -3.67 37.64
C ARG H 249 47.19 -3.67 38.68
N LYS H 250 48.43 -3.31 38.27
CA LYS H 250 49.62 -3.27 39.12
C LYS H 250 49.47 -2.41 40.38
N ALA H 251 50.10 -2.84 41.48
CA ALA H 251 50.08 -2.19 42.79
C ALA H 251 51.34 -1.31 43.05
N ASP H 252 52.02 -0.89 41.96
CA ASP H 252 53.22 -0.04 42.01
C ASP H 252 53.25 0.94 40.82
N GLU H 253 52.78 2.19 41.05
CA GLU H 253 52.71 3.29 40.09
C GLU H 253 52.03 2.93 38.76
N THR I 30 49.27 25.88 29.32
CA THR I 30 48.67 24.56 29.17
C THR I 30 47.41 24.61 28.29
N GLN I 31 46.55 25.64 28.50
CA GLN I 31 45.30 25.84 27.74
C GLN I 31 45.54 26.22 26.28
N ARG I 32 46.60 27.02 26.02
CA ARG I 32 46.96 27.46 24.68
C ARG I 32 47.76 26.38 23.92
N ALA I 33 48.42 25.46 24.66
CA ALA I 33 49.20 24.35 24.11
C ALA I 33 48.30 23.27 23.52
N GLU I 34 47.07 23.11 24.08
CA GLU I 34 46.08 22.14 23.62
C GLU I 34 45.27 22.68 22.43
N ALA I 35 45.02 24.02 22.40
CA ALA I 35 44.28 24.72 21.34
C ALA I 35 45.05 24.71 20.03
N VAL I 36 46.39 24.88 20.10
CA VAL I 36 47.28 24.85 18.94
C VAL I 36 47.44 23.42 18.40
N MET I 37 47.35 22.39 19.28
CA MET I 37 47.44 20.99 18.85
C MET I 37 46.15 20.50 18.17
N GLU I 38 45.03 21.21 18.43
CA GLU I 38 43.72 20.95 17.83
C GLU I 38 43.63 21.67 16.48
N ALA I 39 44.31 22.84 16.39
CA ALA I 39 44.38 23.71 15.21
C ALA I 39 45.29 23.14 14.13
N GLU I 40 46.37 22.45 14.55
CA GLU I 40 47.34 21.78 13.69
C GLU I 40 46.75 20.46 13.19
N TYR I 41 45.85 19.84 14.00
CA TYR I 41 45.16 18.59 13.64
C TYR I 41 44.10 18.88 12.57
N GLU I 42 43.40 20.04 12.70
CA GLU I 42 42.38 20.52 11.77
C GLU I 42 42.97 20.75 10.38
N ARG I 43 44.14 21.43 10.32
CA ARG I 43 44.89 21.73 9.08
C ARG I 43 45.37 20.44 8.43
N SER I 44 45.84 19.48 9.26
CA SER I 44 46.34 18.16 8.86
C SER I 44 45.23 17.31 8.26
N GLU I 45 44.05 17.28 8.91
CA GLU I 45 42.89 16.52 8.48
C GLU I 45 42.28 17.09 7.19
N ALA I 46 42.33 18.43 7.04
CA ALA I 46 41.83 19.15 5.87
C ALA I 46 42.70 18.89 4.64
N LEU I 47 44.02 18.72 4.84
CA LEU I 47 44.99 18.41 3.79
C LEU I 47 44.75 16.98 3.32
N LEU I 48 44.63 16.05 4.29
CA LEU I 48 44.39 14.62 4.08
C LEU I 48 43.07 14.35 3.33
N ALA I 49 42.03 15.17 3.60
CA ALA I 49 40.72 15.08 2.95
C ALA I 49 40.79 15.50 1.48
N ASN I 50 41.65 16.48 1.19
CA ASN I 50 41.89 17.05 -0.14
C ASN I 50 42.68 16.08 -1.02
N MET I 51 43.59 15.30 -0.42
CA MET I 51 44.47 14.36 -1.11
C MET I 51 43.87 12.98 -1.41
N LEU I 52 42.99 12.49 -0.51
CA LEU I 52 42.38 11.16 -0.63
C LEU I 52 40.86 11.15 -0.43
N PRO I 53 40.12 10.18 -1.05
CA PRO I 53 38.68 10.05 -0.74
C PRO I 53 38.53 9.66 0.73
N GLY I 54 37.53 10.23 1.41
CA GLY I 54 37.23 10.02 2.82
C GLY I 54 37.52 8.65 3.42
N SER I 55 36.88 7.60 2.85
CA SER I 55 37.01 6.20 3.30
C SER I 55 38.42 5.64 3.14
N ILE I 56 39.13 6.06 2.06
CA ILE I 56 40.50 5.66 1.74
C ILE I 56 41.48 6.19 2.78
N ALA I 57 41.34 7.47 3.19
CA ALA I 57 42.16 8.10 4.24
C ALA I 57 42.01 7.35 5.58
N GLU I 58 40.77 6.94 5.91
CA GLU I 58 40.42 6.17 7.09
C GLU I 58 41.07 4.77 7.04
N ARG I 59 41.07 4.14 5.86
CA ARG I 59 41.65 2.82 5.62
C ARG I 59 43.18 2.86 5.69
N LEU I 60 43.82 3.95 5.21
CA LEU I 60 45.26 4.14 5.29
C LEU I 60 45.71 4.42 6.73
N LYS I 61 44.83 5.06 7.54
CA LYS I 61 45.08 5.34 8.96
C LYS I 61 44.95 4.07 9.82
N SER I 62 44.25 3.04 9.31
CA SER I 62 44.10 1.74 9.97
C SER I 62 45.39 0.92 9.76
N SER I 63 45.62 -0.10 10.59
CA SER I 63 46.82 -0.92 10.43
C SER I 63 46.56 -2.22 9.66
N SER I 64 45.67 -2.15 8.66
CA SER I 64 45.34 -3.28 7.79
C SER I 64 46.53 -3.65 6.91
N ARG I 65 46.84 -4.96 6.87
CA ARG I 65 47.92 -5.55 6.09
C ARG I 65 47.46 -5.92 4.67
N SER I 66 46.14 -5.82 4.43
CA SER I 66 45.54 -6.10 3.12
C SER I 66 45.74 -4.94 2.17
N VAL I 67 45.79 -5.24 0.87
CA VAL I 67 45.96 -4.25 -0.19
C VAL I 67 44.60 -3.57 -0.42
N ILE I 68 44.61 -2.23 -0.66
CA ILE I 68 43.40 -1.51 -1.01
C ILE I 68 43.21 -1.72 -2.53
N ALA I 69 42.30 -2.62 -2.90
CA ALA I 69 41.98 -2.97 -4.27
C ALA I 69 40.51 -3.34 -4.27
N ASP I 70 39.66 -2.42 -4.73
CA ASP I 70 38.22 -2.60 -4.77
C ASP I 70 37.75 -2.73 -6.21
N LYS I 71 37.04 -3.83 -6.50
CA LYS I 71 36.49 -4.09 -7.83
C LYS I 71 35.23 -3.26 -8.01
N TYR I 72 35.14 -2.53 -9.14
CA TYR I 72 33.98 -1.74 -9.53
C TYR I 72 33.58 -2.23 -10.93
N ASP I 73 32.32 -2.68 -11.09
CA ASP I 73 31.83 -3.27 -12.33
C ASP I 73 31.67 -2.30 -13.49
N GLU I 74 31.08 -1.12 -13.25
CA GLU I 74 30.83 -0.18 -14.33
C GLU I 74 31.26 1.26 -14.01
N VAL I 75 32.44 1.66 -14.52
CA VAL I 75 32.94 3.03 -14.37
C VAL I 75 33.47 3.56 -15.71
N SER I 76 33.37 4.88 -15.93
CA SER I 76 33.86 5.55 -17.11
C SER I 76 35.11 6.35 -16.74
N VAL I 77 36.19 6.24 -17.54
CA VAL I 77 37.44 6.96 -17.29
C VAL I 77 37.81 7.89 -18.47
N LEU I 78 38.26 9.11 -18.13
CA LEU I 78 38.68 10.16 -19.07
C LEU I 78 40.15 10.53 -18.88
N PHE I 79 40.87 10.67 -20.00
CA PHE I 79 42.25 11.13 -20.06
C PHE I 79 42.31 12.34 -20.98
N ALA I 80 42.79 13.49 -20.45
CA ALA I 80 42.95 14.73 -21.21
C ALA I 80 44.43 15.13 -21.17
N ASP I 81 45.00 15.47 -22.33
CA ASP I 81 46.41 15.84 -22.48
C ASP I 81 46.53 17.05 -23.37
N ILE I 82 47.39 18.01 -22.98
CA ILE I 82 47.65 19.24 -23.75
C ILE I 82 48.51 18.90 -24.98
N VAL I 83 48.11 19.43 -26.14
CA VAL I 83 48.82 19.23 -27.40
C VAL I 83 50.02 20.18 -27.43
N GLY I 84 51.19 19.63 -27.78
CA GLY I 84 52.46 20.35 -27.93
C GLY I 84 52.87 21.18 -26.73
N PHE I 85 52.95 20.54 -25.57
CA PHE I 85 53.33 21.20 -24.32
C PHE I 85 54.82 21.51 -24.23
N THR I 86 55.69 20.52 -24.56
CA THR I 86 57.16 20.61 -24.53
C THR I 86 57.70 21.77 -25.38
N GLU I 87 57.05 22.06 -26.52
CA GLU I 87 57.42 23.11 -27.46
C GLU I 87 57.22 24.52 -26.89
N ARG I 88 56.31 24.68 -25.90
CA ARG I 88 56.02 25.95 -25.24
C ARG I 88 57.18 26.46 -24.38
N ALA I 89 58.16 25.56 -24.07
CA ALA I 89 59.36 25.88 -23.28
C ALA I 89 60.31 26.85 -24.01
N SER I 90 60.12 27.01 -25.34
CA SER I 90 60.89 27.91 -26.18
C SER I 90 60.51 29.38 -25.92
N THR I 91 59.24 29.62 -25.55
CA THR I 91 58.68 30.94 -25.26
C THR I 91 58.40 31.18 -23.78
N THR I 92 58.18 30.10 -23.00
CA THR I 92 57.85 30.18 -21.58
C THR I 92 58.90 29.48 -20.70
N THR I 93 59.22 30.09 -19.54
CA THR I 93 60.18 29.54 -18.57
C THR I 93 59.60 28.27 -17.95
N PRO I 94 60.44 27.30 -17.49
CA PRO I 94 59.89 26.07 -16.88
C PRO I 94 58.95 26.31 -15.69
N ALA I 95 59.25 27.30 -14.83
CA ALA I 95 58.44 27.63 -13.66
C ALA I 95 57.08 28.22 -14.04
N ASP I 96 57.02 29.02 -15.14
CA ASP I 96 55.78 29.63 -15.63
C ASP I 96 54.89 28.61 -16.34
N LEU I 97 55.50 27.51 -16.83
CA LEU I 97 54.82 26.40 -17.49
C LEU I 97 54.07 25.57 -16.42
N VAL I 98 54.68 25.42 -15.22
CA VAL I 98 54.12 24.71 -14.06
C VAL I 98 52.99 25.58 -13.46
N ARG I 99 53.17 26.92 -13.50
CA ARG I 99 52.17 27.89 -13.03
C ARG I 99 50.94 27.87 -13.95
N PHE I 100 51.17 27.62 -15.26
CA PHE I 100 50.11 27.49 -16.28
C PHE I 100 49.31 26.21 -16.03
N LEU I 101 50.01 25.10 -15.75
CA LEU I 101 49.47 23.77 -15.45
C LEU I 101 48.55 23.85 -14.21
N ASN I 102 48.97 24.60 -13.17
CA ASN I 102 48.20 24.80 -11.95
C ASN I 102 46.93 25.63 -12.22
N ARG I 103 47.04 26.66 -13.09
CA ARG I 103 45.94 27.55 -13.48
C ARG I 103 44.91 26.80 -14.34
N LEU I 104 45.40 26.02 -15.33
CA LEU I 104 44.59 25.23 -16.25
C LEU I 104 43.84 24.11 -15.52
N TYR I 105 44.54 23.35 -14.67
CA TYR I 105 43.94 22.24 -13.93
C TYR I 105 43.09 22.72 -12.75
N GLY I 106 43.32 23.96 -12.29
CA GLY I 106 42.52 24.59 -11.25
C GLY I 106 41.11 24.84 -11.73
N ALA I 107 40.99 25.25 -13.02
CA ALA I 107 39.74 25.49 -13.73
C ALA I 107 39.00 24.16 -13.97
N PHE I 108 39.76 23.08 -14.25
CA PHE I 108 39.23 21.74 -14.48
C PHE I 108 38.75 21.08 -13.18
N ASP I 109 39.44 21.35 -12.05
CA ASP I 109 39.08 20.85 -10.72
C ASP I 109 37.74 21.44 -10.26
N GLU I 110 37.48 22.70 -10.65
CA GLU I 110 36.22 23.41 -10.38
C GLU I 110 35.08 22.72 -11.13
N LEU I 111 35.37 22.23 -12.34
CA LEU I 111 34.43 21.54 -13.23
C LEU I 111 34.09 20.12 -12.78
N VAL I 112 35.03 19.40 -12.09
CA VAL I 112 34.77 18.04 -11.60
C VAL I 112 33.77 18.09 -10.42
N ASP I 113 33.81 19.17 -9.60
CA ASP I 113 32.91 19.37 -8.47
C ASP I 113 31.50 19.70 -8.95
N LYS I 114 31.43 20.52 -10.03
CA LYS I 114 30.21 20.95 -10.71
C LYS I 114 29.44 19.74 -11.24
N HIS I 115 30.17 18.78 -11.86
CA HIS I 115 29.61 17.55 -12.43
C HIS I 115 29.53 16.40 -11.42
N GLY I 116 30.14 16.58 -10.25
CA GLY I 116 30.17 15.60 -9.16
C GLY I 116 30.92 14.33 -9.52
N LEU I 117 32.10 14.49 -10.14
CA LEU I 117 32.95 13.37 -10.57
C LEU I 117 34.23 13.28 -9.74
N GLU I 118 34.99 12.18 -9.95
CA GLU I 118 36.21 11.90 -9.20
C GLU I 118 37.49 12.19 -9.98
N LYS I 119 38.25 13.21 -9.54
CA LYS I 119 39.54 13.54 -10.12
C LYS I 119 40.53 12.54 -9.53
N ILE I 120 41.32 11.84 -10.36
CA ILE I 120 42.25 10.84 -9.87
C ILE I 120 43.64 11.44 -9.73
N LYS I 121 44.33 11.73 -10.87
CA LYS I 121 45.69 12.27 -10.87
C LYS I 121 45.99 13.18 -12.02
N VAL I 122 47.23 13.73 -12.02
CA VAL I 122 47.81 14.59 -13.04
C VAL I 122 49.22 14.07 -13.34
N SER I 123 49.41 13.41 -14.50
CA SER I 123 50.71 12.87 -14.92
C SER I 123 51.43 13.92 -15.78
N GLY I 124 51.81 15.01 -15.13
CA GLY I 124 52.46 16.15 -15.78
C GLY I 124 51.49 16.88 -16.67
N ASP I 125 51.44 16.44 -17.92
CA ASP I 125 50.59 16.99 -18.96
C ASP I 125 49.21 16.31 -19.07
N SER I 126 49.07 15.12 -18.48
CA SER I 126 47.84 14.32 -18.51
C SER I 126 46.94 14.61 -17.28
N TYR I 127 45.62 14.42 -17.43
CA TYR I 127 44.62 14.69 -16.42
C TYR I 127 43.61 13.53 -16.40
N MET I 128 43.44 12.87 -15.24
CA MET I 128 42.52 11.74 -15.11
C MET I 128 41.30 12.03 -14.24
N VAL I 129 40.11 11.77 -14.80
CA VAL I 129 38.79 11.91 -14.17
C VAL I 129 38.04 10.59 -14.39
N VAL I 130 37.42 10.08 -13.32
CA VAL I 130 36.65 8.85 -13.36
C VAL I 130 35.22 9.14 -12.89
N SER I 131 34.25 8.49 -13.55
CA SER I 131 32.82 8.58 -13.26
C SER I 131 32.34 7.20 -12.83
N GLY I 132 31.93 7.08 -11.57
CA GLY I 132 31.47 5.82 -11.02
C GLY I 132 32.18 5.36 -9.76
N VAL I 133 33.20 6.11 -9.31
CA VAL I 133 33.95 5.81 -8.07
C VAL I 133 33.87 6.99 -7.07
N PRO I 134 33.63 6.76 -5.75
CA PRO I 134 33.41 5.45 -5.09
C PRO I 134 31.99 4.88 -5.23
N ARG I 135 30.99 5.75 -5.44
CA ARG I 135 29.59 5.34 -5.60
C ARG I 135 29.22 5.24 -7.07
N ALA I 136 28.63 4.10 -7.47
CA ALA I 136 28.22 3.88 -8.85
C ALA I 136 26.95 4.66 -9.17
N ARG I 137 26.86 5.13 -10.41
CA ARG I 137 25.72 5.89 -10.93
C ARG I 137 25.30 5.33 -12.30
N PRO I 138 23.97 5.18 -12.59
CA PRO I 138 23.56 4.62 -13.90
C PRO I 138 23.93 5.49 -15.11
N ASP I 139 24.12 6.80 -14.88
CA ASP I 139 24.47 7.80 -15.89
C ASP I 139 25.98 8.10 -15.91
N HIS I 140 26.83 7.17 -15.41
CA HIS I 140 28.30 7.33 -15.35
C HIS I 140 28.93 7.73 -16.69
N ALA I 141 28.46 7.13 -17.80
CA ALA I 141 28.94 7.41 -19.15
C ALA I 141 28.45 8.78 -19.65
N PHE I 142 27.18 9.13 -19.36
CA PHE I 142 26.59 10.41 -19.76
C PHE I 142 27.19 11.59 -18.99
N ALA I 143 27.42 11.41 -17.67
CA ALA I 143 27.98 12.41 -16.77
C ALA I 143 29.41 12.80 -17.15
N LEU I 144 30.22 11.80 -17.57
CA LEU I 144 31.62 12.01 -18.00
C LEU I 144 31.64 12.61 -19.41
N ALA I 145 30.64 12.26 -20.24
CA ALA I 145 30.48 12.79 -21.59
C ALA I 145 30.11 14.27 -21.53
N ASP I 146 29.18 14.65 -20.61
CA ASP I 146 28.75 16.04 -20.38
C ASP I 146 29.92 16.86 -19.85
N PHE I 147 30.78 16.21 -19.03
CA PHE I 147 31.98 16.81 -18.46
C PHE I 147 33.04 17.05 -19.54
N ALA I 148 33.31 16.03 -20.38
CA ALA I 148 34.28 16.08 -21.49
C ALA I 148 33.98 17.23 -22.46
N LEU I 149 32.69 17.42 -22.80
CA LEU I 149 32.22 18.47 -23.69
C LEU I 149 32.34 19.85 -23.04
N ASP I 150 32.06 19.94 -21.73
CA ASP I 150 32.16 21.17 -20.95
C ASP I 150 33.63 21.58 -20.82
N MET I 151 34.52 20.57 -20.64
CA MET I 151 35.98 20.70 -20.52
C MET I 151 36.57 21.23 -21.82
N ALA I 152 36.05 20.75 -22.97
CA ALA I 152 36.47 21.17 -24.31
C ALA I 152 36.16 22.66 -24.53
N ASN I 153 34.99 23.12 -24.03
CA ASN I 153 34.53 24.51 -24.10
C ASN I 153 35.33 25.42 -23.18
N VAL I 154 35.68 24.91 -21.97
CA VAL I 154 36.46 25.63 -20.96
C VAL I 154 37.89 25.88 -21.48
N ALA I 155 38.53 24.83 -22.06
CA ALA I 155 39.88 24.87 -22.62
C ALA I 155 39.98 25.82 -23.83
N ALA I 156 38.94 25.84 -24.69
CA ALA I 156 38.86 26.68 -25.88
C ALA I 156 38.87 28.18 -25.53
N ALA I 157 38.21 28.54 -24.42
CA ALA I 157 38.11 29.91 -23.91
C ALA I 157 39.43 30.36 -23.26
N LEU I 158 40.21 29.40 -22.74
CA LEU I 158 41.50 29.65 -22.08
C LEU I 158 42.67 29.79 -23.04
N LYS I 159 43.69 30.56 -22.63
CA LYS I 159 44.91 30.82 -23.40
C LYS I 159 46.16 30.51 -22.58
N ASP I 160 47.24 30.12 -23.27
CA ASP I 160 48.56 29.77 -22.72
C ASP I 160 49.30 31.07 -22.28
N PRO I 161 50.33 31.01 -21.36
CA PRO I 161 50.98 32.26 -20.91
C PRO I 161 51.57 33.15 -22.02
N HIS I 162 51.86 32.58 -23.20
CA HIS I 162 52.38 33.30 -24.37
C HIS I 162 51.23 33.96 -25.19
N GLY I 163 49.98 33.60 -24.87
CA GLY I 163 48.79 34.13 -25.51
C GLY I 163 48.17 33.27 -26.59
N ASP I 164 48.71 32.04 -26.79
CA ASP I 164 48.25 31.10 -27.80
C ASP I 164 47.17 30.15 -27.23
N PRO I 165 46.29 29.51 -28.07
CA PRO I 165 45.26 28.61 -27.50
C PRO I 165 45.79 27.35 -26.82
N VAL I 166 44.91 26.64 -26.09
CA VAL I 166 45.25 25.41 -25.38
C VAL I 166 44.52 24.19 -26.02
N PRO I 167 45.10 23.58 -27.09
CA PRO I 167 44.42 22.42 -27.70
C PRO I 167 44.60 21.17 -26.85
N LEU I 168 43.53 20.39 -26.71
CA LEU I 168 43.52 19.16 -25.92
C LEU I 168 43.21 17.92 -26.76
N ARG I 169 43.75 16.79 -26.32
CA ARG I 169 43.50 15.47 -26.85
C ARG I 169 42.75 14.75 -25.71
N MET I 170 41.52 14.29 -25.99
CA MET I 170 40.68 13.64 -24.99
C MET I 170 40.24 12.27 -25.44
N GLY I 171 40.25 11.36 -24.48
CA GLY I 171 39.86 9.97 -24.70
C GLY I 171 39.13 9.42 -23.51
N MET I 172 38.00 8.73 -23.78
CA MET I 172 37.15 8.11 -22.77
C MET I 172 36.97 6.62 -23.04
N ALA I 173 36.55 5.86 -22.01
CA ALA I 173 36.25 4.43 -22.08
C ALA I 173 35.52 4.00 -20.82
N CYS I 174 34.86 2.83 -20.87
CA CYS I 174 34.14 2.27 -19.72
C CYS I 174 34.29 0.76 -19.61
N GLY I 175 33.99 0.24 -18.43
CA GLY I 175 34.06 -1.20 -18.13
C GLY I 175 34.51 -1.49 -16.71
N PRO I 176 34.83 -2.77 -16.41
CA PRO I 176 35.27 -3.11 -15.04
C PRO I 176 36.64 -2.53 -14.68
N VAL I 177 36.73 -1.92 -13.49
CA VAL I 177 37.92 -1.25 -12.98
C VAL I 177 38.23 -1.67 -11.54
N VAL I 178 39.52 -1.61 -11.16
CA VAL I 178 40.00 -1.86 -9.81
C VAL I 178 40.58 -0.53 -9.30
N ALA I 179 40.07 -0.02 -8.17
CA ALA I 179 40.51 1.25 -7.61
C ALA I 179 41.15 1.04 -6.24
N GLY I 180 42.28 1.69 -6.02
CA GLY I 180 42.99 1.57 -4.76
C GLY I 180 44.37 2.20 -4.69
N VAL I 181 45.21 1.68 -3.79
CA VAL I 181 46.58 2.16 -3.56
C VAL I 181 47.57 0.99 -3.71
N VAL I 182 48.81 1.28 -4.18
CA VAL I 182 49.90 0.32 -4.32
C VAL I 182 51.20 0.86 -3.70
N GLY I 183 52.03 -0.03 -3.16
CA GLY I 183 53.29 0.36 -2.52
C GLY I 183 53.13 0.64 -1.03
N SER I 184 54.26 0.71 -0.30
CA SER I 184 54.28 0.93 1.14
C SER I 184 54.44 2.41 1.54
N ARG I 185 55.08 3.24 0.68
CA ARG I 185 55.26 4.67 0.96
C ARG I 185 54.81 5.50 -0.23
N ARG I 186 54.51 6.80 0.00
CA ARG I 186 54.04 7.79 -0.99
C ARG I 186 52.73 7.35 -1.66
N PHE I 187 51.70 7.07 -0.82
CA PHE I 187 50.35 6.62 -1.21
C PHE I 187 49.61 7.59 -2.13
N PHE I 188 48.64 7.04 -2.92
CA PHE I 188 47.77 7.76 -3.87
C PHE I 188 46.64 6.86 -4.41
N TYR I 189 45.37 7.35 -4.38
CA TYR I 189 44.18 6.60 -4.85
C TYR I 189 44.14 6.64 -6.38
N ASP I 190 44.40 5.47 -6.99
CA ASP I 190 44.48 5.30 -8.44
C ASP I 190 43.47 4.26 -8.93
N VAL I 191 43.21 4.24 -10.25
CA VAL I 191 42.31 3.29 -10.91
C VAL I 191 43.07 2.51 -11.99
N TRP I 192 42.77 1.20 -12.13
CA TRP I 192 43.41 0.30 -13.09
C TRP I 192 42.34 -0.55 -13.76
N GLY I 193 42.66 -1.06 -14.93
CA GLY I 193 41.77 -1.93 -15.68
C GLY I 193 41.80 -1.71 -17.17
N ASP I 194 40.92 -2.41 -17.89
CA ASP I 194 40.81 -2.32 -19.34
C ASP I 194 40.33 -0.93 -19.76
N ALA I 195 39.33 -0.37 -19.03
CA ALA I 195 38.77 0.95 -19.30
C ALA I 195 39.81 2.07 -19.27
N VAL I 196 40.76 2.04 -18.31
CA VAL I 196 41.80 3.08 -18.21
C VAL I 196 42.88 2.83 -19.29
N ASN I 197 43.05 1.56 -19.69
CA ASN I 197 44.00 1.19 -20.75
C ASN I 197 43.54 1.68 -22.12
N VAL I 198 42.25 1.47 -22.48
CA VAL I 198 41.77 1.91 -23.78
C VAL I 198 41.48 3.44 -23.76
N ALA I 199 41.15 4.06 -22.59
CA ALA I 199 40.92 5.51 -22.50
C ALA I 199 42.23 6.29 -22.72
N SER I 200 43.38 5.73 -22.28
CA SER I 200 44.69 6.34 -22.47
C SER I 200 45.04 6.26 -23.95
N ARG I 201 44.72 5.12 -24.61
CA ARG I 201 44.94 4.92 -26.04
C ARG I 201 44.03 5.81 -26.85
N MET I 202 42.76 6.02 -26.39
CA MET I 202 41.77 6.90 -27.02
C MET I 202 42.25 8.35 -26.95
N GLU I 203 43.05 8.70 -25.93
CA GLU I 203 43.61 10.05 -25.80
C GLU I 203 44.80 10.21 -26.74
N SER I 204 45.83 9.34 -26.64
CA SER I 204 47.07 9.39 -27.42
C SER I 204 46.89 9.27 -28.93
N THR I 205 45.90 8.48 -29.40
CA THR I 205 45.64 8.27 -30.83
C THR I 205 44.57 9.25 -31.38
N ASP I 206 44.06 10.17 -30.54
CA ASP I 206 43.04 11.17 -30.87
C ASP I 206 43.60 12.33 -31.70
N SER I 207 42.73 12.98 -32.50
CA SER I 207 43.03 14.18 -33.27
C SER I 207 42.71 15.37 -32.35
N VAL I 208 43.51 16.45 -32.42
CA VAL I 208 43.39 17.61 -31.52
C VAL I 208 41.98 18.26 -31.60
N GLY I 209 41.45 18.63 -30.44
CA GLY I 209 40.14 19.27 -30.31
C GLY I 209 38.94 18.36 -30.47
N ARG I 210 39.16 17.04 -30.34
CA ARG I 210 38.12 16.00 -30.45
C ARG I 210 38.06 15.13 -29.19
N ILE I 211 36.96 14.40 -29.00
CA ILE I 211 36.77 13.47 -27.88
C ILE I 211 36.57 12.05 -28.45
N GLN I 212 37.64 11.24 -28.42
CA GLN I 212 37.63 9.86 -28.94
C GLN I 212 37.08 8.86 -27.90
N VAL I 213 36.12 8.01 -28.34
CA VAL I 213 35.48 6.98 -27.52
C VAL I 213 35.42 5.64 -28.30
N PRO I 214 35.57 4.45 -27.66
CA PRO I 214 35.50 3.20 -28.42
C PRO I 214 34.07 2.80 -28.80
N GLU I 215 33.92 1.75 -29.62
CA GLU I 215 32.62 1.21 -30.07
C GLU I 215 31.70 0.84 -28.90
N ALA I 216 32.28 0.36 -27.77
CA ALA I 216 31.53 -0.04 -26.57
C ALA I 216 30.91 1.17 -25.85
N MET I 217 31.57 2.33 -25.89
CA MET I 217 31.08 3.58 -25.28
C MET I 217 30.16 4.37 -26.21
N TYR I 218 30.28 4.13 -27.52
CA TYR I 218 29.40 4.72 -28.52
C TYR I 218 27.99 4.13 -28.33
N GLU I 219 27.88 2.79 -28.16
CA GLU I 219 26.61 2.08 -27.95
C GLU I 219 25.81 2.59 -26.73
N ARG I 220 26.53 3.07 -25.69
CA ARG I 220 25.94 3.60 -24.46
C ARG I 220 25.52 5.06 -24.60
N LEU I 221 26.22 5.80 -25.47
CA LEU I 221 26.02 7.24 -25.65
C LEU I 221 25.16 7.65 -26.85
N LYS I 222 25.06 6.80 -27.89
CA LYS I 222 24.34 7.04 -29.15
C LYS I 222 22.87 7.50 -29.01
N ASN I 223 22.21 7.16 -27.89
CA ASN I 223 20.81 7.51 -27.65
C ASN I 223 20.59 8.95 -27.15
N GLU I 224 21.61 9.54 -26.49
CA GLU I 224 21.53 10.90 -25.93
C GLU I 224 22.59 11.87 -26.49
N PHE I 225 23.59 11.34 -27.22
CA PHE I 225 24.68 12.15 -27.79
C PHE I 225 24.88 11.95 -29.27
N VAL I 226 25.39 12.99 -29.95
CA VAL I 226 25.72 12.97 -31.39
C VAL I 226 27.18 12.51 -31.53
N LEU I 227 27.40 11.46 -32.35
CA LEU I 227 28.71 10.83 -32.55
C LEU I 227 29.05 10.64 -34.02
N GLN I 228 30.32 10.86 -34.37
CA GLN I 228 30.86 10.74 -35.74
C GLN I 228 31.90 9.61 -35.79
N GLU I 229 31.70 8.63 -36.68
CA GLU I 229 32.62 7.49 -36.81
C GLU I 229 33.97 7.89 -37.39
N ARG I 230 35.05 7.50 -36.70
CA ARG I 230 36.42 7.76 -37.14
C ARG I 230 36.88 6.57 -37.98
N GLY I 231 36.62 5.36 -37.48
CA GLY I 231 36.98 4.12 -38.14
C GLY I 231 37.90 3.26 -37.30
N ARG I 232 38.40 2.17 -37.91
CA ARG I 232 39.30 1.22 -37.25
C ARG I 232 40.72 1.77 -37.12
N ILE I 233 41.21 1.84 -35.87
CA ILE I 233 42.56 2.32 -35.52
C ILE I 233 43.35 1.30 -34.69
N GLU I 234 44.68 1.24 -34.91
CA GLU I 234 45.58 0.33 -34.20
C GLU I 234 45.91 0.86 -32.80
N VAL I 235 45.68 0.03 -31.78
CA VAL I 235 45.95 0.34 -30.38
C VAL I 235 46.76 -0.79 -29.72
N LYS I 236 47.80 -0.42 -28.93
CA LYS I 236 48.68 -1.36 -28.24
C LYS I 236 47.95 -2.17 -27.16
N GLY I 237 48.11 -3.49 -27.23
CA GLY I 237 47.52 -4.44 -26.29
C GLY I 237 46.08 -4.84 -26.52
N LYS I 238 45.43 -4.26 -27.55
CA LYS I 238 44.03 -4.55 -27.89
C LYS I 238 43.85 -4.93 -29.37
N GLY I 239 44.83 -4.57 -30.20
CA GLY I 239 44.80 -4.83 -31.64
C GLY I 239 44.21 -3.65 -32.39
N VAL I 240 43.10 -3.87 -33.11
CA VAL I 240 42.41 -2.83 -33.88
C VAL I 240 40.97 -2.68 -33.35
N MET I 241 40.51 -1.42 -33.15
CA MET I 241 39.17 -1.13 -32.62
C MET I 241 38.45 0.00 -33.35
N ARG I 242 37.10 -0.11 -33.47
CA ARG I 242 36.23 0.89 -34.06
C ARG I 242 36.08 2.07 -33.10
N THR I 243 36.31 3.28 -33.60
CA THR I 243 36.26 4.52 -32.82
C THR I 243 35.22 5.51 -33.32
N TRP I 244 34.70 6.34 -32.39
CA TRP I 244 33.71 7.38 -32.59
C TRP I 244 34.15 8.69 -31.90
N TYR I 245 33.71 9.84 -32.44
CA TYR I 245 34.00 11.17 -31.90
C TYR I 245 32.77 11.76 -31.25
N LEU I 246 32.89 12.22 -29.99
CA LEU I 246 31.78 12.87 -29.28
C LEU I 246 31.69 14.32 -29.78
N ILE I 247 30.57 14.66 -30.43
CA ILE I 247 30.33 16.01 -30.97
C ILE I 247 29.57 16.89 -29.95
N GLY I 248 28.56 16.32 -29.31
CA GLY I 248 27.73 17.01 -28.32
C GLY I 248 26.46 16.27 -27.94
N ARG I 249 25.58 16.96 -27.17
CA ARG I 249 24.29 16.45 -26.70
C ARG I 249 23.24 16.45 -27.82
N LYS I 250 22.20 15.59 -27.68
CA LYS I 250 21.09 15.44 -28.63
C LYS I 250 20.34 16.74 -28.94
N ALA I 251 19.78 16.84 -30.18
CA ALA I 251 19.05 18.00 -30.74
C ALA I 251 17.79 18.45 -29.97
N ASP I 252 17.11 17.52 -29.25
CA ASP I 252 15.90 17.74 -28.43
C ASP I 252 14.68 18.32 -29.19
N GLU I 253 14.76 18.42 -30.53
CA GLU I 253 13.69 18.96 -31.38
C GLU I 253 12.85 17.85 -32.01
N THR J 30 39.52 13.29 31.57
CA THR J 30 40.12 14.45 30.92
C THR J 30 41.52 14.11 30.38
N GLN J 31 42.35 13.41 31.19
CA GLN J 31 43.71 12.99 30.85
C GLN J 31 43.75 11.94 29.74
N ARG J 32 42.75 11.02 29.72
CA ARG J 32 42.66 9.96 28.70
C ARG J 32 42.02 10.48 27.41
N ALA J 33 41.23 11.57 27.49
CA ALA J 33 40.57 12.21 26.35
C ALA J 33 41.57 12.97 25.46
N GLU J 34 42.66 13.48 26.08
CA GLU J 34 43.73 14.21 25.39
C GLU J 34 44.74 13.22 24.76
N ALA J 35 45.00 12.08 25.44
CA ALA J 35 45.91 11.03 24.98
C ALA J 35 45.41 10.35 23.69
N VAL J 36 44.08 10.13 23.59
CA VAL J 36 43.44 9.53 22.40
C VAL J 36 43.40 10.56 21.24
N MET J 37 43.30 11.87 21.59
CA MET J 37 43.27 13.00 20.65
C MET J 37 44.62 13.18 19.96
N GLU J 38 45.72 12.84 20.67
CA GLU J 38 47.10 12.91 20.17
C GLU J 38 47.45 11.63 19.42
N ALA J 39 46.89 10.48 19.84
CA ALA J 39 47.07 9.17 19.20
C ALA J 39 46.46 9.18 17.79
N GLU J 40 45.34 9.92 17.63
CA GLU J 40 44.64 10.11 16.36
C GLU J 40 45.39 11.14 15.50
N TYR J 41 46.07 12.11 16.15
CA TYR J 41 46.88 13.13 15.49
C TYR J 41 48.16 12.50 14.94
N GLU J 42 48.75 11.55 15.71
CA GLU J 42 49.96 10.80 15.34
C GLU J 42 49.71 9.97 14.08
N ARG J 43 48.55 9.26 14.01
CA ARG J 43 48.13 8.45 12.86
C ARG J 43 47.92 9.32 11.61
N SER J 44 47.31 10.50 11.82
CA SER J 44 47.02 11.49 10.78
C SER J 44 48.32 12.09 10.19
N GLU J 45 49.25 12.48 11.09
CA GLU J 45 50.54 13.06 10.73
C GLU J 45 51.46 12.05 10.07
N ALA J 46 51.37 10.76 10.48
CA ALA J 46 52.15 9.64 9.93
C ALA J 46 51.72 9.32 8.52
N LEU J 47 50.41 9.48 8.20
CA LEU J 47 49.86 9.26 6.87
C LEU J 47 50.36 10.38 5.96
N LEU J 48 50.23 11.63 6.43
CA LEU J 48 50.66 12.84 5.74
C LEU J 48 52.17 12.87 5.43
N ALA J 49 52.99 12.30 6.34
CA ALA J 49 54.45 12.20 6.20
C ALA J 49 54.84 11.19 5.13
N ASN J 50 54.03 10.12 5.00
CA ASN J 50 54.20 9.03 4.04
C ASN J 50 53.85 9.49 2.62
N MET J 51 52.86 10.37 2.49
CA MET J 51 52.34 10.88 1.22
C MET J 51 53.11 12.04 0.60
N LEU J 52 53.68 12.92 1.44
CA LEU J 52 54.40 14.11 0.99
C LEU J 52 55.78 14.28 1.66
N PRO J 53 56.77 14.90 0.98
CA PRO J 53 58.05 15.20 1.66
C PRO J 53 57.78 16.21 2.77
N GLY J 54 58.47 16.06 3.91
CA GLY J 54 58.30 16.86 5.11
C GLY J 54 57.96 18.34 4.93
N SER J 55 58.85 19.07 4.22
CA SER J 55 58.72 20.51 3.96
C SER J 55 57.48 20.87 3.15
N ILE J 56 57.12 19.99 2.18
CA ILE J 56 55.97 20.14 1.28
C ILE J 56 54.66 20.07 2.08
N ALA J 57 54.55 19.10 3.00
CA ALA J 57 53.38 18.94 3.89
C ALA J 57 53.18 20.19 4.73
N GLU J 58 54.28 20.78 5.26
CA GLU J 58 54.32 22.00 6.05
C GLU J 58 53.85 23.20 5.23
N ARG J 59 54.29 23.28 3.96
CA ARG J 59 53.94 24.33 3.01
C ARG J 59 52.47 24.26 2.62
N LEU J 60 51.94 23.04 2.43
CA LEU J 60 50.52 22.83 2.10
C LEU J 60 49.61 23.17 3.28
N LYS J 61 50.12 22.96 4.53
CA LYS J 61 49.39 23.27 5.77
C LYS J 61 49.33 24.78 6.01
N SER J 62 50.28 25.55 5.42
CA SER J 62 50.33 27.01 5.51
C SER J 62 49.24 27.61 4.60
N SER J 63 48.94 28.90 4.79
CA SER J 63 47.92 29.60 4.02
C SER J 63 48.49 30.32 2.78
N SER J 64 49.60 29.79 2.20
CA SER J 64 50.25 30.37 1.03
C SER J 64 49.41 30.16 -0.23
N ARG J 65 49.17 31.26 -0.96
CA ARG J 65 48.42 31.28 -2.22
C ARG J 65 49.35 31.05 -3.42
N SER J 66 50.67 31.02 -3.17
CA SER J 66 51.69 30.80 -4.19
C SER J 66 51.78 29.34 -4.59
N VAL J 67 52.19 29.08 -5.84
CA VAL J 67 52.36 27.73 -6.39
C VAL J 67 53.68 27.15 -5.91
N ILE J 68 53.68 25.86 -5.53
CA ILE J 68 54.89 25.13 -5.12
C ILE J 68 55.55 24.67 -6.43
N ALA J 69 56.60 25.37 -6.83
CA ALA J 69 57.38 25.10 -8.03
C ALA J 69 58.81 25.54 -7.70
N ASP J 70 59.68 24.55 -7.42
CA ASP J 70 61.07 24.79 -7.03
C ASP J 70 62.01 24.30 -8.10
N LYS J 71 62.89 25.20 -8.57
CA LYS J 71 63.89 24.89 -9.59
C LYS J 71 65.05 24.16 -8.93
N TYR J 72 65.46 23.03 -9.51
CA TYR J 72 66.60 22.21 -9.07
C TYR J 72 67.50 22.05 -10.30
N ASP J 73 68.78 22.46 -10.19
CA ASP J 73 69.74 22.48 -11.28
C ASP J 73 70.21 21.12 -11.79
N GLU J 74 70.55 20.17 -10.90
CA GLU J 74 71.04 18.88 -11.37
C GLU J 74 70.52 17.68 -10.58
N VAL J 75 69.45 17.07 -11.09
CA VAL J 75 68.84 15.88 -10.51
C VAL J 75 68.77 14.76 -11.56
N SER J 76 68.82 13.50 -11.10
CA SER J 76 68.73 12.31 -11.94
C SER J 76 67.36 11.66 -11.75
N VAL J 77 66.68 11.30 -12.85
CA VAL J 77 65.34 10.68 -12.79
C VAL J 77 65.35 9.30 -13.48
N LEU J 78 64.68 8.32 -12.83
CA LEU J 78 64.55 6.94 -13.27
C LEU J 78 63.09 6.56 -13.49
N PHE J 79 62.81 5.87 -14.60
CA PHE J 79 61.52 5.30 -14.96
C PHE J 79 61.67 3.80 -15.19
N ALA J 80 60.91 3.00 -14.44
CA ALA J 80 60.91 1.54 -14.56
C ALA J 80 59.50 1.08 -14.91
N ASP J 81 59.37 0.21 -15.92
CA ASP J 81 58.07 -0.29 -16.41
C ASP J 81 58.15 -1.80 -16.66
N ILE J 82 57.11 -2.54 -16.24
CA ILE J 82 57.02 -3.99 -16.42
C ILE J 82 56.72 -4.32 -17.89
N VAL J 83 57.45 -5.28 -18.45
CA VAL J 83 57.30 -5.74 -19.83
C VAL J 83 56.10 -6.69 -19.90
N GLY J 84 55.21 -6.45 -20.87
CA GLY J 84 54.02 -7.25 -21.14
C GLY J 84 53.09 -7.46 -19.95
N PHE J 85 52.66 -6.36 -19.32
CA PHE J 85 51.78 -6.41 -18.16
C PHE J 85 50.33 -6.74 -18.52
N THR J 86 49.78 -6.10 -19.57
CA THR J 86 48.40 -6.29 -20.05
C THR J 86 48.09 -7.75 -20.43
N GLU J 87 49.09 -8.47 -20.97
CA GLU J 87 48.98 -9.86 -21.40
C GLU J 87 48.78 -10.83 -20.22
N ARG J 88 49.23 -10.44 -19.01
CA ARG J 88 49.11 -11.24 -17.79
C ARG J 88 47.65 -11.38 -17.32
N ALA J 89 46.74 -10.53 -17.84
CA ALA J 89 45.31 -10.54 -17.53
C ALA J 89 44.60 -11.80 -18.05
N SER J 90 45.25 -12.53 -18.97
CA SER J 90 44.75 -13.78 -19.54
C SER J 90 44.83 -14.93 -18.53
N THR J 91 45.84 -14.88 -17.63
CA THR J 91 46.11 -15.88 -16.60
C THR J 91 45.77 -15.39 -15.18
N THR J 92 45.81 -14.06 -14.95
CA THR J 92 45.57 -13.46 -13.64
C THR J 92 44.35 -12.51 -13.65
N THR J 93 43.55 -12.53 -12.57
CA THR J 93 42.37 -11.68 -12.39
C THR J 93 42.83 -10.22 -12.22
N PRO J 94 42.01 -9.21 -12.60
CA PRO J 94 42.44 -7.82 -12.44
C PRO J 94 42.84 -7.41 -11.01
N ALA J 95 42.12 -7.92 -9.99
CA ALA J 95 42.40 -7.63 -8.58
C ALA J 95 43.73 -8.22 -8.10
N ASP J 96 44.09 -9.42 -8.62
CA ASP J 96 45.35 -10.10 -8.27
C ASP J 96 46.55 -9.45 -8.96
N LEU J 97 46.29 -8.74 -10.08
CA LEU J 97 47.28 -7.99 -10.85
C LEU J 97 47.68 -6.73 -10.07
N VAL J 98 46.69 -6.10 -9.40
CA VAL J 98 46.85 -4.91 -8.55
C VAL J 98 47.58 -5.32 -7.25
N ARG J 99 47.28 -6.54 -6.74
CA ARG J 99 47.92 -7.12 -5.56
C ARG J 99 49.40 -7.43 -5.85
N PHE J 100 49.70 -7.82 -7.12
CA PHE J 100 51.07 -8.09 -7.60
C PHE J 100 51.85 -6.78 -7.67
N LEU J 101 51.23 -5.71 -8.20
CA LEU J 101 51.77 -4.36 -8.33
C LEU J 101 52.16 -3.80 -6.95
N ASN J 102 51.31 -4.03 -5.93
CA ASN J 102 51.56 -3.60 -4.56
C ASN J 102 52.74 -4.36 -3.93
N ARG J 103 52.83 -5.67 -4.21
CA ARG J 103 53.90 -6.57 -3.73
C ARG J 103 55.24 -6.20 -4.37
N LEU J 104 55.25 -6.01 -5.70
CA LEU J 104 56.42 -5.66 -6.49
C LEU J 104 56.98 -4.27 -6.12
N TYR J 105 56.09 -3.26 -6.03
CA TYR J 105 56.49 -1.90 -5.69
C TYR J 105 56.79 -1.73 -4.20
N GLY J 106 56.27 -2.64 -3.38
CA GLY J 106 56.56 -2.66 -1.94
C GLY J 106 58.02 -2.99 -1.70
N ALA J 107 58.55 -3.94 -2.52
CA ALA J 107 59.94 -4.37 -2.51
C ALA J 107 60.86 -3.25 -3.01
N PHE J 108 60.38 -2.47 -4.01
CA PHE J 108 61.10 -1.35 -4.60
C PHE J 108 61.13 -0.14 -3.66
N ASP J 109 60.04 0.09 -2.89
CA ASP J 109 59.93 1.18 -1.90
C ASP J 109 60.94 0.97 -0.77
N GLU J 110 61.20 -0.31 -0.41
CA GLU J 110 62.16 -0.72 0.60
C GLU J 110 63.58 -0.37 0.11
N LEU J 111 63.81 -0.49 -1.22
CA LEU J 111 65.08 -0.22 -1.89
C LEU J 111 65.39 1.27 -2.03
N VAL J 112 64.35 2.15 -2.15
CA VAL J 112 64.56 3.61 -2.26
C VAL J 112 65.04 4.18 -0.90
N ASP J 113 64.58 3.58 0.23
CA ASP J 113 64.96 3.98 1.58
C ASP J 113 66.40 3.56 1.87
N LYS J 114 66.77 2.36 1.38
CA LYS J 114 68.11 1.76 1.49
C LYS J 114 69.14 2.66 0.79
N HIS J 115 68.81 3.18 -0.41
CA HIS J 115 69.68 4.05 -1.19
C HIS J 115 69.51 5.55 -0.85
N GLY J 116 68.49 5.86 -0.05
CA GLY J 116 68.18 7.22 0.40
C GLY J 116 67.75 8.13 -0.74
N LEU J 117 66.89 7.62 -1.62
CA LEU J 117 66.38 8.35 -2.79
C LEU J 117 64.91 8.72 -2.65
N GLU J 118 64.40 9.56 -3.58
CA GLU J 118 63.03 10.05 -3.56
C GLU J 118 62.11 9.34 -4.53
N LYS J 119 61.13 8.57 -4.00
CA LYS J 119 60.10 7.92 -4.82
C LYS J 119 59.08 9.01 -5.14
N ILE J 120 58.72 9.18 -6.41
CA ILE J 120 57.77 10.22 -6.81
C ILE J 120 56.37 9.64 -6.95
N LYS J 121 56.12 8.82 -7.99
CA LYS J 121 54.81 8.25 -8.25
C LYS J 121 54.86 6.89 -8.93
N VAL J 122 53.66 6.30 -9.13
CA VAL J 122 53.43 5.03 -9.80
C VAL J 122 52.30 5.25 -10.83
N SER J 123 52.65 5.29 -12.12
CA SER J 123 51.66 5.49 -13.18
C SER J 123 51.21 4.12 -13.68
N GLY J 124 50.48 3.42 -12.83
CA GLY J 124 49.99 2.08 -13.10
C GLY J 124 51.13 1.09 -13.14
N ASP J 125 51.69 0.90 -14.34
CA ASP J 125 52.79 -0.01 -14.63
C ASP J 125 54.18 0.63 -14.49
N SER J 126 54.23 1.98 -14.48
CA SER J 126 55.45 2.77 -14.39
C SER J 126 55.79 3.11 -12.93
N TYR J 127 57.10 3.32 -12.64
CA TYR J 127 57.61 3.62 -11.31
C TYR J 127 58.65 4.74 -11.42
N MET J 128 58.45 5.87 -10.70
CA MET J 128 59.36 7.01 -10.76
C MET J 128 60.15 7.25 -9.48
N VAL J 129 61.49 7.33 -9.61
CA VAL J 129 62.46 7.59 -8.54
C VAL J 129 63.36 8.74 -9.03
N VAL J 130 63.60 9.72 -8.17
CA VAL J 130 64.45 10.87 -8.45
C VAL J 130 65.58 10.93 -7.41
N SER J 131 66.78 11.30 -7.87
CA SER J 131 67.98 11.46 -7.07
C SER J 131 68.41 12.92 -7.17
N GLY J 132 68.36 13.63 -6.05
CA GLY J 132 68.72 15.05 -5.98
C GLY J 132 67.66 15.96 -5.42
N VAL J 133 66.47 15.41 -5.10
CA VAL J 133 65.36 16.17 -4.50
C VAL J 133 64.94 15.56 -3.14
N PRO J 134 64.72 16.38 -2.08
CA PRO J 134 64.81 17.84 -2.02
C PRO J 134 66.23 18.39 -1.83
N ARG J 135 67.14 17.59 -1.26
CA ARG J 135 68.54 18.00 -1.03
C ARG J 135 69.42 17.48 -2.16
N ALA J 136 70.24 18.36 -2.75
CA ALA J 136 71.14 18.00 -3.83
C ALA J 136 72.36 17.25 -3.30
N ARG J 137 72.84 16.27 -4.08
CA ARG J 137 74.00 15.44 -3.76
C ARG J 137 74.94 15.36 -4.98
N PRO J 138 76.28 15.45 -4.80
CA PRO J 138 77.18 15.40 -5.97
C PRO J 138 77.20 14.06 -6.70
N ASP J 139 76.81 12.98 -6.00
CA ASP J 139 76.74 11.61 -6.50
C ASP J 139 75.32 11.21 -6.94
N HIS J 140 74.46 12.20 -7.27
CA HIS J 140 73.05 11.98 -7.68
C HIS J 140 72.91 10.95 -8.83
N ALA J 141 73.80 11.03 -9.84
CA ALA J 141 73.81 10.12 -10.99
C ALA J 141 74.30 8.72 -10.59
N PHE J 142 75.35 8.64 -9.75
CA PHE J 142 75.92 7.37 -9.28
C PHE J 142 74.97 6.62 -8.35
N ALA J 143 74.30 7.35 -7.43
CA ALA J 143 73.34 6.82 -6.46
C ALA J 143 72.12 6.19 -7.12
N LEU J 144 71.62 6.82 -8.21
CA LEU J 144 70.48 6.33 -8.97
C LEU J 144 70.89 5.15 -9.85
N ALA J 145 72.16 5.16 -10.32
CA ALA J 145 72.74 4.09 -11.13
C ALA J 145 72.92 2.82 -10.28
N ASP J 146 73.41 2.98 -9.02
CA ASP J 146 73.57 1.88 -8.05
C ASP J 146 72.21 1.30 -7.68
N PHE J 147 71.18 2.17 -7.61
CA PHE J 147 69.80 1.81 -7.32
C PHE J 147 69.19 1.02 -8.49
N ALA J 148 69.37 1.51 -9.74
CA ALA J 148 68.87 0.90 -10.98
C ALA J 148 69.37 -0.54 -11.14
N LEU J 149 70.67 -0.76 -10.85
CA LEU J 149 71.32 -2.07 -10.92
C LEU J 149 70.82 -3.00 -9.83
N ASP J 150 70.59 -2.47 -8.61
CA ASP J 150 70.07 -3.22 -7.47
C ASP J 150 68.61 -3.63 -7.74
N MET J 151 67.84 -2.72 -8.36
CA MET J 151 66.44 -2.90 -8.75
C MET J 151 66.31 -4.00 -9.79
N ALA J 152 67.25 -4.05 -10.75
CA ALA J 152 67.32 -5.07 -11.81
C ALA J 152 67.52 -6.47 -11.21
N ASN J 153 68.38 -6.55 -10.17
CA ASN J 153 68.68 -7.80 -9.45
C ASN J 153 67.50 -8.25 -8.58
N VAL J 154 66.78 -7.29 -7.95
CA VAL J 154 65.60 -7.52 -7.10
C VAL J 154 64.46 -8.09 -7.96
N ALA J 155 64.19 -7.46 -9.12
CA ALA J 155 63.15 -7.87 -10.07
C ALA J 155 63.41 -9.25 -10.68
N ALA J 156 64.69 -9.58 -10.98
CA ALA J 156 65.11 -10.86 -11.55
C ALA J 156 64.82 -12.03 -10.60
N ALA J 157 64.97 -11.80 -9.28
CA ALA J 157 64.72 -12.79 -8.23
C ALA J 157 63.22 -13.00 -8.01
N LEU J 158 62.40 -11.96 -8.30
CA LEU J 158 60.94 -11.99 -8.13
C LEU J 158 60.20 -12.64 -9.30
N LYS J 159 59.03 -13.21 -9.01
CA LYS J 159 58.15 -13.88 -9.98
C LYS J 159 56.73 -13.32 -9.91
N ASP J 160 56.01 -13.33 -11.06
CA ASP J 160 54.64 -12.87 -11.18
C ASP J 160 53.64 -13.88 -10.54
N PRO J 161 52.36 -13.52 -10.25
CA PRO J 161 51.45 -14.49 -9.60
C PRO J 161 51.24 -15.81 -10.33
N HIS J 162 51.48 -15.85 -11.66
CA HIS J 162 51.36 -17.06 -12.49
C HIS J 162 52.64 -17.93 -12.41
N GLY J 163 53.72 -17.38 -11.84
CA GLY J 163 54.99 -18.07 -11.66
C GLY J 163 56.06 -17.77 -12.69
N ASP J 164 55.78 -16.83 -13.61
CA ASP J 164 56.69 -16.42 -14.68
C ASP J 164 57.57 -15.22 -14.23
N PRO J 165 58.75 -14.96 -14.87
CA PRO J 165 59.60 -13.84 -14.42
C PRO J 165 58.98 -12.45 -14.63
N VAL J 166 59.59 -11.42 -14.00
CA VAL J 166 59.14 -10.02 -14.10
C VAL J 166 60.19 -9.19 -14.89
N PRO J 167 60.13 -9.18 -16.24
CA PRO J 167 61.11 -8.37 -17.00
C PRO J 167 60.76 -6.89 -16.95
N LEU J 168 61.79 -6.04 -16.76
CA LEU J 168 61.63 -4.60 -16.67
C LEU J 168 62.36 -3.85 -17.78
N ARG J 169 61.81 -2.68 -18.11
CA ARG J 169 62.38 -1.73 -19.06
C ARG J 169 62.72 -0.53 -18.17
N MET J 170 64.01 -0.15 -18.14
CA MET J 170 64.49 0.95 -17.30
C MET J 170 65.21 2.02 -18.11
N GLY J 171 64.95 3.26 -17.74
CA GLY J 171 65.53 4.43 -18.38
C GLY J 171 65.84 5.52 -17.39
N MET J 172 67.03 6.11 -17.51
CA MET J 172 67.53 7.19 -16.65
C MET J 172 67.95 8.41 -17.48
N ALA J 173 68.04 9.59 -16.82
CA ALA J 173 68.48 10.86 -17.38
C ALA J 173 68.72 11.88 -16.29
N CYS J 174 69.45 12.97 -16.60
CA CYS J 174 69.74 14.03 -15.66
C CYS J 174 69.71 15.42 -16.31
N GLY J 175 69.60 16.45 -15.47
CA GLY J 175 69.53 17.85 -15.90
C GLY J 175 68.63 18.72 -15.04
N PRO J 176 68.33 19.97 -15.48
CA PRO J 176 67.46 20.85 -14.68
C PRO J 176 66.02 20.36 -14.61
N VAL J 177 65.46 20.38 -13.39
CA VAL J 177 64.10 19.92 -13.10
C VAL J 177 63.34 20.92 -12.20
N VAL J 178 62.00 20.95 -12.33
CA VAL J 178 61.10 21.74 -11.49
C VAL J 178 60.26 20.74 -10.70
N ALA J 179 60.27 20.85 -9.36
CA ALA J 179 59.55 19.95 -8.47
C ALA J 179 58.50 20.69 -7.66
N GLY J 180 57.31 20.12 -7.59
CA GLY J 180 56.22 20.74 -6.84
C GLY J 180 54.86 20.11 -6.94
N VAL J 181 53.85 20.89 -6.55
CA VAL J 181 52.45 20.49 -6.47
C VAL J 181 51.59 21.37 -7.41
N VAL J 182 50.70 20.73 -8.19
CA VAL J 182 49.75 21.39 -9.11
C VAL J 182 48.30 20.96 -8.79
N GLY J 183 47.35 21.89 -8.99
CA GLY J 183 45.93 21.65 -8.73
C GLY J 183 45.52 21.94 -7.30
N SER J 184 44.19 22.06 -7.06
CA SER J 184 43.66 22.37 -5.72
C SER J 184 43.32 21.14 -4.90
N ARG J 185 42.94 20.01 -5.55
CA ARG J 185 42.63 18.75 -4.86
C ARG J 185 43.31 17.58 -5.55
N ARG J 186 43.43 16.43 -4.84
CA ARG J 186 44.08 15.19 -5.30
C ARG J 186 45.49 15.46 -5.84
N PHE J 187 46.20 16.34 -5.14
CA PHE J 187 47.54 16.79 -5.50
C PHE J 187 48.62 15.95 -4.84
N PHE J 188 49.80 15.88 -5.46
CA PHE J 188 50.95 15.17 -4.95
C PHE J 188 52.22 15.89 -5.41
N TYR J 189 53.37 15.54 -4.80
CA TYR J 189 54.66 16.11 -5.13
C TYR J 189 55.21 15.41 -6.36
N ASP J 190 55.31 16.15 -7.47
CA ASP J 190 55.76 15.64 -8.76
C ASP J 190 56.99 16.43 -9.26
N VAL J 191 57.69 15.87 -10.28
CA VAL J 191 58.85 16.50 -10.93
C VAL J 191 58.58 16.64 -12.44
N TRP J 192 59.05 17.74 -13.03
CA TRP J 192 58.88 18.06 -14.45
C TRP J 192 60.20 18.58 -15.03
N GLY J 193 60.39 18.42 -16.33
CA GLY J 193 61.59 18.91 -17.01
C GLY J 193 62.08 18.05 -18.16
N ASP J 194 63.24 18.44 -18.73
CA ASP J 194 63.87 17.72 -19.83
C ASP J 194 64.35 16.34 -19.39
N ALA J 195 64.96 16.24 -18.19
CA ALA J 195 65.46 14.99 -17.62
C ALA J 195 64.37 13.94 -17.47
N VAL J 196 63.14 14.32 -17.03
CA VAL J 196 62.03 13.37 -16.86
C VAL J 196 61.45 13.00 -18.26
N ASN J 197 61.56 13.92 -19.23
CA ASN J 197 61.12 13.69 -20.61
C ASN J 197 62.00 12.66 -21.33
N VAL J 198 63.35 12.80 -21.22
CA VAL J 198 64.24 11.86 -21.92
C VAL J 198 64.35 10.54 -21.12
N ALA J 199 64.17 10.55 -19.77
CA ALA J 199 64.19 9.30 -18.97
C ALA J 199 62.97 8.43 -19.29
N SER J 200 61.83 9.10 -19.68
CA SER J 200 60.52 8.57 -20.12
C SER J 200 60.65 7.91 -21.49
N ARG J 201 61.55 8.44 -22.31
CA ARG J 201 61.85 7.94 -23.64
C ARG J 201 62.90 6.83 -23.55
N MET J 202 63.87 6.96 -22.61
CA MET J 202 64.93 5.96 -22.35
C MET J 202 64.30 4.66 -21.84
N GLU J 203 63.16 4.75 -21.14
CA GLU J 203 62.45 3.57 -20.63
C GLU J 203 61.67 2.89 -21.78
N SER J 204 60.79 3.66 -22.46
CA SER J 204 59.91 3.15 -23.53
C SER J 204 60.63 2.59 -24.74
N THR J 205 61.79 3.16 -25.11
CA THR J 205 62.58 2.71 -26.27
C THR J 205 63.66 1.66 -25.91
N ASP J 206 63.72 1.27 -24.63
CA ASP J 206 64.69 0.31 -24.08
C ASP J 206 64.35 -1.14 -24.44
N SER J 207 65.39 -2.00 -24.47
CA SER J 207 65.27 -3.45 -24.67
C SER J 207 65.10 -4.06 -23.28
N VAL J 208 64.29 -5.12 -23.15
CA VAL J 208 63.96 -5.75 -21.86
C VAL J 208 65.22 -6.26 -21.13
N GLY J 209 65.25 -6.02 -19.81
CA GLY J 209 66.33 -6.41 -18.92
C GLY J 209 67.58 -5.56 -18.99
N ARG J 210 67.46 -4.34 -19.57
CA ARG J 210 68.58 -3.40 -19.74
C ARG J 210 68.27 -2.06 -19.07
N ILE J 211 69.31 -1.22 -18.86
CA ILE J 211 69.18 0.12 -18.29
C ILE J 211 69.72 1.12 -19.30
N GLN J 212 68.81 1.79 -20.03
CA GLN J 212 69.13 2.77 -21.06
C GLN J 212 69.39 4.16 -20.48
N VAL J 213 70.53 4.78 -20.87
CA VAL J 213 70.93 6.13 -20.43
C VAL J 213 71.40 6.97 -21.65
N PRO J 214 71.13 8.31 -21.71
CA PRO J 214 71.62 9.09 -22.86
C PRO J 214 73.11 9.38 -22.80
N GLU J 215 73.67 9.98 -23.88
CA GLU J 215 75.08 10.34 -24.01
C GLU J 215 75.55 11.29 -22.88
N ALA J 216 74.66 12.18 -22.41
CA ALA J 216 74.94 13.13 -21.33
C ALA J 216 75.13 12.45 -19.98
N MET J 217 74.37 11.37 -19.74
CA MET J 217 74.44 10.55 -18.52
C MET J 217 75.69 9.70 -18.56
N TYR J 218 75.99 9.07 -19.73
CA TYR J 218 77.15 8.22 -19.99
C TYR J 218 78.44 8.91 -19.58
N GLU J 219 78.61 10.19 -19.99
CA GLU J 219 79.79 11.01 -19.68
C GLU J 219 80.03 11.18 -18.17
N ARG J 220 78.93 11.20 -17.38
CA ARG J 220 78.93 11.35 -15.92
C ARG J 220 79.14 10.01 -15.18
N LEU J 221 78.88 8.88 -15.86
CA LEU J 221 78.96 7.53 -15.28
C LEU J 221 80.14 6.68 -15.75
N LYS J 222 80.70 6.97 -16.94
CA LYS J 222 81.81 6.23 -17.59
C LYS J 222 83.07 6.01 -16.73
N ASN J 223 83.31 6.89 -15.73
CA ASN J 223 84.48 6.80 -14.85
C ASN J 223 84.34 5.79 -13.71
N GLU J 224 83.09 5.48 -13.28
CA GLU J 224 82.80 4.55 -12.19
C GLU J 224 81.94 3.35 -12.59
N PHE J 225 81.36 3.37 -13.80
CA PHE J 225 80.47 2.31 -14.29
C PHE J 225 80.85 1.80 -15.67
N VAL J 226 80.51 0.53 -15.94
CA VAL J 226 80.71 -0.13 -17.23
C VAL J 226 79.46 0.10 -18.09
N LEU J 227 79.67 0.66 -19.31
CA LEU J 227 78.60 0.99 -20.25
C LEU J 227 78.86 0.46 -21.66
N GLN J 228 77.79 -0.01 -22.33
CA GLN J 228 77.83 -0.56 -23.69
C GLN J 228 76.99 0.31 -24.62
N GLU J 229 77.60 0.81 -25.71
CA GLU J 229 76.92 1.69 -26.68
C GLU J 229 75.84 0.96 -27.47
N ARG J 230 74.62 1.52 -27.48
CA ARG J 230 73.49 0.98 -28.23
C ARG J 230 73.50 1.62 -29.63
N GLY J 231 73.69 2.94 -29.68
CA GLY J 231 73.73 3.72 -30.90
C GLY J 231 72.69 4.82 -30.95
N ARG J 232 72.57 5.47 -32.11
CA ARG J 232 71.63 6.56 -32.34
C ARG J 232 70.19 6.03 -32.52
N ILE J 233 69.28 6.49 -31.65
CA ILE J 233 67.86 6.10 -31.67
C ILE J 233 66.95 7.32 -31.77
N GLU J 234 65.82 7.17 -32.48
CA GLU J 234 64.80 8.21 -32.66
C GLU J 234 63.91 8.31 -31.42
N VAL J 235 63.80 9.52 -30.87
CA VAL J 235 62.98 9.84 -29.69
C VAL J 235 62.09 11.06 -29.97
N LYS J 236 60.82 10.99 -29.55
CA LYS J 236 59.83 12.06 -29.76
C LYS J 236 60.18 13.33 -28.98
N GLY J 237 60.19 14.47 -29.68
CA GLY J 237 60.47 15.78 -29.10
C GLY J 237 61.93 16.14 -28.88
N LYS J 238 62.86 15.23 -29.20
CA LYS J 238 64.31 15.43 -29.05
C LYS J 238 65.10 15.13 -30.34
N GLY J 239 64.46 14.39 -31.26
CA GLY J 239 65.06 14.00 -32.52
C GLY J 239 65.77 12.67 -32.40
N VAL J 240 67.09 12.64 -32.67
CA VAL J 240 67.92 11.44 -32.59
C VAL J 240 69.03 11.66 -31.54
N MET J 241 69.26 10.69 -30.64
CA MET J 241 70.32 10.81 -29.63
C MET J 241 71.08 9.49 -29.38
N ARG J 242 72.38 9.62 -29.04
CA ARG J 242 73.29 8.51 -28.73
C ARG J 242 72.95 7.92 -27.38
N THR J 243 72.79 6.60 -27.34
CA THR J 243 72.42 5.86 -26.14
C THR J 243 73.46 4.83 -25.70
N TRP J 244 73.50 4.57 -24.37
CA TRP J 244 74.37 3.60 -23.71
C TRP J 244 73.57 2.73 -22.73
N TYR J 245 74.05 1.50 -22.47
CA TYR J 245 73.44 0.55 -21.54
C TYR J 245 74.29 0.43 -20.29
N LEU J 246 73.67 0.56 -19.10
CA LEU J 246 74.36 0.41 -17.83
C LEU J 246 74.47 -1.08 -17.52
N ILE J 247 75.72 -1.61 -17.49
CA ILE J 247 76.01 -3.03 -17.24
C ILE J 247 76.26 -3.30 -15.75
N GLY J 248 77.04 -2.43 -15.11
CA GLY J 248 77.38 -2.54 -13.69
C GLY J 248 78.47 -1.59 -13.24
N ARG J 249 78.92 -1.76 -11.98
CA ARG J 249 79.97 -0.96 -11.36
C ARG J 249 81.37 -1.37 -11.85
N LYS J 250 82.36 -0.45 -11.71
CA LYS J 250 83.77 -0.64 -12.10
C LYS J 250 84.41 -1.88 -11.46
N ALA J 251 85.31 -2.54 -12.21
CA ALA J 251 86.01 -3.77 -11.81
C ALA J 251 87.19 -3.59 -10.83
N ASP J 252 87.60 -2.34 -10.57
CA ASP J 252 88.74 -2.08 -9.67
C ASP J 252 88.34 -1.62 -8.26
N GLU J 253 89.10 -2.09 -7.25
CA GLU J 253 88.96 -1.81 -5.81
C GLU J 253 87.54 -2.00 -5.28
N THR K 30 84.78 8.02 20.55
CA THR K 30 83.96 7.97 19.34
C THR K 30 82.48 8.30 19.66
N GLN K 31 81.94 7.74 20.77
CA GLN K 31 80.57 7.94 21.23
C GLN K 31 80.32 9.37 21.73
N ARG K 32 81.32 9.97 22.38
CA ARG K 32 81.26 11.34 22.91
C ARG K 32 81.52 12.39 21.82
N ALA K 33 82.23 11.99 20.74
CA ALA K 33 82.53 12.86 19.59
C ALA K 33 81.29 13.11 18.72
N GLU K 34 80.35 12.15 18.70
CA GLU K 34 79.09 12.23 17.96
C GLU K 34 78.03 13.02 18.76
N ALA K 35 78.03 12.86 20.10
CA ALA K 35 77.12 13.54 21.02
C ALA K 35 77.34 15.05 21.05
N VAL K 36 78.62 15.50 20.97
CA VAL K 36 78.99 16.92 20.93
C VAL K 36 78.66 17.52 19.53
N MET K 37 78.73 16.67 18.47
CA MET K 37 78.42 17.02 17.09
C MET K 37 76.92 17.31 16.89
N GLU K 38 76.08 16.62 17.68
CA GLU K 38 74.62 16.79 17.68
C GLU K 38 74.19 17.92 18.60
N ALA K 39 74.95 18.14 19.71
CA ALA K 39 74.73 19.22 20.68
C ALA K 39 75.00 20.58 20.00
N GLU K 40 75.96 20.61 19.07
CA GLU K 40 76.31 21.79 18.28
C GLU K 40 75.30 21.97 17.15
N TYR K 41 74.70 20.86 16.66
CA TYR K 41 73.65 20.88 15.63
C TYR K 41 72.35 21.42 16.22
N GLU K 42 72.04 21.03 17.48
CA GLU K 42 70.87 21.47 18.25
C GLU K 42 70.89 22.98 18.45
N ARG K 43 72.07 23.53 18.86
CA ARG K 43 72.30 24.96 19.09
C ARG K 43 72.17 25.74 17.78
N SER K 44 72.68 25.16 16.67
CA SER K 44 72.65 25.73 15.32
C SER K 44 71.22 25.80 14.78
N GLU K 45 70.45 24.71 14.96
CA GLU K 45 69.07 24.61 14.51
C GLU K 45 68.15 25.52 15.32
N ALA K 46 68.45 25.68 16.63
CA ALA K 46 67.69 26.53 17.56
C ALA K 46 67.89 28.01 17.24
N LEU K 47 69.10 28.39 16.75
CA LEU K 47 69.43 29.75 16.35
C LEU K 47 68.65 30.06 15.08
N LEU K 48 68.71 29.14 14.10
CA LEU K 48 68.05 29.22 12.81
C LEU K 48 66.52 29.32 12.94
N ALA K 49 65.94 28.62 13.94
CA ALA K 49 64.51 28.62 14.24
C ALA K 49 64.06 29.97 14.82
N ASN K 50 64.94 30.62 15.58
CA ASN K 50 64.72 31.90 16.23
C ASN K 50 64.77 33.06 15.22
N MET K 51 65.61 32.91 14.18
CA MET K 51 65.84 33.91 13.14
C MET K 51 64.82 33.91 12.00
N LEU K 52 64.32 32.72 11.63
CA LEU K 52 63.37 32.55 10.51
C LEU K 52 62.16 31.69 10.88
N PRO K 53 60.97 31.89 10.26
CA PRO K 53 59.86 30.95 10.50
C PRO K 53 60.25 29.57 9.96
N GLY K 54 59.85 28.51 10.68
CA GLY K 54 60.16 27.11 10.38
C GLY K 54 60.26 26.72 8.92
N SER K 55 59.16 26.92 8.17
CA SER K 55 59.05 26.59 6.74
C SER K 55 60.01 27.37 5.86
N ILE K 56 60.27 28.65 6.20
CA ILE K 56 61.17 29.56 5.49
C ILE K 56 62.62 29.07 5.60
N ALA K 57 63.05 28.64 6.80
CA ALA K 57 64.39 28.09 7.05
C ALA K 57 64.62 26.84 6.19
N GLU K 58 63.58 25.97 6.09
CA GLU K 58 63.55 24.75 5.29
C GLU K 58 63.68 25.07 3.80
N ARG K 59 62.98 26.11 3.34
CA ARG K 59 62.98 26.60 1.96
C ARG K 59 64.33 27.19 1.58
N LEU K 60 64.97 27.93 2.50
CA LEU K 60 66.29 28.52 2.28
C LEU K 60 67.38 27.43 2.25
N LYS K 61 67.18 26.32 3.01
CA LYS K 61 68.10 25.17 3.04
C LYS K 61 67.98 24.34 1.75
N SER K 62 66.85 24.45 1.03
CA SER K 62 66.63 23.75 -0.25
C SER K 62 67.41 24.48 -1.35
N SER K 63 67.56 23.84 -2.53
CA SER K 63 68.31 24.39 -3.64
C SER K 63 67.46 25.20 -4.63
N SER K 64 66.30 25.71 -4.18
CA SER K 64 65.38 26.49 -5.01
C SER K 64 65.94 27.84 -5.43
N ARG K 65 65.90 28.11 -6.76
CA ARG K 65 66.36 29.35 -7.37
C ARG K 65 65.21 30.36 -7.50
N SER K 66 63.99 29.95 -7.11
CA SER K 66 62.81 30.81 -7.12
C SER K 66 62.81 31.74 -5.91
N VAL K 67 62.16 32.91 -6.06
CA VAL K 67 62.03 33.93 -5.02
C VAL K 67 60.94 33.49 -4.04
N ILE K 68 61.19 33.68 -2.73
CA ILE K 68 60.19 33.40 -1.69
C ILE K 68 59.29 34.65 -1.62
N ALA K 69 58.08 34.52 -2.19
CA ALA K 69 57.07 35.57 -2.24
C ALA K 69 55.72 34.86 -2.20
N ASP K 70 55.08 34.88 -1.03
CA ASP K 70 53.81 34.19 -0.81
C ASP K 70 52.70 35.19 -0.58
N LYS K 71 51.62 35.07 -1.38
CA LYS K 71 50.44 35.92 -1.25
C LYS K 71 49.58 35.44 -0.08
N TYR K 72 49.20 36.37 0.80
CA TYR K 72 48.31 36.13 1.95
C TYR K 72 47.16 37.12 1.83
N ASP K 73 45.93 36.61 1.80
CA ASP K 73 44.71 37.39 1.58
C ASP K 73 44.31 38.35 2.69
N GLU K 74 44.32 37.91 3.96
CA GLU K 74 43.89 38.81 5.03
C GLU K 74 44.75 38.71 6.28
N VAL K 75 45.72 39.62 6.40
CA VAL K 75 46.61 39.72 7.55
C VAL K 75 46.55 41.14 8.12
N SER K 76 46.77 41.27 9.45
CA SER K 76 46.79 42.54 10.15
C SER K 76 48.25 42.88 10.51
N VAL K 77 48.68 44.14 10.25
CA VAL K 77 50.06 44.57 10.53
C VAL K 77 50.05 45.77 11.50
N LEU K 78 50.96 45.73 12.49
CA LEU K 78 51.15 46.75 13.53
C LEU K 78 52.54 47.36 13.47
N PHE K 79 52.60 48.70 13.59
CA PHE K 79 53.83 49.49 13.67
C PHE K 79 53.80 50.31 14.96
N ALA K 80 54.81 50.12 15.82
CA ALA K 80 54.96 50.85 17.08
C ALA K 80 56.30 51.60 17.04
N ASP K 81 56.27 52.91 17.39
CA ASP K 81 57.45 53.78 17.36
C ASP K 81 57.49 54.62 18.63
N ILE K 82 58.69 54.76 19.23
CA ILE K 82 58.92 55.56 20.44
C ILE K 82 58.87 57.05 20.09
N VAL K 83 58.14 57.83 20.90
CA VAL K 83 58.00 59.27 20.74
C VAL K 83 59.26 59.95 21.30
N GLY K 84 59.84 60.86 20.50
CA GLY K 84 61.02 61.64 20.83
C GLY K 84 62.22 60.84 21.28
N PHE K 85 62.66 59.89 20.45
CA PHE K 85 63.81 59.04 20.76
C PHE K 85 65.15 59.76 20.60
N THR K 86 65.34 60.48 19.48
CA THR K 86 66.57 61.23 19.15
C THR K 86 66.95 62.25 20.22
N GLU K 87 65.95 62.87 20.86
CA GLU K 87 66.11 63.88 21.91
C GLU K 87 66.70 63.32 23.21
N ARG K 88 66.54 61.99 23.44
CA ARG K 88 67.06 61.29 24.61
C ARG K 88 68.59 61.19 24.62
N ALA K 89 69.23 61.44 23.45
CA ALA K 89 70.69 61.44 23.27
C ALA K 89 71.39 62.57 24.05
N SER K 90 70.61 63.58 24.48
CA SER K 90 71.10 64.73 25.27
C SER K 90 71.40 64.31 26.71
N THR K 91 70.65 63.31 27.23
CA THR K 91 70.77 62.79 28.60
C THR K 91 71.40 61.39 28.65
N THR K 92 71.26 60.61 27.57
CA THR K 92 71.75 59.23 27.49
C THR K 92 72.81 59.04 26.39
N THR K 93 73.85 58.23 26.68
CA THR K 93 74.94 57.91 25.74
C THR K 93 74.37 57.06 24.60
N PRO K 94 74.95 57.11 23.37
CA PRO K 94 74.41 56.29 22.27
C PRO K 94 74.34 54.78 22.56
N ALA K 95 75.34 54.23 23.27
CA ALA K 95 75.40 52.81 23.63
C ALA K 95 74.31 52.41 24.63
N ASP K 96 73.97 53.31 25.57
CA ASP K 96 72.93 53.07 26.58
C ASP K 96 71.53 53.19 25.97
N LEU K 97 71.40 53.91 24.84
CA LEU K 97 70.17 54.09 24.08
C LEU K 97 69.83 52.78 23.35
N VAL K 98 70.87 52.09 22.83
CA VAL K 98 70.80 50.80 22.14
C VAL K 98 70.47 49.70 23.18
N ARG K 99 71.03 49.83 24.40
CA ARG K 99 70.79 48.92 25.52
C ARG K 99 69.33 49.04 25.98
N PHE K 100 68.76 50.27 25.90
CA PHE K 100 67.36 50.57 26.25
C PHE K 100 66.44 49.92 25.23
N LEU K 101 66.78 50.04 23.93
CA LEU K 101 66.06 49.48 22.79
C LEU K 101 65.97 47.95 22.92
N ASN K 102 67.07 47.30 23.34
CA ASN K 102 67.13 45.85 23.54
C ASN K 102 66.25 45.41 24.72
N ARG K 103 66.23 46.21 25.80
CA ARG K 103 65.45 45.98 27.02
C ARG K 103 63.95 46.15 26.74
N LEU K 104 63.59 47.24 26.04
CA LEU K 104 62.21 47.58 25.67
C LEU K 104 61.62 46.55 24.71
N TYR K 105 62.36 46.20 23.65
CA TYR K 105 61.88 45.24 22.65
C TYR K 105 61.94 43.80 23.14
N GLY K 106 62.76 43.54 24.17
CA GLY K 106 62.85 42.24 24.81
C GLY K 106 61.55 41.90 25.53
N ALA K 107 60.94 42.94 26.16
CA ALA K 107 59.67 42.88 26.86
C ALA K 107 58.53 42.67 25.86
N PHE K 108 58.64 43.33 24.67
CA PHE K 108 57.66 43.23 23.59
C PHE K 108 57.71 41.88 22.88
N ASP K 109 58.91 41.28 22.75
CA ASP K 109 59.13 39.96 22.13
C ASP K 109 58.48 38.87 22.98
N GLU K 110 58.48 39.06 24.31
CA GLU K 110 57.86 38.16 25.28
C GLU K 110 56.33 38.19 25.08
N LEU K 111 55.80 39.38 24.74
CA LEU K 111 54.37 39.63 24.51
C LEU K 111 53.86 39.06 23.18
N VAL K 112 54.70 38.98 22.12
CA VAL K 112 54.29 38.42 20.82
C VAL K 112 54.11 36.90 20.94
N ASP K 113 54.91 36.23 21.81
CA ASP K 113 54.82 34.79 22.05
C ASP K 113 53.57 34.46 22.86
N LYS K 114 53.24 35.34 23.82
CA LYS K 114 52.06 35.26 24.70
C LYS K 114 50.78 35.30 23.85
N HIS K 115 50.73 36.20 22.85
CA HIS K 115 49.60 36.38 21.93
C HIS K 115 49.66 35.47 20.70
N GLY K 116 50.80 34.79 20.52
CA GLY K 116 51.05 33.88 19.40
C GLY K 116 51.05 34.56 18.05
N LEU K 117 51.72 35.72 17.97
CA LEU K 117 51.82 36.52 16.75
C LEU K 117 53.23 36.49 16.15
N GLU K 118 53.37 37.05 14.93
CA GLU K 118 54.62 37.06 14.19
C GLU K 118 55.37 38.40 14.26
N LYS K 119 56.52 38.42 14.93
CA LYS K 119 57.39 39.61 14.98
C LYS K 119 58.15 39.60 13.65
N ILE K 120 58.15 40.73 12.93
CA ILE K 120 58.84 40.80 11.65
C ILE K 120 60.23 41.41 11.81
N LYS K 121 60.31 42.73 12.08
CA LYS K 121 61.58 43.44 12.21
C LYS K 121 61.53 44.63 13.18
N VAL K 122 62.70 45.26 13.38
CA VAL K 122 62.91 46.44 14.20
C VAL K 122 63.71 47.44 13.35
N SER K 123 63.05 48.51 12.89
CA SER K 123 63.69 49.54 12.08
C SER K 123 64.17 50.66 13.00
N GLY K 124 65.17 50.32 13.81
CA GLY K 124 65.75 51.21 14.82
C GLY K 124 64.77 51.49 15.92
N ASP K 125 63.95 52.53 15.74
CA ASP K 125 62.93 53.00 16.67
C ASP K 125 61.56 52.36 16.45
N SER K 126 61.34 51.76 15.25
CA SER K 126 60.09 51.12 14.86
C SER K 126 60.08 49.62 15.19
N TYR K 127 58.89 49.05 15.41
CA TYR K 127 58.70 47.65 15.76
C TYR K 127 57.52 47.09 14.94
N MET K 128 57.76 46.01 14.16
CA MET K 128 56.73 45.41 13.30
C MET K 128 56.27 44.03 13.77
N VAL K 129 54.94 43.88 13.94
CA VAL K 129 54.24 42.65 14.32
C VAL K 129 53.12 42.43 13.32
N VAL K 130 52.98 41.20 12.83
CA VAL K 130 51.95 40.81 11.87
C VAL K 130 51.13 39.65 12.46
N SER K 131 49.82 39.70 12.22
CA SER K 131 48.84 38.70 12.64
C SER K 131 48.21 38.10 11.39
N GLY K 132 48.45 36.81 11.18
CA GLY K 132 47.94 36.09 10.01
C GLY K 132 48.98 35.38 9.17
N VAL K 133 50.28 35.53 9.53
CA VAL K 133 51.40 34.87 8.85
C VAL K 133 52.20 33.98 9.83
N PRO K 134 52.57 32.73 9.47
CA PRO K 134 52.32 32.03 8.18
C PRO K 134 50.92 31.39 8.06
N ARG K 135 50.28 31.06 9.19
CA ARG K 135 48.94 30.45 9.19
C ARG K 135 47.89 31.54 9.41
N ALA K 136 46.85 31.55 8.57
CA ALA K 136 45.76 32.52 8.69
C ALA K 136 44.83 32.14 9.84
N ARG K 137 44.31 33.16 10.54
CA ARG K 137 43.40 33.01 11.67
C ARG K 137 42.20 33.96 11.49
N PRO K 138 40.95 33.51 11.79
CA PRO K 138 39.78 34.41 11.59
C PRO K 138 39.77 35.63 12.51
N ASP K 139 40.46 35.54 13.66
CA ASP K 139 40.57 36.58 14.68
C ASP K 139 41.88 37.40 14.54
N HIS K 140 42.49 37.42 13.33
CA HIS K 140 43.76 38.13 13.07
C HIS K 140 43.74 39.60 13.52
N ALA K 141 42.63 40.31 13.25
CA ALA K 141 42.44 41.72 13.62
C ALA K 141 42.23 41.88 15.12
N PHE K 142 41.45 40.97 15.76
CA PHE K 142 41.18 40.99 17.21
C PHE K 142 42.43 40.66 18.03
N ALA K 143 43.22 39.66 17.58
CA ALA K 143 44.45 39.20 18.23
C ALA K 143 45.53 40.27 18.25
N LEU K 144 45.64 41.05 17.16
CA LEU K 144 46.62 42.14 17.06
C LEU K 144 46.13 43.36 17.86
N ALA K 145 44.80 43.54 17.95
CA ALA K 145 44.16 44.62 18.72
C ALA K 145 44.37 44.37 20.21
N ASP K 146 44.20 43.10 20.67
CA ASP K 146 44.43 42.68 22.06
C ASP K 146 45.89 42.85 22.43
N PHE K 147 46.78 42.60 21.46
CA PHE K 147 48.23 42.75 21.58
C PHE K 147 48.62 44.23 21.71
N ALA K 148 48.08 45.10 20.82
CA ALA K 148 48.32 46.54 20.78
C ALA K 148 47.97 47.20 22.11
N LEU K 149 46.83 46.81 22.71
CA LEU K 149 46.34 47.32 24.00
C LEU K 149 47.21 46.84 25.15
N ASP K 150 47.68 45.58 25.09
CA ASP K 150 48.55 44.98 26.10
C ASP K 150 49.93 45.65 26.04
N MET K 151 50.41 45.95 24.82
CA MET K 151 51.68 46.62 24.51
C MET K 151 51.67 48.04 25.07
N ALA K 152 50.52 48.75 24.96
CA ALA K 152 50.32 50.10 25.46
C ALA K 152 50.46 50.12 27.00
N ASN K 153 49.92 49.09 27.67
CA ASN K 153 49.97 48.91 29.14
C ASN K 153 51.38 48.54 29.62
N VAL K 154 52.10 47.71 28.83
CA VAL K 154 53.48 47.27 29.11
C VAL K 154 54.43 48.47 29.03
N ALA K 155 54.32 49.29 27.97
CA ALA K 155 55.12 50.48 27.74
C ALA K 155 54.90 51.57 28.81
N ALA K 156 53.64 51.74 29.27
CA ALA K 156 53.25 52.71 30.30
C ALA K 156 53.91 52.41 31.65
N ALA K 157 54.09 51.12 31.97
CA ALA K 157 54.72 50.64 33.21
C ALA K 157 56.24 50.82 33.15
N LEU K 158 56.82 50.79 31.92
CA LEU K 158 58.26 50.92 31.69
C LEU K 158 58.75 52.37 31.65
N LYS K 159 60.02 52.58 32.02
CA LYS K 159 60.70 53.88 32.04
C LYS K 159 62.00 53.83 31.26
N ASP K 160 62.38 54.99 30.67
CA ASP K 160 63.62 55.14 29.90
C ASP K 160 64.86 55.19 30.84
N PRO K 161 66.13 55.02 30.35
CA PRO K 161 67.28 55.03 31.26
C PRO K 161 67.46 56.29 32.12
N HIS K 162 66.90 57.43 31.69
CA HIS K 162 66.94 58.71 32.40
C HIS K 162 65.85 58.78 33.50
N GLY K 163 64.91 57.85 33.48
CA GLY K 163 63.81 57.74 34.45
C GLY K 163 62.49 58.33 34.01
N ASP K 164 62.40 58.80 32.75
CA ASP K 164 61.20 59.40 32.17
C ASP K 164 60.32 58.32 31.48
N PRO K 165 58.99 58.55 31.26
CA PRO K 165 58.16 57.52 30.61
C PRO K 165 58.52 57.23 29.14
N VAL K 166 57.97 56.12 28.60
CA VAL K 166 58.20 55.70 27.21
C VAL K 166 56.90 55.86 26.39
N PRO K 167 56.61 57.06 25.83
CA PRO K 167 55.39 57.21 25.03
C PRO K 167 55.55 56.59 23.65
N LEU K 168 54.50 55.87 23.19
CA LEU K 168 54.51 55.20 21.90
C LEU K 168 53.44 55.74 20.97
N ARG K 169 53.72 55.63 19.66
CA ARG K 169 52.82 55.95 18.56
C ARG K 169 52.56 54.59 17.91
N MET K 170 51.30 54.17 17.86
CA MET K 170 50.91 52.88 17.31
C MET K 170 49.89 53.01 16.21
N GLY K 171 50.07 52.21 15.17
CA GLY K 171 49.20 52.16 14.01
C GLY K 171 49.03 50.77 13.46
N MET K 172 47.79 50.38 13.16
CA MET K 172 47.51 49.06 12.58
C MET K 172 46.53 49.14 11.41
N ALA K 173 46.63 48.15 10.50
CA ALA K 173 45.86 48.03 9.26
C ALA K 173 45.79 46.57 8.84
N CYS K 174 44.87 46.26 7.90
CA CYS K 174 44.69 44.91 7.37
C CYS K 174 44.40 44.89 5.87
N GLY K 175 44.59 43.72 5.25
CA GLY K 175 44.35 43.52 3.83
C GLY K 175 45.33 42.54 3.19
N PRO K 176 45.34 42.44 1.84
CA PRO K 176 46.27 41.50 1.17
C PRO K 176 47.73 41.91 1.30
N VAL K 177 48.57 40.93 1.64
CA VAL K 177 50.01 41.12 1.86
C VAL K 177 50.84 40.02 1.17
N VAL K 178 52.10 40.36 0.81
CA VAL K 178 53.06 39.43 0.23
C VAL K 178 54.20 39.30 1.25
N ALA K 179 54.49 38.06 1.67
CA ALA K 179 55.52 37.78 2.67
C ALA K 179 56.62 36.92 2.09
N GLY K 180 57.87 37.29 2.38
CA GLY K 180 59.00 36.54 1.88
C GLY K 180 60.38 37.12 2.14
N VAL K 181 61.36 36.60 1.40
CA VAL K 181 62.78 36.90 1.52
C VAL K 181 63.30 37.54 0.22
N VAL K 182 64.09 38.62 0.34
CA VAL K 182 64.73 39.32 -0.78
C VAL K 182 66.27 39.38 -0.58
N GLY K 183 67.02 39.29 -1.67
CA GLY K 183 68.48 39.32 -1.65
C GLY K 183 69.12 37.95 -1.44
N SER K 184 70.44 37.83 -1.73
CA SER K 184 71.17 36.57 -1.60
C SER K 184 71.84 36.39 -0.24
N ARG K 185 72.26 37.50 0.43
CA ARG K 185 72.87 37.48 1.75
C ARG K 185 72.24 38.53 2.67
N ARG K 186 72.41 38.36 4.01
CA ARG K 186 71.87 39.23 5.06
C ARG K 186 70.36 39.45 4.89
N PHE K 187 69.67 38.37 4.53
CA PHE K 187 68.24 38.34 4.26
C PHE K 187 67.43 37.99 5.50
N PHE K 188 66.15 38.38 5.51
CA PHE K 188 65.22 38.06 6.58
C PHE K 188 63.81 37.96 6.00
N TYR K 189 62.89 37.38 6.78
CA TYR K 189 61.49 37.23 6.38
C TYR K 189 60.76 38.55 6.64
N ASP K 190 60.31 39.20 5.55
CA ASP K 190 59.63 40.50 5.59
C ASP K 190 58.23 40.42 4.95
N VAL K 191 57.39 41.44 5.20
CA VAL K 191 56.04 41.57 4.65
C VAL K 191 55.90 42.89 3.87
N TRP K 192 55.16 42.86 2.74
CA TRP K 192 54.94 44.00 1.87
C TRP K 192 53.47 44.06 1.46
N GLY K 193 52.97 45.24 1.12
CA GLY K 193 51.59 45.43 0.67
C GLY K 193 50.95 46.73 1.11
N ASP K 194 49.65 46.87 0.79
CA ASP K 194 48.86 48.05 1.15
C ASP K 194 48.69 48.16 2.68
N ALA K 195 48.42 47.03 3.35
CA ALA K 195 48.22 46.98 4.81
C ALA K 195 49.43 47.49 5.58
N VAL K 196 50.67 47.14 5.14
CA VAL K 196 51.89 47.61 5.82
C VAL K 196 52.14 49.10 5.49
N ASN K 197 51.68 49.56 4.31
CA ASN K 197 51.79 50.94 3.89
C ASN K 197 50.88 51.87 4.71
N VAL K 198 49.60 51.49 4.90
CA VAL K 198 48.68 52.35 5.67
C VAL K 198 48.93 52.19 7.19
N ALA K 199 49.45 51.03 7.67
CA ALA K 199 49.77 50.84 9.10
C ALA K 199 50.95 51.72 9.51
N SER K 200 51.91 51.95 8.59
CA SER K 200 53.08 52.81 8.80
C SER K 200 52.61 54.27 8.87
N ARG K 201 51.60 54.64 8.04
CA ARG K 201 51.01 55.98 8.02
C ARG K 201 50.15 56.19 9.27
N MET K 202 49.42 55.13 9.73
CA MET K 202 48.60 55.15 10.95
C MET K 202 49.48 55.35 12.18
N GLU K 203 50.75 54.90 12.13
CA GLU K 203 51.70 55.09 13.23
C GLU K 203 52.24 56.53 13.21
N SER K 204 52.82 56.97 12.08
CA SER K 204 53.45 58.29 11.92
C SER K 204 52.51 59.49 12.12
N THR K 205 51.24 59.34 11.72
CA THR K 205 50.24 60.43 11.83
C THR K 205 49.42 60.36 13.15
N ASP K 206 49.74 59.37 14.01
CA ASP K 206 49.07 59.12 15.29
C ASP K 206 49.48 60.12 16.39
N SER K 207 48.59 60.33 17.37
CA SER K 207 48.84 61.15 18.56
C SER K 207 49.42 60.20 19.61
N VAL K 208 50.38 60.69 20.43
CA VAL K 208 51.10 59.87 21.43
C VAL K 208 50.13 59.21 22.45
N GLY K 209 50.42 57.95 22.75
CA GLY K 209 49.65 57.12 23.69
C GLY K 209 48.32 56.60 23.16
N ARG K 210 48.14 56.61 21.83
CA ARG K 210 46.91 56.16 21.17
C ARG K 210 47.21 55.06 20.14
N ILE K 211 46.16 54.32 19.71
CA ILE K 211 46.27 53.26 18.70
C ILE K 211 45.36 53.65 17.52
N GLN K 212 45.97 54.17 16.44
CA GLN K 212 45.27 54.61 15.22
C GLN K 212 45.01 53.45 14.26
N VAL K 213 43.75 53.33 13.81
CA VAL K 213 43.30 52.30 12.86
C VAL K 213 42.43 52.93 11.73
N PRO K 214 42.51 52.47 10.45
CA PRO K 214 41.66 53.07 9.42
C PRO K 214 40.19 52.63 9.51
N GLU K 215 39.31 53.23 8.69
CA GLU K 215 37.87 52.93 8.63
C GLU K 215 37.60 51.45 8.33
N ALA K 216 38.46 50.81 7.51
CA ALA K 216 38.34 49.38 7.13
C ALA K 216 38.61 48.46 8.31
N MET K 217 39.53 48.86 9.21
CA MET K 217 39.90 48.13 10.43
C MET K 217 38.83 48.30 11.50
N TYR K 218 38.26 49.53 11.61
CA TYR K 218 37.20 49.90 12.55
C TYR K 218 35.97 49.00 12.36
N GLU K 219 35.55 48.79 11.10
CA GLU K 219 34.40 47.94 10.74
C GLU K 219 34.54 46.50 11.23
N ARG K 220 35.79 45.99 11.28
CA ARG K 220 36.15 44.64 11.72
C ARG K 220 36.31 44.51 13.24
N LEU K 221 36.51 45.65 13.93
CA LEU K 221 36.74 45.70 15.38
C LEU K 221 35.59 46.27 16.22
N LYS K 222 34.71 47.08 15.61
CA LYS K 222 33.57 47.78 16.26
C LYS K 222 32.62 46.87 17.06
N ASN K 223 32.54 45.57 16.72
CA ASN K 223 31.64 44.62 17.39
C ASN K 223 32.20 44.07 18.72
N GLU K 224 33.53 44.06 18.88
CA GLU K 224 34.19 43.55 20.09
C GLU K 224 35.07 44.57 20.82
N PHE K 225 35.31 45.74 20.20
CA PHE K 225 36.16 46.79 20.77
C PHE K 225 35.52 48.17 20.77
N VAL K 226 35.93 49.01 21.73
CA VAL K 226 35.47 50.39 21.85
C VAL K 226 36.42 51.29 21.05
N LEU K 227 35.85 52.09 20.12
CA LEU K 227 36.60 52.97 19.22
C LEU K 227 36.08 54.40 19.21
N GLN K 228 36.99 55.38 19.13
CA GLN K 228 36.69 56.82 19.11
C GLN K 228 37.14 57.42 17.77
N GLU K 229 36.22 58.05 17.03
CA GLU K 229 36.51 58.66 15.74
C GLU K 229 37.45 59.87 15.84
N ARG K 230 38.54 59.86 15.07
CA ARG K 230 39.49 60.96 15.01
C ARG K 230 39.06 61.93 13.90
N GLY K 231 38.69 61.36 12.75
CA GLY K 231 38.25 62.10 11.57
C GLY K 231 39.09 61.86 10.34
N ARG K 232 38.84 62.63 9.28
CA ARG K 232 39.56 62.55 8.01
C ARG K 232 40.94 63.18 8.11
N ILE K 233 41.99 62.37 7.83
CA ILE K 233 43.39 62.80 7.87
C ILE K 233 44.10 62.51 6.54
N GLU K 234 45.03 63.40 6.17
CA GLU K 234 45.83 63.30 4.94
C GLU K 234 46.98 62.32 5.13
N VAL K 235 47.07 61.33 4.24
CA VAL K 235 48.11 60.29 4.22
C VAL K 235 48.73 60.18 2.82
N LYS K 236 50.07 60.07 2.75
CA LYS K 236 50.82 59.97 1.51
C LYS K 236 50.53 58.67 0.74
N GLY K 237 50.20 58.81 -0.54
CA GLY K 237 49.91 57.70 -1.44
C GLY K 237 48.52 57.10 -1.37
N LYS K 238 47.65 57.61 -0.46
CA LYS K 238 46.28 57.13 -0.28
C LYS K 238 45.24 58.27 -0.33
N GLY K 239 45.71 59.51 -0.15
CA GLY K 239 44.87 60.70 -0.15
C GLY K 239 44.40 61.04 1.25
N VAL K 240 43.07 61.06 1.44
CA VAL K 240 42.44 61.35 2.74
C VAL K 240 41.61 60.13 3.18
N MET K 241 41.74 59.70 4.45
CA MET K 241 40.95 58.56 4.97
C MET K 241 40.45 58.77 6.40
N ARG K 242 39.27 58.18 6.71
CA ARG K 242 38.63 58.23 8.02
C ARG K 242 39.36 57.33 9.00
N THR K 243 39.69 57.88 10.18
CA THR K 243 40.45 57.20 11.22
C THR K 243 39.69 57.06 12.54
N TRP K 244 40.02 56.00 13.29
CA TRP K 244 39.47 55.67 14.61
C TRP K 244 40.60 55.30 15.59
N TYR K 245 40.35 55.52 16.90
CA TYR K 245 41.29 55.22 17.98
C TYR K 245 40.82 54.01 18.77
N LEU K 246 41.69 53.01 18.96
CA LEU K 246 41.36 51.81 19.75
C LEU K 246 41.52 52.16 21.24
N ILE K 247 40.39 52.14 21.99
CA ILE K 247 40.36 52.49 23.41
C ILE K 247 40.53 51.24 24.30
N GLY K 248 39.83 50.16 23.94
CA GLY K 248 39.88 48.90 24.67
C GLY K 248 38.83 47.89 24.24
N ARG K 249 38.75 46.77 24.98
CA ARG K 249 37.78 45.69 24.73
C ARG K 249 36.38 46.02 25.22
N LYS K 250 35.40 45.24 24.71
CA LYS K 250 33.98 45.26 25.11
C LYS K 250 33.89 44.21 26.23
N ALA K 251 33.10 44.49 27.28
CA ALA K 251 32.99 43.59 28.43
C ALA K 251 31.61 42.92 28.60
N ASP K 252 30.85 42.75 27.50
CA ASP K 252 29.54 42.10 27.54
C ASP K 252 29.71 40.56 27.53
N GLU K 253 29.76 39.97 28.75
CA GLU K 253 29.91 38.52 29.02
C GLU K 253 31.13 37.90 28.33
#